data_6HOA
# 
_entry.id   6HOA 
# 
_audit_conform.dict_name       mmcif_pdbx.dic 
_audit_conform.dict_version    5.383 
_audit_conform.dict_location   http://mmcif.pdb.org/dictionaries/ascii/mmcif_pdbx.dic 
# 
loop_
_database_2.database_id 
_database_2.database_code 
_database_2.pdbx_database_accession 
_database_2.pdbx_DOI 
PDB   6HOA         pdb_00006hoa 10.2210/pdb6hoa/pdb 
WWPDB D_1200011941 ?            ?                   
# 
loop_
_pdbx_audit_revision_history.ordinal 
_pdbx_audit_revision_history.data_content_type 
_pdbx_audit_revision_history.major_revision 
_pdbx_audit_revision_history.minor_revision 
_pdbx_audit_revision_history.revision_date 
1 'Structure model' 1 0 2018-12-26 
2 'Structure model' 1 1 2019-01-23 
3 'Structure model' 1 2 2024-01-24 
# 
_pdbx_audit_revision_details.ordinal             1 
_pdbx_audit_revision_details.revision_ordinal    1 
_pdbx_audit_revision_details.data_content_type   'Structure model' 
_pdbx_audit_revision_details.provider            repository 
_pdbx_audit_revision_details.type                'Initial release' 
_pdbx_audit_revision_details.description         ? 
_pdbx_audit_revision_details.details             ? 
# 
loop_
_pdbx_audit_revision_group.ordinal 
_pdbx_audit_revision_group.revision_ordinal 
_pdbx_audit_revision_group.data_content_type 
_pdbx_audit_revision_group.group 
1 2 'Structure model' 'Data collection'        
2 2 'Structure model' 'Database references'    
3 3 'Structure model' 'Data collection'        
4 3 'Structure model' 'Database references'    
5 3 'Structure model' 'Refinement description' 
# 
loop_
_pdbx_audit_revision_category.ordinal 
_pdbx_audit_revision_category.revision_ordinal 
_pdbx_audit_revision_category.data_content_type 
_pdbx_audit_revision_category.category 
1 2 'Structure model' citation                      
2 3 'Structure model' chem_comp_atom                
3 3 'Structure model' chem_comp_bond                
4 3 'Structure model' database_2                    
5 3 'Structure model' pdbx_initial_refinement_model 
# 
loop_
_pdbx_audit_revision_item.ordinal 
_pdbx_audit_revision_item.revision_ordinal 
_pdbx_audit_revision_item.data_content_type 
_pdbx_audit_revision_item.item 
1 2 'Structure model' '_citation.journal_volume'            
2 2 'Structure model' '_citation.page_first'                
3 2 'Structure model' '_citation.page_last'                 
4 3 'Structure model' '_database_2.pdbx_DOI'                
5 3 'Structure model' '_database_2.pdbx_database_accession' 
# 
_pdbx_database_status.status_code                     REL 
_pdbx_database_status.status_code_sf                  REL 
_pdbx_database_status.status_code_mr                  ? 
_pdbx_database_status.entry_id                        6HOA 
_pdbx_database_status.recvd_initial_deposition_date   2018-09-17 
_pdbx_database_status.SG_entry                        N 
_pdbx_database_status.deposit_site                    PDBE 
_pdbx_database_status.process_site                    PDBE 
_pdbx_database_status.status_code_cs                  ? 
_pdbx_database_status.methods_development_category    ? 
_pdbx_database_status.pdb_format_compatible           Y 
_pdbx_database_status.status_code_nmr_data            ? 
# 
loop_
_audit_author.name 
_audit_author.pdbx_ordinal 
_audit_author.identifier_ORCID 
'Wintjens, R.'  1 0000-0002-0234-7847 
'Wohlkonig, A.' 2 0000-0003-3103-5022 
# 
_citation.abstract                  ? 
_citation.abstract_id_CAS           ? 
_citation.book_id_ISBN              ? 
_citation.book_publisher            ? 
_citation.book_publisher_city       ? 
_citation.book_title                ? 
_citation.coordinate_linkage        ? 
_citation.country                   ? 
_citation.database_id_Medline       ? 
_citation.details                   ? 
_citation.id                        primary 
_citation.journal_abbrev            'Biochim Biophys Acta Proteins Proteom' 
_citation.journal_id_ASTM           ? 
_citation.journal_id_CSD            ? 
_citation.journal_id_ISSN           1878-1454 
_citation.journal_full              ? 
_citation.journal_issue             ? 
_citation.journal_volume            1867 
_citation.language                  ? 
_citation.page_first                248 
_citation.page_last                 258 
_citation.title                     
'A comprehensive analysis of the protein-ligand interactions in crystal structures of Mycobacterium tuberculosis EthR.' 
_citation.year                      2018 
_citation.database_id_CSD           ? 
_citation.pdbx_database_id_DOI      10.1016/j.bbapap.2018.12.003 
_citation.pdbx_database_id_PubMed   30553830 
_citation.unpublished_flag          ? 
# 
loop_
_citation_author.citation_id 
_citation_author.name 
_citation_author.ordinal 
_citation_author.identifier_ORCID 
primary 'Tanina, A.'     1  ? 
primary 'Wohlkonig, A.'  2  ? 
primary 'Soror, S.H.'    3  ? 
primary 'Flipo, M.'      4  ? 
primary 'Villemagne, B.' 5  ? 
primary 'Prevet, H.'     6  ? 
primary 'Deprez, B.'     7  ? 
primary 'Moune, M.'      8  ? 
primary 'Peree, H.'      9  ? 
primary 'Meyer, F.'      10 ? 
primary 'Baulard, A.R.'  11 ? 
primary 'Willand, N.'    12 ? 
primary 'Wintjens, R.'   13 ? 
# 
loop_
_entity.id 
_entity.type 
_entity.src_method 
_entity.pdbx_description 
_entity.formula_weight 
_entity.pdbx_number_of_molecules 
_entity.pdbx_ec 
_entity.pdbx_mutation 
_entity.pdbx_fragment 
_entity.details 
1 polymer     man 'HTH-type transcriptional regulator EthR'                                                   24927.980 1  ? ? ? ? 
2 non-polymer syn '4-[2-(2-propylpyridin-4-yl)-1,3-thiazol-4-yl]-~{N}-[3,3,3-tris(fluoranyl)propyl]benzamide' 419.463   1  ? ? ? ? 
3 non-polymer syn GLYCEROL                                                                                    92.094    1  ? ? ? ? 
4 water       nat water                                                                                       18.015    61 ? ? ? ? 
# 
_entity_poly.entity_id                      1 
_entity_poly.type                           'polypeptide(L)' 
_entity_poly.nstd_linkage                   no 
_entity_poly.nstd_monomer                   no 
_entity_poly.pdbx_seq_one_letter_code       
;MTTSAASQASLPMTTSAASQASLPRGRRTARPSGDDRELAILATAENLLEDRPLADISVDDLAKGAGISRPTFYFYFPSK
EAVLLTLLDRVVNQADMALQTLAENPADTDRENMWRTGINVFFETFGSHKAVTRAGQAARATSVEVAELWSTFMQKWIAY
TAAVIDAERDRGAAPRTLPAHELATALNLMNERTLFASFAGEQPSVPEARVLDTLVHIWVTSIYGENR
;
_entity_poly.pdbx_seq_one_letter_code_can   
;MTTSAASQASLPMTTSAASQASLPRGRRTARPSGDDRELAILATAENLLEDRPLADISVDDLAKGAGISRPTFYFYFPSK
EAVLLTLLDRVVNQADMALQTLAENPADTDRENMWRTGINVFFETFGSHKAVTRAGQAARATSVEVAELWSTFMQKWIAY
TAAVIDAERDRGAAPRTLPAHELATALNLMNERTLFASFAGEQPSVPEARVLDTLVHIWVTSIYGENR
;
_entity_poly.pdbx_strand_id                 A 
_entity_poly.pdbx_target_identifier         ? 
# 
loop_
_pdbx_entity_nonpoly.entity_id 
_pdbx_entity_nonpoly.name 
_pdbx_entity_nonpoly.comp_id 
2 '4-[2-(2-propylpyridin-4-yl)-1,3-thiazol-4-yl]-~{N}-[3,3,3-tris(fluoranyl)propyl]benzamide' GGN 
3 GLYCEROL                                                                                    GOL 
4 water                                                                                       HOH 
# 
loop_
_entity_poly_seq.entity_id 
_entity_poly_seq.num 
_entity_poly_seq.mon_id 
_entity_poly_seq.hetero 
1 1   MET n 
1 2   THR n 
1 3   THR n 
1 4   SER n 
1 5   ALA n 
1 6   ALA n 
1 7   SER n 
1 8   GLN n 
1 9   ALA n 
1 10  SER n 
1 11  LEU n 
1 12  PRO n 
1 13  MET n 
1 14  THR n 
1 15  THR n 
1 16  SER n 
1 17  ALA n 
1 18  ALA n 
1 19  SER n 
1 20  GLN n 
1 21  ALA n 
1 22  SER n 
1 23  LEU n 
1 24  PRO n 
1 25  ARG n 
1 26  GLY n 
1 27  ARG n 
1 28  ARG n 
1 29  THR n 
1 30  ALA n 
1 31  ARG n 
1 32  PRO n 
1 33  SER n 
1 34  GLY n 
1 35  ASP n 
1 36  ASP n 
1 37  ARG n 
1 38  GLU n 
1 39  LEU n 
1 40  ALA n 
1 41  ILE n 
1 42  LEU n 
1 43  ALA n 
1 44  THR n 
1 45  ALA n 
1 46  GLU n 
1 47  ASN n 
1 48  LEU n 
1 49  LEU n 
1 50  GLU n 
1 51  ASP n 
1 52  ARG n 
1 53  PRO n 
1 54  LEU n 
1 55  ALA n 
1 56  ASP n 
1 57  ILE n 
1 58  SER n 
1 59  VAL n 
1 60  ASP n 
1 61  ASP n 
1 62  LEU n 
1 63  ALA n 
1 64  LYS n 
1 65  GLY n 
1 66  ALA n 
1 67  GLY n 
1 68  ILE n 
1 69  SER n 
1 70  ARG n 
1 71  PRO n 
1 72  THR n 
1 73  PHE n 
1 74  TYR n 
1 75  PHE n 
1 76  TYR n 
1 77  PHE n 
1 78  PRO n 
1 79  SER n 
1 80  LYS n 
1 81  GLU n 
1 82  ALA n 
1 83  VAL n 
1 84  LEU n 
1 85  LEU n 
1 86  THR n 
1 87  LEU n 
1 88  LEU n 
1 89  ASP n 
1 90  ARG n 
1 91  VAL n 
1 92  VAL n 
1 93  ASN n 
1 94  GLN n 
1 95  ALA n 
1 96  ASP n 
1 97  MET n 
1 98  ALA n 
1 99  LEU n 
1 100 GLN n 
1 101 THR n 
1 102 LEU n 
1 103 ALA n 
1 104 GLU n 
1 105 ASN n 
1 106 PRO n 
1 107 ALA n 
1 108 ASP n 
1 109 THR n 
1 110 ASP n 
1 111 ARG n 
1 112 GLU n 
1 113 ASN n 
1 114 MET n 
1 115 TRP n 
1 116 ARG n 
1 117 THR n 
1 118 GLY n 
1 119 ILE n 
1 120 ASN n 
1 121 VAL n 
1 122 PHE n 
1 123 PHE n 
1 124 GLU n 
1 125 THR n 
1 126 PHE n 
1 127 GLY n 
1 128 SER n 
1 129 HIS n 
1 130 LYS n 
1 131 ALA n 
1 132 VAL n 
1 133 THR n 
1 134 ARG n 
1 135 ALA n 
1 136 GLY n 
1 137 GLN n 
1 138 ALA n 
1 139 ALA n 
1 140 ARG n 
1 141 ALA n 
1 142 THR n 
1 143 SER n 
1 144 VAL n 
1 145 GLU n 
1 146 VAL n 
1 147 ALA n 
1 148 GLU n 
1 149 LEU n 
1 150 TRP n 
1 151 SER n 
1 152 THR n 
1 153 PHE n 
1 154 MET n 
1 155 GLN n 
1 156 LYS n 
1 157 TRP n 
1 158 ILE n 
1 159 ALA n 
1 160 TYR n 
1 161 THR n 
1 162 ALA n 
1 163 ALA n 
1 164 VAL n 
1 165 ILE n 
1 166 ASP n 
1 167 ALA n 
1 168 GLU n 
1 169 ARG n 
1 170 ASP n 
1 171 ARG n 
1 172 GLY n 
1 173 ALA n 
1 174 ALA n 
1 175 PRO n 
1 176 ARG n 
1 177 THR n 
1 178 LEU n 
1 179 PRO n 
1 180 ALA n 
1 181 HIS n 
1 182 GLU n 
1 183 LEU n 
1 184 ALA n 
1 185 THR n 
1 186 ALA n 
1 187 LEU n 
1 188 ASN n 
1 189 LEU n 
1 190 MET n 
1 191 ASN n 
1 192 GLU n 
1 193 ARG n 
1 194 THR n 
1 195 LEU n 
1 196 PHE n 
1 197 ALA n 
1 198 SER n 
1 199 PHE n 
1 200 ALA n 
1 201 GLY n 
1 202 GLU n 
1 203 GLN n 
1 204 PRO n 
1 205 SER n 
1 206 VAL n 
1 207 PRO n 
1 208 GLU n 
1 209 ALA n 
1 210 ARG n 
1 211 VAL n 
1 212 LEU n 
1 213 ASP n 
1 214 THR n 
1 215 LEU n 
1 216 VAL n 
1 217 HIS n 
1 218 ILE n 
1 219 TRP n 
1 220 VAL n 
1 221 THR n 
1 222 SER n 
1 223 ILE n 
1 224 TYR n 
1 225 GLY n 
1 226 GLU n 
1 227 ASN n 
1 228 ARG n 
# 
_entity_src_gen.entity_id                          1 
_entity_src_gen.pdbx_src_id                        1 
_entity_src_gen.pdbx_alt_source_flag               sample 
_entity_src_gen.pdbx_seq_type                      'Biological sequence' 
_entity_src_gen.pdbx_beg_seq_num                   1 
_entity_src_gen.pdbx_end_seq_num                   228 
_entity_src_gen.gene_src_common_name               ? 
_entity_src_gen.gene_src_genus                     ? 
_entity_src_gen.pdbx_gene_src_gene                 'ethR, etaR, MT3970' 
_entity_src_gen.gene_src_species                   ? 
_entity_src_gen.gene_src_strain                    ? 
_entity_src_gen.gene_src_tissue                    ? 
_entity_src_gen.gene_src_tissue_fraction           ? 
_entity_src_gen.gene_src_details                   ? 
_entity_src_gen.pdbx_gene_src_fragment             ? 
_entity_src_gen.pdbx_gene_src_scientific_name      'Mycobacterium tuberculosis CDC1551' 
_entity_src_gen.pdbx_gene_src_ncbi_taxonomy_id     83331 
_entity_src_gen.pdbx_gene_src_variant              'CDC 1551 / Oshkosh' 
_entity_src_gen.pdbx_gene_src_cell_line            ? 
_entity_src_gen.pdbx_gene_src_atcc                 ? 
_entity_src_gen.pdbx_gene_src_organ                ? 
_entity_src_gen.pdbx_gene_src_organelle            ? 
_entity_src_gen.pdbx_gene_src_cell                 ? 
_entity_src_gen.pdbx_gene_src_cellular_location    ? 
_entity_src_gen.host_org_common_name               ? 
_entity_src_gen.pdbx_host_org_scientific_name      'Escherichia coli BL21' 
_entity_src_gen.pdbx_host_org_ncbi_taxonomy_id     511693 
_entity_src_gen.host_org_genus                     ? 
_entity_src_gen.pdbx_host_org_gene                 ? 
_entity_src_gen.pdbx_host_org_organ                ? 
_entity_src_gen.host_org_species                   ? 
_entity_src_gen.pdbx_host_org_tissue               ? 
_entity_src_gen.pdbx_host_org_tissue_fraction      ? 
_entity_src_gen.pdbx_host_org_strain               ? 
_entity_src_gen.pdbx_host_org_variant              ? 
_entity_src_gen.pdbx_host_org_cell_line            ? 
_entity_src_gen.pdbx_host_org_atcc                 ? 
_entity_src_gen.pdbx_host_org_culture_collection   ? 
_entity_src_gen.pdbx_host_org_cell                 ? 
_entity_src_gen.pdbx_host_org_organelle            ? 
_entity_src_gen.pdbx_host_org_cellular_location    ? 
_entity_src_gen.pdbx_host_org_vector_type          ? 
_entity_src_gen.pdbx_host_org_vector               ? 
_entity_src_gen.host_org_details                   ? 
_entity_src_gen.expression_system_id               ? 
_entity_src_gen.plasmid_name                       ? 
_entity_src_gen.plasmid_details                    ? 
_entity_src_gen.pdbx_description                   ? 
# 
loop_
_chem_comp.id 
_chem_comp.type 
_chem_comp.mon_nstd_flag 
_chem_comp.name 
_chem_comp.pdbx_synonyms 
_chem_comp.formula 
_chem_comp.formula_weight 
ALA 'L-peptide linking' y ALANINE                                                                                     ? 
'C3 H7 N O2'        89.093  
ARG 'L-peptide linking' y ARGININE                                                                                    ? 
'C6 H15 N4 O2 1'    175.209 
ASN 'L-peptide linking' y ASPARAGINE                                                                                  ? 
'C4 H8 N2 O3'       132.118 
ASP 'L-peptide linking' y 'ASPARTIC ACID'                                                                             ? 
'C4 H7 N O4'        133.103 
GGN non-polymer         . '4-[2-(2-propylpyridin-4-yl)-1,3-thiazol-4-yl]-~{N}-[3,3,3-tris(fluoranyl)propyl]benzamide' ? 
'C21 H20 F3 N3 O S' 419.463 
GLN 'L-peptide linking' y GLUTAMINE                                                                                   ? 
'C5 H10 N2 O3'      146.144 
GLU 'L-peptide linking' y 'GLUTAMIC ACID'                                                                             ? 
'C5 H9 N O4'        147.129 
GLY 'peptide linking'   y GLYCINE                                                                                     ? 
'C2 H5 N O2'        75.067  
GOL non-polymer         . GLYCEROL                                                                                    
'GLYCERIN; PROPANE-1,2,3-TRIOL' 'C3 H8 O3'          92.094  
HIS 'L-peptide linking' y HISTIDINE                                                                                   ? 
'C6 H10 N3 O2 1'    156.162 
HOH non-polymer         . WATER                                                                                       ? 'H2 O' 
18.015  
ILE 'L-peptide linking' y ISOLEUCINE                                                                                  ? 
'C6 H13 N O2'       131.173 
LEU 'L-peptide linking' y LEUCINE                                                                                     ? 
'C6 H13 N O2'       131.173 
LYS 'L-peptide linking' y LYSINE                                                                                      ? 
'C6 H15 N2 O2 1'    147.195 
MET 'L-peptide linking' y METHIONINE                                                                                  ? 
'C5 H11 N O2 S'     149.211 
PHE 'L-peptide linking' y PHENYLALANINE                                                                               ? 
'C9 H11 N O2'       165.189 
PRO 'L-peptide linking' y PROLINE                                                                                     ? 
'C5 H9 N O2'        115.130 
SER 'L-peptide linking' y SERINE                                                                                      ? 
'C3 H7 N O3'        105.093 
THR 'L-peptide linking' y THREONINE                                                                                   ? 
'C4 H9 N O3'        119.119 
TRP 'L-peptide linking' y TRYPTOPHAN                                                                                  ? 
'C11 H12 N2 O2'     204.225 
TYR 'L-peptide linking' y TYROSINE                                                                                    ? 
'C9 H11 N O3'       181.189 
VAL 'L-peptide linking' y VALINE                                                                                      ? 
'C5 H11 N O2'       117.146 
# 
loop_
_pdbx_poly_seq_scheme.asym_id 
_pdbx_poly_seq_scheme.entity_id 
_pdbx_poly_seq_scheme.seq_id 
_pdbx_poly_seq_scheme.mon_id 
_pdbx_poly_seq_scheme.ndb_seq_num 
_pdbx_poly_seq_scheme.pdb_seq_num 
_pdbx_poly_seq_scheme.auth_seq_num 
_pdbx_poly_seq_scheme.pdb_mon_id 
_pdbx_poly_seq_scheme.auth_mon_id 
_pdbx_poly_seq_scheme.pdb_strand_id 
_pdbx_poly_seq_scheme.pdb_ins_code 
_pdbx_poly_seq_scheme.hetero 
A 1 1   MET 1   -11 ?   ?   ?   A . n 
A 1 2   THR 2   -10 ?   ?   ?   A . n 
A 1 3   THR 3   -9  ?   ?   ?   A . n 
A 1 4   SER 4   -8  ?   ?   ?   A . n 
A 1 5   ALA 5   -7  ?   ?   ?   A . n 
A 1 6   ALA 6   -6  ?   ?   ?   A . n 
A 1 7   SER 7   -5  ?   ?   ?   A . n 
A 1 8   GLN 8   -4  ?   ?   ?   A . n 
A 1 9   ALA 9   -3  ?   ?   ?   A . n 
A 1 10  SER 10  -2  ?   ?   ?   A . n 
A 1 11  LEU 11  -1  ?   ?   ?   A . n 
A 1 12  PRO 12  0   ?   ?   ?   A . n 
A 1 13  MET 13  1   ?   ?   ?   A . n 
A 1 14  THR 14  2   ?   ?   ?   A . n 
A 1 15  THR 15  3   ?   ?   ?   A . n 
A 1 16  SER 16  4   ?   ?   ?   A . n 
A 1 17  ALA 17  5   ?   ?   ?   A . n 
A 1 18  ALA 18  6   ?   ?   ?   A . n 
A 1 19  SER 19  7   ?   ?   ?   A . n 
A 1 20  GLN 20  8   ?   ?   ?   A . n 
A 1 21  ALA 21  9   ?   ?   ?   A . n 
A 1 22  SER 22  10  ?   ?   ?   A . n 
A 1 23  LEU 23  11  ?   ?   ?   A . n 
A 1 24  PRO 24  12  ?   ?   ?   A . n 
A 1 25  ARG 25  13  ?   ?   ?   A . n 
A 1 26  GLY 26  14  ?   ?   ?   A . n 
A 1 27  ARG 27  15  ?   ?   ?   A . n 
A 1 28  ARG 28  16  ?   ?   ?   A . n 
A 1 29  THR 29  17  ?   ?   ?   A . n 
A 1 30  ALA 30  18  ?   ?   ?   A . n 
A 1 31  ARG 31  19  ?   ?   ?   A . n 
A 1 32  PRO 32  20  ?   ?   ?   A . n 
A 1 33  SER 33  21  ?   ?   ?   A . n 
A 1 34  GLY 34  22  ?   ?   ?   A . n 
A 1 35  ASP 35  23  ?   ?   ?   A . n 
A 1 36  ASP 36  24  24  ASP ASP A . n 
A 1 37  ARG 37  25  25  ARG ARG A . n 
A 1 38  GLU 38  26  26  GLU GLU A . n 
A 1 39  LEU 39  27  27  LEU LEU A . n 
A 1 40  ALA 40  28  28  ALA ALA A . n 
A 1 41  ILE 41  29  29  ILE ILE A . n 
A 1 42  LEU 42  30  30  LEU LEU A . n 
A 1 43  ALA 43  31  31  ALA ALA A . n 
A 1 44  THR 44  32  32  THR THR A . n 
A 1 45  ALA 45  33  33  ALA ALA A . n 
A 1 46  GLU 46  34  34  GLU GLU A . n 
A 1 47  ASN 47  35  35  ASN ASN A . n 
A 1 48  LEU 48  36  36  LEU LEU A . n 
A 1 49  LEU 49  37  37  LEU LEU A . n 
A 1 50  GLU 50  38  38  GLU GLU A . n 
A 1 51  ASP 51  39  39  ASP ASP A . n 
A 1 52  ARG 52  40  40  ARG ARG A . n 
A 1 53  PRO 53  41  41  PRO PRO A . n 
A 1 54  LEU 54  42  42  LEU LEU A . n 
A 1 55  ALA 55  43  43  ALA ALA A . n 
A 1 56  ASP 56  44  44  ASP ASP A . n 
A 1 57  ILE 57  45  45  ILE ILE A . n 
A 1 58  SER 58  46  46  SER SER A . n 
A 1 59  VAL 59  47  47  VAL VAL A . n 
A 1 60  ASP 60  48  48  ASP ASP A . n 
A 1 61  ASP 61  49  49  ASP ASP A . n 
A 1 62  LEU 62  50  50  LEU LEU A . n 
A 1 63  ALA 63  51  51  ALA ALA A . n 
A 1 64  LYS 64  52  52  LYS LYS A . n 
A 1 65  GLY 65  53  53  GLY GLY A . n 
A 1 66  ALA 66  54  54  ALA ALA A . n 
A 1 67  GLY 67  55  55  GLY GLY A . n 
A 1 68  ILE 68  56  56  ILE ILE A . n 
A 1 69  SER 69  57  57  SER SER A . n 
A 1 70  ARG 70  58  58  ARG ARG A . n 
A 1 71  PRO 71  59  59  PRO PRO A . n 
A 1 72  THR 72  60  60  THR THR A . n 
A 1 73  PHE 73  61  61  PHE PHE A . n 
A 1 74  TYR 74  62  62  TYR TYR A . n 
A 1 75  PHE 75  63  63  PHE PHE A . n 
A 1 76  TYR 76  64  64  TYR TYR A . n 
A 1 77  PHE 77  65  65  PHE PHE A . n 
A 1 78  PRO 78  66  66  PRO PRO A . n 
A 1 79  SER 79  67  67  SER SER A . n 
A 1 80  LYS 80  68  68  LYS LYS A . n 
A 1 81  GLU 81  69  69  GLU GLU A . n 
A 1 82  ALA 82  70  70  ALA ALA A . n 
A 1 83  VAL 83  71  71  VAL VAL A . n 
A 1 84  LEU 84  72  72  LEU LEU A . n 
A 1 85  LEU 85  73  73  LEU LEU A . n 
A 1 86  THR 86  74  74  THR THR A . n 
A 1 87  LEU 87  75  75  LEU LEU A . n 
A 1 88  LEU 88  76  76  LEU LEU A . n 
A 1 89  ASP 89  77  77  ASP ASP A . n 
A 1 90  ARG 90  78  78  ARG ARG A . n 
A 1 91  VAL 91  79  79  VAL VAL A . n 
A 1 92  VAL 92  80  80  VAL VAL A . n 
A 1 93  ASN 93  81  81  ASN ASN A . n 
A 1 94  GLN 94  82  82  GLN GLN A . n 
A 1 95  ALA 95  83  83  ALA ALA A . n 
A 1 96  ASP 96  84  84  ASP ASP A . n 
A 1 97  MET 97  85  85  MET MET A . n 
A 1 98  ALA 98  86  86  ALA ALA A . n 
A 1 99  LEU 99  87  87  LEU LEU A . n 
A 1 100 GLN 100 88  88  GLN GLN A . n 
A 1 101 THR 101 89  89  THR THR A . n 
A 1 102 LEU 102 90  90  LEU LEU A . n 
A 1 103 ALA 103 91  91  ALA ALA A . n 
A 1 104 GLU 104 92  92  GLU GLU A . n 
A 1 105 ASN 105 93  93  ASN ASN A . n 
A 1 106 PRO 106 94  94  PRO PRO A . n 
A 1 107 ALA 107 95  95  ALA ALA A . n 
A 1 108 ASP 108 96  96  ASP ASP A . n 
A 1 109 THR 109 97  97  THR THR A . n 
A 1 110 ASP 110 98  98  ASP ASP A . n 
A 1 111 ARG 111 99  99  ARG ARG A . n 
A 1 112 GLU 112 100 100 GLU GLU A . n 
A 1 113 ASN 113 101 101 ASN ASN A . n 
A 1 114 MET 114 102 102 MET MET A . n 
A 1 115 TRP 115 103 103 TRP TRP A . n 
A 1 116 ARG 116 104 104 ARG ARG A . n 
A 1 117 THR 117 105 105 THR THR A . n 
A 1 118 GLY 118 106 106 GLY GLY A . n 
A 1 119 ILE 119 107 107 ILE ILE A . n 
A 1 120 ASN 120 108 108 ASN ASN A . n 
A 1 121 VAL 121 109 109 VAL VAL A . n 
A 1 122 PHE 122 110 110 PHE PHE A . n 
A 1 123 PHE 123 111 111 PHE PHE A . n 
A 1 124 GLU 124 112 112 GLU GLU A . n 
A 1 125 THR 125 113 113 THR THR A . n 
A 1 126 PHE 126 114 114 PHE PHE A . n 
A 1 127 GLY 127 115 115 GLY GLY A . n 
A 1 128 SER 128 116 116 SER SER A . n 
A 1 129 HIS 129 117 117 HIS HIS A . n 
A 1 130 LYS 130 118 118 LYS LYS A . n 
A 1 131 ALA 131 119 119 ALA ALA A . n 
A 1 132 VAL 132 120 120 VAL VAL A . n 
A 1 133 THR 133 121 121 THR THR A . n 
A 1 134 ARG 134 122 122 ARG ARG A . n 
A 1 135 ALA 135 123 123 ALA ALA A . n 
A 1 136 GLY 136 124 124 GLY GLY A . n 
A 1 137 GLN 137 125 125 GLN GLN A . n 
A 1 138 ALA 138 126 126 ALA ALA A . n 
A 1 139 ALA 139 127 127 ALA ALA A . n 
A 1 140 ARG 140 128 128 ARG ARG A . n 
A 1 141 ALA 141 129 129 ALA ALA A . n 
A 1 142 THR 142 130 130 THR THR A . n 
A 1 143 SER 143 131 131 SER SER A . n 
A 1 144 VAL 144 132 132 VAL VAL A . n 
A 1 145 GLU 145 133 133 GLU GLU A . n 
A 1 146 VAL 146 134 134 VAL VAL A . n 
A 1 147 ALA 147 135 135 ALA ALA A . n 
A 1 148 GLU 148 136 136 GLU GLU A . n 
A 1 149 LEU 149 137 137 LEU LEU A . n 
A 1 150 TRP 150 138 138 TRP TRP A . n 
A 1 151 SER 151 139 139 SER SER A . n 
A 1 152 THR 152 140 140 THR THR A . n 
A 1 153 PHE 153 141 141 PHE PHE A . n 
A 1 154 MET 154 142 142 MET MET A . n 
A 1 155 GLN 155 143 143 GLN GLN A . n 
A 1 156 LYS 156 144 144 LYS LYS A . n 
A 1 157 TRP 157 145 145 TRP TRP A . n 
A 1 158 ILE 158 146 146 ILE ILE A . n 
A 1 159 ALA 159 147 147 ALA ALA A . n 
A 1 160 TYR 160 148 148 TYR TYR A . n 
A 1 161 THR 161 149 149 THR THR A . n 
A 1 162 ALA 162 150 150 ALA ALA A . n 
A 1 163 ALA 163 151 151 ALA ALA A . n 
A 1 164 VAL 164 152 152 VAL VAL A . n 
A 1 165 ILE 165 153 153 ILE ILE A . n 
A 1 166 ASP 166 154 154 ASP ASP A . n 
A 1 167 ALA 167 155 155 ALA ALA A . n 
A 1 168 GLU 168 156 156 GLU GLU A . n 
A 1 169 ARG 169 157 157 ARG ARG A . n 
A 1 170 ASP 170 158 158 ASP ASP A . n 
A 1 171 ARG 171 159 159 ARG ARG A . n 
A 1 172 GLY 172 160 160 GLY GLY A . n 
A 1 173 ALA 173 161 161 ALA ALA A . n 
A 1 174 ALA 174 162 162 ALA ALA A . n 
A 1 175 PRO 175 163 163 PRO PRO A . n 
A 1 176 ARG 176 164 164 ARG ARG A . n 
A 1 177 THR 177 165 165 THR THR A . n 
A 1 178 LEU 178 166 166 LEU LEU A . n 
A 1 179 PRO 179 167 167 PRO PRO A . n 
A 1 180 ALA 180 168 168 ALA ALA A . n 
A 1 181 HIS 181 169 169 HIS HIS A . n 
A 1 182 GLU 182 170 170 GLU GLU A . n 
A 1 183 LEU 183 171 171 LEU LEU A . n 
A 1 184 ALA 184 172 172 ALA ALA A . n 
A 1 185 THR 185 173 173 THR THR A . n 
A 1 186 ALA 186 174 174 ALA ALA A . n 
A 1 187 LEU 187 175 175 LEU LEU A . n 
A 1 188 ASN 188 176 176 ASN ASN A . n 
A 1 189 LEU 189 177 177 LEU LEU A . n 
A 1 190 MET 190 178 178 MET MET A . n 
A 1 191 ASN 191 179 179 ASN ASN A . n 
A 1 192 GLU 192 180 180 GLU GLU A . n 
A 1 193 ARG 193 181 181 ARG ARG A . n 
A 1 194 THR 194 182 182 THR THR A . n 
A 1 195 LEU 195 183 183 LEU LEU A . n 
A 1 196 PHE 196 184 184 PHE PHE A . n 
A 1 197 ALA 197 185 185 ALA ALA A . n 
A 1 198 SER 198 186 186 SER SER A . n 
A 1 199 PHE 199 187 187 PHE PHE A . n 
A 1 200 ALA 200 188 188 ALA ALA A . n 
A 1 201 GLY 201 189 189 GLY GLY A . n 
A 1 202 GLU 202 190 190 GLU GLU A . n 
A 1 203 GLN 203 191 191 GLN GLN A . n 
A 1 204 PRO 204 192 192 PRO PRO A . n 
A 1 205 SER 205 193 193 SER SER A . n 
A 1 206 VAL 206 194 194 VAL VAL A . n 
A 1 207 PRO 207 195 195 PRO PRO A . n 
A 1 208 GLU 208 196 196 GLU GLU A . n 
A 1 209 ALA 209 197 197 ALA ALA A . n 
A 1 210 ARG 210 198 198 ARG ARG A . n 
A 1 211 VAL 211 199 199 VAL VAL A . n 
A 1 212 LEU 212 200 200 LEU LEU A . n 
A 1 213 ASP 213 201 201 ASP ASP A . n 
A 1 214 THR 214 202 202 THR THR A . n 
A 1 215 LEU 215 203 203 LEU LEU A . n 
A 1 216 VAL 216 204 204 VAL VAL A . n 
A 1 217 HIS 217 205 205 HIS HIS A . n 
A 1 218 ILE 218 206 206 ILE ILE A . n 
A 1 219 TRP 219 207 207 TRP TRP A . n 
A 1 220 VAL 220 208 208 VAL VAL A . n 
A 1 221 THR 221 209 209 THR THR A . n 
A 1 222 SER 222 210 210 SER SER A . n 
A 1 223 ILE 223 211 211 ILE ILE A . n 
A 1 224 TYR 224 212 212 TYR TYR A . n 
A 1 225 GLY 225 213 213 GLY GLY A . n 
A 1 226 GLU 226 214 214 GLU GLU A . n 
A 1 227 ASN 227 215 ?   ?   ?   A . n 
A 1 228 ARG 228 216 ?   ?   ?   A . n 
# 
loop_
_pdbx_nonpoly_scheme.asym_id 
_pdbx_nonpoly_scheme.entity_id 
_pdbx_nonpoly_scheme.mon_id 
_pdbx_nonpoly_scheme.ndb_seq_num 
_pdbx_nonpoly_scheme.pdb_seq_num 
_pdbx_nonpoly_scheme.auth_seq_num 
_pdbx_nonpoly_scheme.pdb_mon_id 
_pdbx_nonpoly_scheme.auth_mon_id 
_pdbx_nonpoly_scheme.pdb_strand_id 
_pdbx_nonpoly_scheme.pdb_ins_code 
B 2 GGN 1  301 1  GGN DRG A . 
C 3 GOL 1  302 1  GOL GOL A . 
D 4 HOH 1  401 5  HOH HOH A . 
D 4 HOH 2  402 20 HOH HOH A . 
D 4 HOH 3  403 52 HOH HOH A . 
D 4 HOH 4  404 40 HOH HOH A . 
D 4 HOH 5  405 33 HOH HOH A . 
D 4 HOH 6  406 44 HOH HOH A . 
D 4 HOH 7  407 53 HOH HOH A . 
D 4 HOH 8  408 6  HOH HOH A . 
D 4 HOH 9  409 15 HOH HOH A . 
D 4 HOH 10 410 48 HOH HOH A . 
D 4 HOH 11 411 8  HOH HOH A . 
D 4 HOH 12 412 7  HOH HOH A . 
D 4 HOH 13 413 50 HOH HOH A . 
D 4 HOH 14 414 49 HOH HOH A . 
D 4 HOH 15 415 38 HOH HOH A . 
D 4 HOH 16 416 14 HOH HOH A . 
D 4 HOH 17 417 37 HOH HOH A . 
D 4 HOH 18 418 26 HOH HOH A . 
D 4 HOH 19 419 28 HOH HOH A . 
D 4 HOH 20 420 59 HOH HOH A . 
D 4 HOH 21 421 24 HOH HOH A . 
D 4 HOH 22 422 11 HOH HOH A . 
D 4 HOH 23 423 43 HOH HOH A . 
D 4 HOH 24 424 19 HOH HOH A . 
D 4 HOH 25 425 2  HOH HOH A . 
D 4 HOH 26 426 58 HOH HOH A . 
D 4 HOH 27 427 54 HOH HOH A . 
D 4 HOH 28 428 34 HOH HOH A . 
D 4 HOH 29 429 42 HOH HOH A . 
D 4 HOH 30 430 27 HOH HOH A . 
D 4 HOH 31 431 10 HOH HOH A . 
D 4 HOH 32 432 12 HOH HOH A . 
D 4 HOH 33 433 39 HOH HOH A . 
D 4 HOH 34 434 1  HOH HOH A . 
D 4 HOH 35 435 25 HOH HOH A . 
D 4 HOH 36 436 41 HOH HOH A . 
D 4 HOH 37 437 36 HOH HOH A . 
D 4 HOH 38 438 16 HOH HOH A . 
D 4 HOH 39 439 4  HOH HOH A . 
D 4 HOH 40 440 30 HOH HOH A . 
D 4 HOH 41 441 22 HOH HOH A . 
D 4 HOH 42 442 13 HOH HOH A . 
D 4 HOH 43 443 47 HOH HOH A . 
D 4 HOH 44 444 23 HOH HOH A . 
D 4 HOH 45 445 3  HOH HOH A . 
D 4 HOH 46 446 31 HOH HOH A . 
D 4 HOH 47 447 51 HOH HOH A . 
D 4 HOH 48 448 9  HOH HOH A . 
D 4 HOH 49 449 32 HOH HOH A . 
D 4 HOH 50 450 29 HOH HOH A . 
D 4 HOH 51 451 45 HOH HOH A . 
D 4 HOH 52 452 56 HOH HOH A . 
D 4 HOH 53 453 61 HOH HOH A . 
D 4 HOH 54 454 57 HOH HOH A . 
D 4 HOH 55 455 60 HOH HOH A . 
D 4 HOH 56 456 17 HOH HOH A . 
D 4 HOH 57 457 21 HOH HOH A . 
D 4 HOH 58 458 35 HOH HOH A . 
D 4 HOH 59 459 55 HOH HOH A . 
D 4 HOH 60 460 46 HOH HOH A . 
D 4 HOH 61 461 18 HOH HOH A . 
# 
loop_
_software.citation_id 
_software.classification 
_software.compiler_name 
_software.compiler_version 
_software.contact_author 
_software.contact_author_email 
_software.date 
_software.description 
_software.dependencies 
_software.hardware 
_software.language 
_software.location 
_software.mods 
_software.name 
_software.os 
_software.os_version 
_software.type 
_software.version 
_software.pdbx_ordinal 
? refinement       ? ? ? ? ? ? ? ? ? ? ? REFMAC  ? ? ? 5.8.0232 1 
? 'data reduction' ? ? ? ? ? ? ? ? ? ? ? iMOSFLM ? ? ? .        2 
? phasing          ? ? ? ? ? ? ? ? ? ? ? MOLREP  ? ? ? .        3 
# 
_cell.angle_alpha                  90.00 
_cell.angle_alpha_esd              ? 
_cell.angle_beta                   90.00 
_cell.angle_beta_esd               ? 
_cell.angle_gamma                  90.00 
_cell.angle_gamma_esd              ? 
_cell.entry_id                     6HOA 
_cell.details                      ? 
_cell.formula_units_Z              ? 
_cell.length_a                     121.930 
_cell.length_a_esd                 ? 
_cell.length_b                     121.930 
_cell.length_b_esd                 ? 
_cell.length_c                     33.751 
_cell.length_c_esd                 ? 
_cell.volume                       ? 
_cell.volume_esd                   ? 
_cell.Z_PDB                        8 
_cell.reciprocal_angle_alpha       ? 
_cell.reciprocal_angle_beta        ? 
_cell.reciprocal_angle_gamma       ? 
_cell.reciprocal_angle_alpha_esd   ? 
_cell.reciprocal_angle_beta_esd    ? 
_cell.reciprocal_angle_gamma_esd   ? 
_cell.reciprocal_length_a          ? 
_cell.reciprocal_length_b          ? 
_cell.reciprocal_length_c          ? 
_cell.reciprocal_length_a_esd      ? 
_cell.reciprocal_length_b_esd      ? 
_cell.reciprocal_length_c_esd      ? 
_cell.pdbx_unique_axis             ? 
# 
_symmetry.entry_id                         6HOA 
_symmetry.cell_setting                     ? 
_symmetry.Int_Tables_number                92 
_symmetry.space_group_name_Hall            ? 
_symmetry.space_group_name_H-M             'P 41 21 2' 
_symmetry.pdbx_full_space_group_name_H-M   ? 
# 
_exptl.absorpt_coefficient_mu     ? 
_exptl.absorpt_correction_T_max   ? 
_exptl.absorpt_correction_T_min   ? 
_exptl.absorpt_correction_type    ? 
_exptl.absorpt_process_details    ? 
_exptl.entry_id                   6HOA 
_exptl.crystals_number            1 
_exptl.details                    ? 
_exptl.method                     'X-RAY DIFFRACTION' 
_exptl.method_details             ? 
# 
_exptl_crystal.colour                      ? 
_exptl_crystal.density_diffrn              ? 
_exptl_crystal.density_Matthews            2.42 
_exptl_crystal.density_method              ? 
_exptl_crystal.density_percent_sol         49.20 
_exptl_crystal.description                 ? 
_exptl_crystal.F_000                       ? 
_exptl_crystal.id                          1 
_exptl_crystal.preparation                 ? 
_exptl_crystal.size_max                    ? 
_exptl_crystal.size_mid                    ? 
_exptl_crystal.size_min                    ? 
_exptl_crystal.size_rad                    ? 
_exptl_crystal.colour_lustre               ? 
_exptl_crystal.colour_modifier             ? 
_exptl_crystal.colour_primary              ? 
_exptl_crystal.density_meas                ? 
_exptl_crystal.density_meas_esd            ? 
_exptl_crystal.density_meas_gt             ? 
_exptl_crystal.density_meas_lt             ? 
_exptl_crystal.density_meas_temp           ? 
_exptl_crystal.density_meas_temp_esd       ? 
_exptl_crystal.density_meas_temp_gt        ? 
_exptl_crystal.density_meas_temp_lt        ? 
_exptl_crystal.pdbx_crystal_image_url      ? 
_exptl_crystal.pdbx_crystal_image_format   ? 
_exptl_crystal.pdbx_mosaicity              ? 
_exptl_crystal.pdbx_mosaicity_esd          ? 
# 
_exptl_crystal_grow.apparatus       ? 
_exptl_crystal_grow.atmosphere      ? 
_exptl_crystal_grow.crystal_id      1 
_exptl_crystal_grow.details         ? 
_exptl_crystal_grow.method          'VAPOR DIFFUSION' 
_exptl_crystal_grow.method_ref      ? 
_exptl_crystal_grow.pH              6.7 
_exptl_crystal_grow.pressure        ? 
_exptl_crystal_grow.pressure_esd    ? 
_exptl_crystal_grow.seeding         ? 
_exptl_crystal_grow.seeding_ref     ? 
_exptl_crystal_grow.temp            293 
_exptl_crystal_grow.temp_details    ? 
_exptl_crystal_grow.temp_esd        ? 
_exptl_crystal_grow.time            ? 
_exptl_crystal_grow.pdbx_details    '1.4-1.6 ammonium sulfate, 15% glycerol, 100 mM MES' 
_exptl_crystal_grow.pdbx_pH_range   ? 
# 
_diffrn.ambient_environment              ? 
_diffrn.ambient_temp                     100 
_diffrn.ambient_temp_details             ? 
_diffrn.ambient_temp_esd                 ? 
_diffrn.crystal_id                       1 
_diffrn.crystal_support                  ? 
_diffrn.crystal_treatment                ? 
_diffrn.details                          ? 
_diffrn.id                               1 
_diffrn.ambient_pressure                 ? 
_diffrn.ambient_pressure_esd             ? 
_diffrn.ambient_pressure_gt              ? 
_diffrn.ambient_pressure_lt              ? 
_diffrn.ambient_temp_gt                  ? 
_diffrn.ambient_temp_lt                  ? 
_diffrn.pdbx_serial_crystal_experiment   ? 
# 
_diffrn_detector.details                      ? 
_diffrn_detector.detector                     PIXEL 
_diffrn_detector.diffrn_id                    1 
_diffrn_detector.type                         'DECTRIS PILATUS 6M' 
_diffrn_detector.area_resol_mean              ? 
_diffrn_detector.dtime                        ? 
_diffrn_detector.pdbx_frames_total            ? 
_diffrn_detector.pdbx_collection_time_total   ? 
_diffrn_detector.pdbx_collection_date         2010-12-06 
_diffrn_detector.pdbx_frequency               ? 
# 
_diffrn_radiation.collimation                      ? 
_diffrn_radiation.diffrn_id                        1 
_diffrn_radiation.filter_edge                      ? 
_diffrn_radiation.inhomogeneity                    ? 
_diffrn_radiation.monochromator                    ? 
_diffrn_radiation.polarisn_norm                    ? 
_diffrn_radiation.polarisn_ratio                   ? 
_diffrn_radiation.probe                            ? 
_diffrn_radiation.type                             ? 
_diffrn_radiation.xray_symbol                      ? 
_diffrn_radiation.wavelength_id                    1 
_diffrn_radiation.pdbx_monochromatic_or_laue_m_l   M 
_diffrn_radiation.pdbx_wavelength_list             ? 
_diffrn_radiation.pdbx_wavelength                  ? 
_diffrn_radiation.pdbx_diffrn_protocol             'SINGLE WAVELENGTH' 
_diffrn_radiation.pdbx_analyzer                    ? 
_diffrn_radiation.pdbx_scattering_type             x-ray 
# 
_diffrn_radiation_wavelength.id           1 
_diffrn_radiation_wavelength.wavelength   1.00 
_diffrn_radiation_wavelength.wt           1.0 
# 
_diffrn_source.current                     ? 
_diffrn_source.details                     ? 
_diffrn_source.diffrn_id                   1 
_diffrn_source.power                       ? 
_diffrn_source.size                        ? 
_diffrn_source.source                      SYNCHROTRON 
_diffrn_source.target                      ? 
_diffrn_source.type                        'SLS BEAMLINE X06SA' 
_diffrn_source.voltage                     ? 
_diffrn_source.take-off_angle              ? 
_diffrn_source.pdbx_wavelength_list        1.00 
_diffrn_source.pdbx_wavelength             ? 
_diffrn_source.pdbx_synchrotron_beamline   X06SA 
_diffrn_source.pdbx_synchrotron_site       SLS 
# 
_reflns.B_iso_Wilson_estimate            ? 
_reflns.entry_id                         6HOA 
_reflns.data_reduction_details           ? 
_reflns.data_reduction_method            ? 
_reflns.d_resolution_high                1.50 
_reflns.d_resolution_low                 43.11 
_reflns.details                          ? 
_reflns.limit_h_max                      ? 
_reflns.limit_h_min                      ? 
_reflns.limit_k_max                      ? 
_reflns.limit_k_min                      ? 
_reflns.limit_l_max                      ? 
_reflns.limit_l_min                      ? 
_reflns.number_all                       ? 
_reflns.number_obs                       41386 
_reflns.observed_criterion               ? 
_reflns.observed_criterion_F_max         ? 
_reflns.observed_criterion_F_min         ? 
_reflns.observed_criterion_I_max         ? 
_reflns.observed_criterion_I_min         ? 
_reflns.observed_criterion_sigma_F       ? 
_reflns.observed_criterion_sigma_I       ? 
_reflns.percent_possible_obs             99.7 
_reflns.R_free_details                   ? 
_reflns.Rmerge_F_all                     ? 
_reflns.Rmerge_F_obs                     ? 
_reflns.Friedel_coverage                 ? 
_reflns.number_gt                        ? 
_reflns.threshold_expression             ? 
_reflns.pdbx_redundancy                  11.9 
_reflns.pdbx_Rmerge_I_obs                0.105 
_reflns.pdbx_Rmerge_I_all                ? 
_reflns.pdbx_Rsym_value                  ? 
_reflns.pdbx_netI_over_av_sigmaI         ? 
_reflns.pdbx_netI_over_sigmaI            18.4 
_reflns.pdbx_res_netI_over_av_sigmaI_2   ? 
_reflns.pdbx_res_netI_over_sigmaI_2      ? 
_reflns.pdbx_chi_squared                 ? 
_reflns.pdbx_scaling_rejects             ? 
_reflns.pdbx_d_res_high_opt              ? 
_reflns.pdbx_d_res_low_opt               ? 
_reflns.pdbx_d_res_opt_method            ? 
_reflns.phase_calculation_details        ? 
_reflns.pdbx_Rrim_I_all                  ? 
_reflns.pdbx_Rpim_I_all                  ? 
_reflns.pdbx_d_opt                       ? 
_reflns.pdbx_number_measured_all         ? 
_reflns.pdbx_diffrn_id                   1 
_reflns.pdbx_ordinal                     1 
_reflns.pdbx_CC_half                     ? 
_reflns.pdbx_R_split                     ? 
# 
_reflns_shell.d_res_high                  1.50 
_reflns_shell.d_res_low                   1.58 
_reflns_shell.meanI_over_sigI_all         ? 
_reflns_shell.meanI_over_sigI_obs         1.5 
_reflns_shell.number_measured_all         ? 
_reflns_shell.number_measured_obs         ? 
_reflns_shell.number_possible             ? 
_reflns_shell.number_unique_all           ? 
_reflns_shell.number_unique_obs           5869 
_reflns_shell.percent_possible_all        98.6 
_reflns_shell.percent_possible_obs        ? 
_reflns_shell.Rmerge_F_all                ? 
_reflns_shell.Rmerge_F_obs                ? 
_reflns_shell.Rmerge_I_all                ? 
_reflns_shell.Rmerge_I_obs                1.866 
_reflns_shell.meanI_over_sigI_gt          ? 
_reflns_shell.meanI_over_uI_all           ? 
_reflns_shell.meanI_over_uI_gt            ? 
_reflns_shell.number_measured_gt          ? 
_reflns_shell.number_unique_gt            ? 
_reflns_shell.percent_possible_gt         ? 
_reflns_shell.Rmerge_F_gt                 ? 
_reflns_shell.Rmerge_I_gt                 ? 
_reflns_shell.pdbx_redundancy             11.8 
_reflns_shell.pdbx_Rsym_value             ? 
_reflns_shell.pdbx_chi_squared            ? 
_reflns_shell.pdbx_netI_over_sigmaI_all   ? 
_reflns_shell.pdbx_netI_over_sigmaI_obs   ? 
_reflns_shell.pdbx_Rrim_I_all             ? 
_reflns_shell.pdbx_Rpim_I_all             ? 
_reflns_shell.pdbx_rejects                ? 
_reflns_shell.pdbx_ordinal                1 
_reflns_shell.pdbx_diffrn_id              1 
_reflns_shell.pdbx_CC_half                ? 
_reflns_shell.pdbx_R_split                ? 
# 
_refine.aniso_B[1][1]                            0.00 
_refine.aniso_B[1][2]                            -0.00 
_refine.aniso_B[1][3]                            -0.00 
_refine.aniso_B[2][2]                            0.00 
_refine.aniso_B[2][3]                            -0.00 
_refine.aniso_B[3][3]                            -0.01 
_refine.B_iso_max                                ? 
_refine.B_iso_mean                               20.009 
_refine.B_iso_min                                ? 
_refine.correlation_coeff_Fo_to_Fc               0.962 
_refine.correlation_coeff_Fo_to_Fc_free          0.948 
_refine.details                                  'HYDROGENS HAVE BEEN ADDED IN THE RIDING POSITIONS' 
_refine.diff_density_max                         ? 
_refine.diff_density_max_esd                     ? 
_refine.diff_density_min                         ? 
_refine.diff_density_min_esd                     ? 
_refine.diff_density_rms                         ? 
_refine.diff_density_rms_esd                     ? 
_refine.entry_id                                 6HOA 
_refine.pdbx_refine_id                           'X-RAY DIFFRACTION' 
_refine.ls_abs_structure_details                 ? 
_refine.ls_abs_structure_Flack                   ? 
_refine.ls_abs_structure_Flack_esd               ? 
_refine.ls_abs_structure_Rogers                  ? 
_refine.ls_abs_structure_Rogers_esd              ? 
_refine.ls_d_res_high                            1.50 
_refine.ls_d_res_low                             43.11 
_refine.ls_extinction_coef                       ? 
_refine.ls_extinction_coef_esd                   ? 
_refine.ls_extinction_expression                 ? 
_refine.ls_extinction_method                     ? 
_refine.ls_goodness_of_fit_all                   ? 
_refine.ls_goodness_of_fit_all_esd               ? 
_refine.ls_goodness_of_fit_obs                   ? 
_refine.ls_goodness_of_fit_obs_esd               ? 
_refine.ls_hydrogen_treatment                    ? 
_refine.ls_matrix_type                           ? 
_refine.ls_number_constraints                    ? 
_refine.ls_number_parameters                     ? 
_refine.ls_number_reflns_all                     ? 
_refine.ls_number_reflns_obs                     39265 
_refine.ls_number_reflns_R_free                  2068 
_refine.ls_number_reflns_R_work                  ? 
_refine.ls_number_restraints                     ? 
_refine.ls_percent_reflns_obs                    99.69 
_refine.ls_percent_reflns_R_free                 5.0 
_refine.ls_R_factor_all                          ? 
_refine.ls_R_factor_obs                          0.18932 
_refine.ls_R_factor_R_free                       0.21443 
_refine.ls_R_factor_R_free_error                 ? 
_refine.ls_R_factor_R_free_error_details         ? 
_refine.ls_R_factor_R_work                       0.18802 
_refine.ls_R_Fsqd_factor_obs                     ? 
_refine.ls_R_I_factor_obs                        ? 
_refine.ls_redundancy_reflns_all                 ? 
_refine.ls_redundancy_reflns_obs                 ? 
_refine.ls_restrained_S_all                      ? 
_refine.ls_restrained_S_obs                      ? 
_refine.ls_shift_over_esd_max                    ? 
_refine.ls_shift_over_esd_mean                   ? 
_refine.ls_structure_factor_coef                 ? 
_refine.ls_weighting_details                     ? 
_refine.ls_weighting_scheme                      ? 
_refine.ls_wR_factor_all                         ? 
_refine.ls_wR_factor_obs                         ? 
_refine.ls_wR_factor_R_free                      ? 
_refine.ls_wR_factor_R_work                      ? 
_refine.occupancy_max                            ? 
_refine.occupancy_min                            ? 
_refine.solvent_model_details                    ? 
_refine.solvent_model_param_bsol                 ? 
_refine.solvent_model_param_ksol                 ? 
_refine.ls_R_factor_gt                           ? 
_refine.ls_goodness_of_fit_gt                    ? 
_refine.ls_goodness_of_fit_ref                   ? 
_refine.ls_shift_over_su_max                     ? 
_refine.ls_shift_over_su_max_lt                  ? 
_refine.ls_shift_over_su_mean                    ? 
_refine.ls_shift_over_su_mean_lt                 ? 
_refine.pdbx_ls_sigma_I                          ? 
_refine.pdbx_ls_sigma_F                          ? 
_refine.pdbx_ls_sigma_Fsqd                       ? 
_refine.pdbx_data_cutoff_high_absF               ? 
_refine.pdbx_data_cutoff_high_rms_absF           ? 
_refine.pdbx_data_cutoff_low_absF                ? 
_refine.pdbx_isotropic_thermal_model             ? 
_refine.pdbx_ls_cross_valid_method               THROUGHOUT 
_refine.pdbx_method_to_determine_struct          'MOLECULAR REPLACEMENT' 
_refine.pdbx_starting_model                      1U9N 
_refine.pdbx_stereochemistry_target_values       ? 
_refine.pdbx_R_Free_selection_details            RANDOM 
_refine.pdbx_stereochem_target_val_spec_case     ? 
_refine.pdbx_overall_ESU_R                       0.063 
_refine.pdbx_overall_ESU_R_Free                  0.066 
_refine.pdbx_solvent_vdw_probe_radii             1.20 
_refine.pdbx_solvent_ion_probe_radii             0.80 
_refine.pdbx_solvent_shrinkage_radii             0.80 
_refine.pdbx_real_space_R                        ? 
_refine.pdbx_density_correlation                 ? 
_refine.pdbx_pd_number_of_powder_patterns        ? 
_refine.pdbx_pd_number_of_points                 ? 
_refine.pdbx_pd_meas_number_of_points            ? 
_refine.pdbx_pd_proc_ls_prof_R_factor            ? 
_refine.pdbx_pd_proc_ls_prof_wR_factor           ? 
_refine.pdbx_pd_Marquardt_correlation_coeff      ? 
_refine.pdbx_pd_Fsqrd_R_factor                   ? 
_refine.pdbx_pd_ls_matrix_band_width             ? 
_refine.pdbx_overall_phase_error                 ? 
_refine.pdbx_overall_SU_R_free_Cruickshank_DPI   ? 
_refine.pdbx_overall_SU_R_free_Blow_DPI          ? 
_refine.pdbx_overall_SU_R_Blow_DPI               ? 
_refine.pdbx_TLS_residual_ADP_flag               ? 
_refine.pdbx_diffrn_id                           1 
_refine.overall_SU_B                             1.308 
_refine.overall_SU_ML                            0.047 
_refine.overall_SU_R_Cruickshank_DPI             ? 
_refine.overall_SU_R_free                        ? 
_refine.overall_FOM_free_R_set                   ? 
_refine.overall_FOM_work_R_set                   ? 
_refine.pdbx_average_fsc_overall                 ? 
_refine.pdbx_average_fsc_work                    ? 
_refine.pdbx_average_fsc_free                    ? 
# 
_refine_hist.pdbx_refine_id                   'X-RAY DIFFRACTION' 
_refine_hist.cycle_id                         1 
_refine_hist.pdbx_number_atoms_protein        1490 
_refine_hist.pdbx_number_atoms_nucleic_acid   0 
_refine_hist.pdbx_number_atoms_ligand         35 
_refine_hist.number_atoms_solvent             61 
_refine_hist.number_atoms_total               1586 
_refine_hist.d_res_high                       1.50 
_refine_hist.d_res_low                        43.11 
# 
loop_
_refine_ls_restr.pdbx_refine_id 
_refine_ls_restr.criterion 
_refine_ls_restr.dev_ideal 
_refine_ls_restr.dev_ideal_target 
_refine_ls_restr.number 
_refine_ls_restr.rejects 
_refine_ls_restr.type 
_refine_ls_restr.weight 
_refine_ls_restr.pdbx_restraint_function 
'X-RAY DIFFRACTION' ? 0.012  0.013  1557 ? r_bond_refined_d             ? ? 
'X-RAY DIFFRACTION' ? 0.001  0.017  1434 ? r_bond_other_d               ? ? 
'X-RAY DIFFRACTION' ? 1.827  1.669  2122 ? r_angle_refined_deg          ? ? 
'X-RAY DIFFRACTION' ? 1.619  1.588  3299 ? r_angle_other_deg            ? ? 
'X-RAY DIFFRACTION' ? 4.906  5.000  190  ? r_dihedral_angle_1_deg       ? ? 
'X-RAY DIFFRACTION' ? 34.022 21.395 86   ? r_dihedral_angle_2_deg       ? ? 
'X-RAY DIFFRACTION' ? 12.094 15.000 240  ? r_dihedral_angle_3_deg       ? ? 
'X-RAY DIFFRACTION' ? 16.030 15.000 13   ? r_dihedral_angle_4_deg       ? ? 
'X-RAY DIFFRACTION' ? 0.089  0.200  207  ? r_chiral_restr               ? ? 
'X-RAY DIFFRACTION' ? 0.010  0.020  1759 ? r_gen_planes_refined         ? ? 
'X-RAY DIFFRACTION' ? 0.001  0.020  347  ? r_gen_planes_other           ? ? 
'X-RAY DIFFRACTION' ? ?      ?      ?    ? r_nbd_refined                ? ? 
'X-RAY DIFFRACTION' ? ?      ?      ?    ? r_nbd_other                  ? ? 
'X-RAY DIFFRACTION' ? ?      ?      ?    ? r_nbtor_refined              ? ? 
'X-RAY DIFFRACTION' ? ?      ?      ?    ? r_nbtor_other                ? ? 
'X-RAY DIFFRACTION' ? ?      ?      ?    ? r_xyhbond_nbd_refined        ? ? 
'X-RAY DIFFRACTION' ? ?      ?      ?    ? r_xyhbond_nbd_other          ? ? 
'X-RAY DIFFRACTION' ? ?      ?      ?    ? r_metal_ion_refined          ? ? 
'X-RAY DIFFRACTION' ? ?      ?      ?    ? r_metal_ion_other            ? ? 
'X-RAY DIFFRACTION' ? ?      ?      ?    ? r_symmetry_vdw_refined       ? ? 
'X-RAY DIFFRACTION' ? ?      ?      ?    ? r_symmetry_vdw_other         ? ? 
'X-RAY DIFFRACTION' ? ?      ?      ?    ? r_symmetry_hbond_refined     ? ? 
'X-RAY DIFFRACTION' ? ?      ?      ?    ? r_symmetry_hbond_other       ? ? 
'X-RAY DIFFRACTION' ? ?      ?      ?    ? r_symmetry_metal_ion_refined ? ? 
'X-RAY DIFFRACTION' ? ?      ?      ?    ? r_symmetry_metal_ion_other   ? ? 
'X-RAY DIFFRACTION' ? 1.743  1.916  763  ? r_mcbond_it                  ? ? 
'X-RAY DIFFRACTION' ? 1.743  1.914  762  ? r_mcbond_other               ? ? 
'X-RAY DIFFRACTION' ? 2.544  2.868  952  ? r_mcangle_it                 ? ? 
'X-RAY DIFFRACTION' ? 2.542  2.871  953  ? r_mcangle_other              ? ? 
'X-RAY DIFFRACTION' ? 3.442  2.270  793  ? r_scbond_it                  ? ? 
'X-RAY DIFFRACTION' ? 3.441  2.272  794  ? r_scbond_other               ? ? 
'X-RAY DIFFRACTION' ? ?      ?      ?    ? r_scangle_it                 ? ? 
'X-RAY DIFFRACTION' ? 5.069  3.257  1171 ? r_scangle_other              ? ? 
'X-RAY DIFFRACTION' ? 5.590  22.743 1790 ? r_long_range_B_refined       ? ? 
'X-RAY DIFFRACTION' ? 5.590  22.758 1791 ? r_long_range_B_other         ? ? 
'X-RAY DIFFRACTION' ? ?      ?      ?    ? r_rigid_bond_restr           ? ? 
'X-RAY DIFFRACTION' ? ?      ?      ?    ? r_sphericity_free            ? ? 
'X-RAY DIFFRACTION' ? ?      ?      ?    ? r_sphericity_bonded          ? ? 
# 
_refine_ls_shell.pdbx_refine_id                   'X-RAY DIFFRACTION' 
_refine_ls_shell.d_res_high                       1.500 
_refine_ls_shell.d_res_low                        1.539 
_refine_ls_shell.number_reflns_all                ? 
_refine_ls_shell.number_reflns_obs                ? 
_refine_ls_shell.number_reflns_R_free             147 
_refine_ls_shell.number_reflns_R_work             2792 
_refine_ls_shell.percent_reflns_obs               97.16 
_refine_ls_shell.percent_reflns_R_free            ? 
_refine_ls_shell.R_factor_all                     ? 
_refine_ls_shell.R_factor_obs                     ? 
_refine_ls_shell.R_factor_R_free                  0.315 
_refine_ls_shell.R_factor_R_free_error            ? 
_refine_ls_shell.R_factor_R_work                  0.305 
_refine_ls_shell.redundancy_reflns_all            ? 
_refine_ls_shell.redundancy_reflns_obs            ? 
_refine_ls_shell.wR_factor_all                    ? 
_refine_ls_shell.wR_factor_obs                    ? 
_refine_ls_shell.wR_factor_R_free                 ? 
_refine_ls_shell.wR_factor_R_work                 ? 
_refine_ls_shell.pdbx_total_number_of_bins_used   20 
_refine_ls_shell.pdbx_phase_error                 ? 
_refine_ls_shell.pdbx_fsc_work                    ? 
_refine_ls_shell.pdbx_fsc_free                    ? 
# 
_struct.entry_id                     6HOA 
_struct.title                        'TRANSCRIPTIONAL REPRESSOR ETHR FROM MYCOBACTERIUM TUBERCULOSIS IN COMPLEX WITH BDM44830' 
_struct.pdbx_model_details           ? 
_struct.pdbx_formula_weight          ? 
_struct.pdbx_formula_weight_method   ? 
_struct.pdbx_model_type_details      ? 
_struct.pdbx_CASP_flag               N 
# 
_struct_keywords.entry_id        6HOA 
_struct_keywords.text            
'HELIX-TURN-HELIX, DNA BINDING PROTEIN, TETR-FAMILY, COMPLEX, INHIBITOR, DRUG DESIGN, TUBERCULOSIS, ETHIONAMIDE' 
_struct_keywords.pdbx_keywords   'DNA BINDING PROTEIN' 
# 
loop_
_struct_asym.id 
_struct_asym.pdbx_blank_PDB_chainid_flag 
_struct_asym.pdbx_modified 
_struct_asym.entity_id 
_struct_asym.details 
A N N 1 ? 
B N N 2 ? 
C N N 3 ? 
D N N 4 ? 
# 
_struct_ref.id                         1 
_struct_ref.db_name                    UNP 
_struct_ref.db_code                    ETHR_MYCTO 
_struct_ref.pdbx_db_accession          P9WMC0 
_struct_ref.pdbx_db_isoform            ? 
_struct_ref.entity_id                  1 
_struct_ref.pdbx_seq_one_letter_code   
;MTTSAASQASLPRGRRTARPSGDDRELAILATAENLLEDRPLADISVDDLAKGAGISRPTFYFYFPSKEAVLLTLLDRVV
NQADMALQTLAENPADTDRENMWRTGINVFFETFGSHKAVTRAGQAARATSVEVAELWSTFMQKWIAYTAAVIDAERDRG
AAPRTLPAHELATALNLMNERTLFASFAGEQPSVPEARVLDTLVHIWVTSIYGENR
;
_struct_ref.pdbx_align_begin           1 
# 
_struct_ref_seq.align_id                      1 
_struct_ref_seq.ref_id                        1 
_struct_ref_seq.pdbx_PDB_id_code              6HOA 
_struct_ref_seq.pdbx_strand_id                A 
_struct_ref_seq.seq_align_beg                 13 
_struct_ref_seq.pdbx_seq_align_beg_ins_code   ? 
_struct_ref_seq.seq_align_end                 228 
_struct_ref_seq.pdbx_seq_align_end_ins_code   ? 
_struct_ref_seq.pdbx_db_accession             P9WMC0 
_struct_ref_seq.db_align_beg                  1 
_struct_ref_seq.pdbx_db_align_beg_ins_code    ? 
_struct_ref_seq.db_align_end                  216 
_struct_ref_seq.pdbx_db_align_end_ins_code    ? 
_struct_ref_seq.pdbx_auth_seq_align_beg       1 
_struct_ref_seq.pdbx_auth_seq_align_end       216 
# 
loop_
_struct_ref_seq_dif.align_id 
_struct_ref_seq_dif.pdbx_pdb_id_code 
_struct_ref_seq_dif.mon_id 
_struct_ref_seq_dif.pdbx_pdb_strand_id 
_struct_ref_seq_dif.seq_num 
_struct_ref_seq_dif.pdbx_pdb_ins_code 
_struct_ref_seq_dif.pdbx_seq_db_name 
_struct_ref_seq_dif.pdbx_seq_db_accession_code 
_struct_ref_seq_dif.db_mon_id 
_struct_ref_seq_dif.pdbx_seq_db_seq_num 
_struct_ref_seq_dif.details 
_struct_ref_seq_dif.pdbx_auth_seq_num 
_struct_ref_seq_dif.pdbx_ordinal 
1 6HOA MET A 1  ? UNP P9WMC0 ? ? 'initiating methionine' -11 1  
1 6HOA THR A 2  ? UNP P9WMC0 ? ? 'expression tag'        -10 2  
1 6HOA THR A 3  ? UNP P9WMC0 ? ? 'expression tag'        -9  3  
1 6HOA SER A 4  ? UNP P9WMC0 ? ? 'expression tag'        -8  4  
1 6HOA ALA A 5  ? UNP P9WMC0 ? ? 'expression tag'        -7  5  
1 6HOA ALA A 6  ? UNP P9WMC0 ? ? 'expression tag'        -6  6  
1 6HOA SER A 7  ? UNP P9WMC0 ? ? 'expression tag'        -5  7  
1 6HOA GLN A 8  ? UNP P9WMC0 ? ? 'expression tag'        -4  8  
1 6HOA ALA A 9  ? UNP P9WMC0 ? ? 'expression tag'        -3  9  
1 6HOA SER A 10 ? UNP P9WMC0 ? ? 'expression tag'        -2  10 
1 6HOA LEU A 11 ? UNP P9WMC0 ? ? 'expression tag'        -1  11 
1 6HOA PRO A 12 ? UNP P9WMC0 ? ? 'expression tag'        0   12 
# 
_pdbx_struct_assembly.id                   1 
_pdbx_struct_assembly.details              author_and_software_defined_assembly 
_pdbx_struct_assembly.method_details       PISA 
_pdbx_struct_assembly.oligomeric_details   dimeric 
_pdbx_struct_assembly.oligomeric_count     2 
# 
loop_
_pdbx_struct_assembly_prop.biol_id 
_pdbx_struct_assembly_prop.type 
_pdbx_struct_assembly_prop.value 
_pdbx_struct_assembly_prop.details 
1 'ABSA (A^2)' 3010  ? 
1 MORE         -22   ? 
1 'SSA (A^2)'  17100 ? 
# 
_pdbx_struct_assembly_gen.assembly_id       1 
_pdbx_struct_assembly_gen.oper_expression   1,2 
_pdbx_struct_assembly_gen.asym_id_list      A,B,C,D 
# 
_pdbx_struct_assembly_auth_evidence.id                     1 
_pdbx_struct_assembly_auth_evidence.assembly_id            1 
_pdbx_struct_assembly_auth_evidence.experimental_support   none 
_pdbx_struct_assembly_auth_evidence.details                ? 
# 
loop_
_pdbx_struct_oper_list.id 
_pdbx_struct_oper_list.type 
_pdbx_struct_oper_list.name 
_pdbx_struct_oper_list.symmetry_operation 
_pdbx_struct_oper_list.matrix[1][1] 
_pdbx_struct_oper_list.matrix[1][2] 
_pdbx_struct_oper_list.matrix[1][3] 
_pdbx_struct_oper_list.vector[1] 
_pdbx_struct_oper_list.matrix[2][1] 
_pdbx_struct_oper_list.matrix[2][2] 
_pdbx_struct_oper_list.matrix[2][3] 
_pdbx_struct_oper_list.vector[2] 
_pdbx_struct_oper_list.matrix[3][1] 
_pdbx_struct_oper_list.matrix[3][2] 
_pdbx_struct_oper_list.matrix[3][3] 
_pdbx_struct_oper_list.vector[3] 
1 'identity operation'         1_555 x,y,z        1.0000000000  0.0000000000  0.0000000000 0.0000000000   0.0000000000  1.0000000000  0.0000000000  0.0000000000  0.0000000000 0.0000000000  1.0000000000  0.0000000000  
2 'crystal symmetry operation' 8_554 -y,-x,-z-1/2 -0.5946951644 -0.5192528056 0.6137704663 -10.8208350725 -0.5192528056 -0.3347637323 -0.7863267562 13.1793446790 0.6137704663 -0.7863267562 -0.0705411033 18.2953548545 
# 
loop_
_struct_conf.conf_type_id 
_struct_conf.id 
_struct_conf.pdbx_PDB_helix_id 
_struct_conf.beg_label_comp_id 
_struct_conf.beg_label_asym_id 
_struct_conf.beg_label_seq_id 
_struct_conf.pdbx_beg_PDB_ins_code 
_struct_conf.end_label_comp_id 
_struct_conf.end_label_asym_id 
_struct_conf.end_label_seq_id 
_struct_conf.pdbx_end_PDB_ins_code 
_struct_conf.beg_auth_comp_id 
_struct_conf.beg_auth_asym_id 
_struct_conf.beg_auth_seq_id 
_struct_conf.end_auth_comp_id 
_struct_conf.end_auth_asym_id 
_struct_conf.end_auth_seq_id 
_struct_conf.pdbx_PDB_helix_class 
_struct_conf.details 
_struct_conf.pdbx_PDB_helix_length 
HELX_P HELX_P1  AA1 ASP A 36  ? ARG A 52  ? ASP A 24  ARG A 40  1 ? 17 
HELX_P HELX_P2  AA2 PRO A 53  ? ILE A 57  ? PRO A 41  ILE A 45  5 ? 5  
HELX_P HELX_P3  AA3 SER A 58  ? GLY A 67  ? SER A 46  GLY A 55  1 ? 10 
HELX_P HELX_P4  AA4 SER A 69  ? PHE A 77  ? SER A 57  PHE A 65  1 ? 9  
HELX_P HELX_P5  AA5 SER A 79  ? ASN A 105 ? SER A 67  ASN A 93  1 ? 27 
HELX_P HELX_P6  AA6 ASP A 110 ? SER A 128 ? ASP A 98  SER A 116 1 ? 19 
HELX_P HELX_P7  AA7 HIS A 129 ? ARG A 140 ? HIS A 117 ARG A 128 1 ? 12 
HELX_P HELX_P8  AA8 SER A 143 ? ARG A 171 ? SER A 131 ARG A 159 1 ? 29 
HELX_P HELX_P9  AA9 PRO A 179 ? ALA A 200 ? PRO A 167 ALA A 188 1 ? 22 
HELX_P HELX_P10 AB1 PRO A 207 ? GLY A 225 ? PRO A 195 GLY A 213 1 ? 19 
# 
_struct_conf_type.id          HELX_P 
_struct_conf_type.criteria    ? 
_struct_conf_type.reference   ? 
# 
_struct_mon_prot_cis.pdbx_id                1 
_struct_mon_prot_cis.label_comp_id          GLN 
_struct_mon_prot_cis.label_seq_id           203 
_struct_mon_prot_cis.label_asym_id          A 
_struct_mon_prot_cis.label_alt_id           . 
_struct_mon_prot_cis.pdbx_PDB_ins_code      ? 
_struct_mon_prot_cis.auth_comp_id           GLN 
_struct_mon_prot_cis.auth_seq_id            191 
_struct_mon_prot_cis.auth_asym_id           A 
_struct_mon_prot_cis.pdbx_label_comp_id_2   PRO 
_struct_mon_prot_cis.pdbx_label_seq_id_2    204 
_struct_mon_prot_cis.pdbx_label_asym_id_2   A 
_struct_mon_prot_cis.pdbx_PDB_ins_code_2    ? 
_struct_mon_prot_cis.pdbx_auth_comp_id_2    PRO 
_struct_mon_prot_cis.pdbx_auth_seq_id_2     192 
_struct_mon_prot_cis.pdbx_auth_asym_id_2    A 
_struct_mon_prot_cis.pdbx_PDB_model_num     1 
_struct_mon_prot_cis.pdbx_omega_angle       5.23 
# 
loop_
_struct_site.id 
_struct_site.pdbx_evidence_code 
_struct_site.pdbx_auth_asym_id 
_struct_site.pdbx_auth_comp_id 
_struct_site.pdbx_auth_seq_id 
_struct_site.pdbx_auth_ins_code 
_struct_site.pdbx_num_residues 
_struct_site.details 
AC1 Software A GGN 301 ? 15 'binding site for residue GGN A 301' 
AC2 Software A GOL 302 ? 5  'binding site for residue GOL A 302' 
# 
loop_
_struct_site_gen.id 
_struct_site_gen.site_id 
_struct_site_gen.pdbx_num_res 
_struct_site_gen.label_comp_id 
_struct_site_gen.label_asym_id 
_struct_site_gen.label_seq_id 
_struct_site_gen.pdbx_auth_ins_code 
_struct_site_gen.auth_comp_id 
_struct_site_gen.auth_asym_id 
_struct_site_gen.auth_seq_id 
_struct_site_gen.label_atom_id 
_struct_site_gen.label_alt_id 
_struct_site_gen.symmetry 
_struct_site_gen.details 
1  AC1 15 MET A 114 ? MET A 102 . ? 1_555 ? 
2  AC1 15 GLY A 118 ? GLY A 106 . ? 1_555 ? 
3  AC1 15 PHE A 122 ? PHE A 110 . ? 1_555 ? 
4  AC1 15 PHE A 126 ? PHE A 114 . ? 1_555 ? 
5  AC1 15 TRP A 150 ? TRP A 138 . ? 1_555 ? 
6  AC1 15 MET A 154 ? MET A 142 . ? 1_555 ? 
7  AC1 15 TRP A 157 ? TRP A 145 . ? 1_555 ? 
8  AC1 15 TYR A 160 ? TYR A 148 . ? 1_555 ? 
9  AC1 15 THR A 161 ? THR A 149 . ? 1_555 ? 
10 AC1 15 VAL A 164 ? VAL A 152 . ? 1_555 ? 
11 AC1 15 ASN A 188 ? ASN A 176 . ? 1_555 ? 
12 AC1 15 ASN A 191 ? ASN A 179 . ? 1_555 ? 
13 AC1 15 GLU A 192 ? GLU A 180 . ? 1_555 ? 
14 AC1 15 LEU A 195 ? LEU A 183 . ? 1_555 ? 
15 AC1 15 TRP A 219 ? TRP A 207 . ? 1_555 ? 
16 AC2 5  ASP A 166 ? ASP A 154 . ? 1_555 ? 
17 AC2 5  ARG A 169 ? ARG A 157 . ? 1_555 ? 
18 AC2 5  THR A 177 ? THR A 165 . ? 1_555 ? 
19 AC2 5  PRO A 179 ? PRO A 167 . ? 1_555 ? 
20 AC2 5  ALA A 180 ? ALA A 168 . ? 1_555 ? 
# 
loop_
_pdbx_validate_rmsd_angle.id 
_pdbx_validate_rmsd_angle.PDB_model_num 
_pdbx_validate_rmsd_angle.auth_atom_id_1 
_pdbx_validate_rmsd_angle.auth_asym_id_1 
_pdbx_validate_rmsd_angle.auth_comp_id_1 
_pdbx_validate_rmsd_angle.auth_seq_id_1 
_pdbx_validate_rmsd_angle.PDB_ins_code_1 
_pdbx_validate_rmsd_angle.label_alt_id_1 
_pdbx_validate_rmsd_angle.auth_atom_id_2 
_pdbx_validate_rmsd_angle.auth_asym_id_2 
_pdbx_validate_rmsd_angle.auth_comp_id_2 
_pdbx_validate_rmsd_angle.auth_seq_id_2 
_pdbx_validate_rmsd_angle.PDB_ins_code_2 
_pdbx_validate_rmsd_angle.label_alt_id_2 
_pdbx_validate_rmsd_angle.auth_atom_id_3 
_pdbx_validate_rmsd_angle.auth_asym_id_3 
_pdbx_validate_rmsd_angle.auth_comp_id_3 
_pdbx_validate_rmsd_angle.auth_seq_id_3 
_pdbx_validate_rmsd_angle.PDB_ins_code_3 
_pdbx_validate_rmsd_angle.label_alt_id_3 
_pdbx_validate_rmsd_angle.angle_value 
_pdbx_validate_rmsd_angle.angle_target_value 
_pdbx_validate_rmsd_angle.angle_deviation 
_pdbx_validate_rmsd_angle.angle_standard_deviation 
_pdbx_validate_rmsd_angle.linker_flag 
1 1 NE A ARG 104 ? ? CZ A ARG 104 ? ? NH1 A ARG 104 ? ? 116.70 120.30 -3.60 0.50 N 
2 1 NE A ARG 104 ? ? CZ A ARG 104 ? ? NH2 A ARG 104 ? ? 123.30 120.30 3.00  0.50 N 
# 
_pdbx_validate_torsion.id              1 
_pdbx_validate_torsion.PDB_model_num   1 
_pdbx_validate_torsion.auth_comp_id    THR 
_pdbx_validate_torsion.auth_asym_id    A 
_pdbx_validate_torsion.auth_seq_id     165 
_pdbx_validate_torsion.PDB_ins_code    ? 
_pdbx_validate_torsion.label_alt_id    ? 
_pdbx_validate_torsion.phi             -104.70 
_pdbx_validate_torsion.psi             -107.81 
# 
loop_
_pdbx_struct_special_symmetry.id 
_pdbx_struct_special_symmetry.PDB_model_num 
_pdbx_struct_special_symmetry.auth_asym_id 
_pdbx_struct_special_symmetry.auth_comp_id 
_pdbx_struct_special_symmetry.auth_seq_id 
_pdbx_struct_special_symmetry.PDB_ins_code 
_pdbx_struct_special_symmetry.label_asym_id 
_pdbx_struct_special_symmetry.label_comp_id 
_pdbx_struct_special_symmetry.label_seq_id 
1 1 A HOH 420 ? D HOH . 
2 1 A HOH 455 ? D HOH . 
# 
loop_
_pdbx_unobs_or_zero_occ_residues.id 
_pdbx_unobs_or_zero_occ_residues.PDB_model_num 
_pdbx_unobs_or_zero_occ_residues.polymer_flag 
_pdbx_unobs_or_zero_occ_residues.occupancy_flag 
_pdbx_unobs_or_zero_occ_residues.auth_asym_id 
_pdbx_unobs_or_zero_occ_residues.auth_comp_id 
_pdbx_unobs_or_zero_occ_residues.auth_seq_id 
_pdbx_unobs_or_zero_occ_residues.PDB_ins_code 
_pdbx_unobs_or_zero_occ_residues.label_asym_id 
_pdbx_unobs_or_zero_occ_residues.label_comp_id 
_pdbx_unobs_or_zero_occ_residues.label_seq_id 
1  1 Y 1 A MET -11 ? A MET 1   
2  1 Y 1 A THR -10 ? A THR 2   
3  1 Y 1 A THR -9  ? A THR 3   
4  1 Y 1 A SER -8  ? A SER 4   
5  1 Y 1 A ALA -7  ? A ALA 5   
6  1 Y 1 A ALA -6  ? A ALA 6   
7  1 Y 1 A SER -5  ? A SER 7   
8  1 Y 1 A GLN -4  ? A GLN 8   
9  1 Y 1 A ALA -3  ? A ALA 9   
10 1 Y 1 A SER -2  ? A SER 10  
11 1 Y 1 A LEU -1  ? A LEU 11  
12 1 Y 1 A PRO 0   ? A PRO 12  
13 1 Y 1 A MET 1   ? A MET 13  
14 1 Y 1 A THR 2   ? A THR 14  
15 1 Y 1 A THR 3   ? A THR 15  
16 1 Y 1 A SER 4   ? A SER 16  
17 1 Y 1 A ALA 5   ? A ALA 17  
18 1 Y 1 A ALA 6   ? A ALA 18  
19 1 Y 1 A SER 7   ? A SER 19  
20 1 Y 1 A GLN 8   ? A GLN 20  
21 1 Y 1 A ALA 9   ? A ALA 21  
22 1 Y 1 A SER 10  ? A SER 22  
23 1 Y 1 A LEU 11  ? A LEU 23  
24 1 Y 1 A PRO 12  ? A PRO 24  
25 1 Y 1 A ARG 13  ? A ARG 25  
26 1 Y 1 A GLY 14  ? A GLY 26  
27 1 Y 1 A ARG 15  ? A ARG 27  
28 1 Y 1 A ARG 16  ? A ARG 28  
29 1 Y 1 A THR 17  ? A THR 29  
30 1 Y 1 A ALA 18  ? A ALA 30  
31 1 Y 1 A ARG 19  ? A ARG 31  
32 1 Y 1 A PRO 20  ? A PRO 32  
33 1 Y 1 A SER 21  ? A SER 33  
34 1 Y 1 A GLY 22  ? A GLY 34  
35 1 Y 1 A ASP 23  ? A ASP 35  
36 1 Y 1 A ASN 215 ? A ASN 227 
37 1 Y 1 A ARG 216 ? A ARG 228 
# 
loop_
_chem_comp_atom.comp_id 
_chem_comp_atom.atom_id 
_chem_comp_atom.type_symbol 
_chem_comp_atom.pdbx_aromatic_flag 
_chem_comp_atom.pdbx_stereo_config 
_chem_comp_atom.pdbx_ordinal 
ALA N    N N N 1   
ALA CA   C N S 2   
ALA C    C N N 3   
ALA O    O N N 4   
ALA CB   C N N 5   
ALA OXT  O N N 6   
ALA H    H N N 7   
ALA H2   H N N 8   
ALA HA   H N N 9   
ALA HB1  H N N 10  
ALA HB2  H N N 11  
ALA HB3  H N N 12  
ALA HXT  H N N 13  
ARG N    N N N 14  
ARG CA   C N S 15  
ARG C    C N N 16  
ARG O    O N N 17  
ARG CB   C N N 18  
ARG CG   C N N 19  
ARG CD   C N N 20  
ARG NE   N N N 21  
ARG CZ   C N N 22  
ARG NH1  N N N 23  
ARG NH2  N N N 24  
ARG OXT  O N N 25  
ARG H    H N N 26  
ARG H2   H N N 27  
ARG HA   H N N 28  
ARG HB2  H N N 29  
ARG HB3  H N N 30  
ARG HG2  H N N 31  
ARG HG3  H N N 32  
ARG HD2  H N N 33  
ARG HD3  H N N 34  
ARG HE   H N N 35  
ARG HH11 H N N 36  
ARG HH12 H N N 37  
ARG HH21 H N N 38  
ARG HH22 H N N 39  
ARG HXT  H N N 40  
ASN N    N N N 41  
ASN CA   C N S 42  
ASN C    C N N 43  
ASN O    O N N 44  
ASN CB   C N N 45  
ASN CG   C N N 46  
ASN OD1  O N N 47  
ASN ND2  N N N 48  
ASN OXT  O N N 49  
ASN H    H N N 50  
ASN H2   H N N 51  
ASN HA   H N N 52  
ASN HB2  H N N 53  
ASN HB3  H N N 54  
ASN HD21 H N N 55  
ASN HD22 H N N 56  
ASN HXT  H N N 57  
ASP N    N N N 58  
ASP CA   C N S 59  
ASP C    C N N 60  
ASP O    O N N 61  
ASP CB   C N N 62  
ASP CG   C N N 63  
ASP OD1  O N N 64  
ASP OD2  O N N 65  
ASP OXT  O N N 66  
ASP H    H N N 67  
ASP H2   H N N 68  
ASP HA   H N N 69  
ASP HB2  H N N 70  
ASP HB3  H N N 71  
ASP HD2  H N N 72  
ASP HXT  H N N 73  
GGN C4   C Y N 74  
GGN C14  C Y N 75  
GGN C5   C Y N 76  
GGN C6   C Y N 77  
GGN C11  C Y N 78  
GGN C7   C Y N 79  
GGN C8   C Y N 80  
GGN C9   C Y N 81  
GGN C10  C Y N 82  
GGN C12  C Y N 83  
GGN C13  C Y N 84  
GGN N1   N Y N 85  
GGN N2   N Y N 86  
GGN C3   C N N 87  
GGN N3   N N N 88  
GGN C1   C N N 89  
GGN C2   C N N 90  
GGN S1   S Y N 91  
GGN C15  C Y N 92  
GGN C16  C Y N 93  
GGN C17  C Y N 94  
GGN C18  C N N 95  
GGN O1   O N N 96  
GGN C19  C N N 97  
GGN C20  C N N 98  
GGN C21  C N N 99  
GGN F1   F N N 100 
GGN F2   F N N 101 
GGN F3   F N N 102 
GGN H1   H N N 103 
GGN H2   H N N 104 
GGN H3   H N N 105 
GGN H4   H N N 106 
GGN H5   H N N 107 
GGN H6   H N N 108 
GGN H7   H N N 109 
GGN H8   H N N 110 
GGN H9   H N N 111 
GGN H10  H N N 112 
GGN H11  H N N 113 
GGN H12  H N N 114 
GGN H13  H N N 115 
GGN H14  H N N 116 
GGN H15  H N N 117 
GGN H16  H N N 118 
GGN H17  H N N 119 
GGN H18  H N N 120 
GGN H19  H N N 121 
GGN H20  H N N 122 
GLN N    N N N 123 
GLN CA   C N S 124 
GLN C    C N N 125 
GLN O    O N N 126 
GLN CB   C N N 127 
GLN CG   C N N 128 
GLN CD   C N N 129 
GLN OE1  O N N 130 
GLN NE2  N N N 131 
GLN OXT  O N N 132 
GLN H    H N N 133 
GLN H2   H N N 134 
GLN HA   H N N 135 
GLN HB2  H N N 136 
GLN HB3  H N N 137 
GLN HG2  H N N 138 
GLN HG3  H N N 139 
GLN HE21 H N N 140 
GLN HE22 H N N 141 
GLN HXT  H N N 142 
GLU N    N N N 143 
GLU CA   C N S 144 
GLU C    C N N 145 
GLU O    O N N 146 
GLU CB   C N N 147 
GLU CG   C N N 148 
GLU CD   C N N 149 
GLU OE1  O N N 150 
GLU OE2  O N N 151 
GLU OXT  O N N 152 
GLU H    H N N 153 
GLU H2   H N N 154 
GLU HA   H N N 155 
GLU HB2  H N N 156 
GLU HB3  H N N 157 
GLU HG2  H N N 158 
GLU HG3  H N N 159 
GLU HE2  H N N 160 
GLU HXT  H N N 161 
GLY N    N N N 162 
GLY CA   C N N 163 
GLY C    C N N 164 
GLY O    O N N 165 
GLY OXT  O N N 166 
GLY H    H N N 167 
GLY H2   H N N 168 
GLY HA2  H N N 169 
GLY HA3  H N N 170 
GLY HXT  H N N 171 
GOL C1   C N N 172 
GOL O1   O N N 173 
GOL C2   C N N 174 
GOL O2   O N N 175 
GOL C3   C N N 176 
GOL O3   O N N 177 
GOL H11  H N N 178 
GOL H12  H N N 179 
GOL HO1  H N N 180 
GOL H2   H N N 181 
GOL HO2  H N N 182 
GOL H31  H N N 183 
GOL H32  H N N 184 
GOL HO3  H N N 185 
HIS N    N N N 186 
HIS CA   C N S 187 
HIS C    C N N 188 
HIS O    O N N 189 
HIS CB   C N N 190 
HIS CG   C Y N 191 
HIS ND1  N Y N 192 
HIS CD2  C Y N 193 
HIS CE1  C Y N 194 
HIS NE2  N Y N 195 
HIS OXT  O N N 196 
HIS H    H N N 197 
HIS H2   H N N 198 
HIS HA   H N N 199 
HIS HB2  H N N 200 
HIS HB3  H N N 201 
HIS HD1  H N N 202 
HIS HD2  H N N 203 
HIS HE1  H N N 204 
HIS HE2  H N N 205 
HIS HXT  H N N 206 
HOH O    O N N 207 
HOH H1   H N N 208 
HOH H2   H N N 209 
ILE N    N N N 210 
ILE CA   C N S 211 
ILE C    C N N 212 
ILE O    O N N 213 
ILE CB   C N S 214 
ILE CG1  C N N 215 
ILE CG2  C N N 216 
ILE CD1  C N N 217 
ILE OXT  O N N 218 
ILE H    H N N 219 
ILE H2   H N N 220 
ILE HA   H N N 221 
ILE HB   H N N 222 
ILE HG12 H N N 223 
ILE HG13 H N N 224 
ILE HG21 H N N 225 
ILE HG22 H N N 226 
ILE HG23 H N N 227 
ILE HD11 H N N 228 
ILE HD12 H N N 229 
ILE HD13 H N N 230 
ILE HXT  H N N 231 
LEU N    N N N 232 
LEU CA   C N S 233 
LEU C    C N N 234 
LEU O    O N N 235 
LEU CB   C N N 236 
LEU CG   C N N 237 
LEU CD1  C N N 238 
LEU CD2  C N N 239 
LEU OXT  O N N 240 
LEU H    H N N 241 
LEU H2   H N N 242 
LEU HA   H N N 243 
LEU HB2  H N N 244 
LEU HB3  H N N 245 
LEU HG   H N N 246 
LEU HD11 H N N 247 
LEU HD12 H N N 248 
LEU HD13 H N N 249 
LEU HD21 H N N 250 
LEU HD22 H N N 251 
LEU HD23 H N N 252 
LEU HXT  H N N 253 
LYS N    N N N 254 
LYS CA   C N S 255 
LYS C    C N N 256 
LYS O    O N N 257 
LYS CB   C N N 258 
LYS CG   C N N 259 
LYS CD   C N N 260 
LYS CE   C N N 261 
LYS NZ   N N N 262 
LYS OXT  O N N 263 
LYS H    H N N 264 
LYS H2   H N N 265 
LYS HA   H N N 266 
LYS HB2  H N N 267 
LYS HB3  H N N 268 
LYS HG2  H N N 269 
LYS HG3  H N N 270 
LYS HD2  H N N 271 
LYS HD3  H N N 272 
LYS HE2  H N N 273 
LYS HE3  H N N 274 
LYS HZ1  H N N 275 
LYS HZ2  H N N 276 
LYS HZ3  H N N 277 
LYS HXT  H N N 278 
MET N    N N N 279 
MET CA   C N S 280 
MET C    C N N 281 
MET O    O N N 282 
MET CB   C N N 283 
MET CG   C N N 284 
MET SD   S N N 285 
MET CE   C N N 286 
MET OXT  O N N 287 
MET H    H N N 288 
MET H2   H N N 289 
MET HA   H N N 290 
MET HB2  H N N 291 
MET HB3  H N N 292 
MET HG2  H N N 293 
MET HG3  H N N 294 
MET HE1  H N N 295 
MET HE2  H N N 296 
MET HE3  H N N 297 
MET HXT  H N N 298 
PHE N    N N N 299 
PHE CA   C N S 300 
PHE C    C N N 301 
PHE O    O N N 302 
PHE CB   C N N 303 
PHE CG   C Y N 304 
PHE CD1  C Y N 305 
PHE CD2  C Y N 306 
PHE CE1  C Y N 307 
PHE CE2  C Y N 308 
PHE CZ   C Y N 309 
PHE OXT  O N N 310 
PHE H    H N N 311 
PHE H2   H N N 312 
PHE HA   H N N 313 
PHE HB2  H N N 314 
PHE HB3  H N N 315 
PHE HD1  H N N 316 
PHE HD2  H N N 317 
PHE HE1  H N N 318 
PHE HE2  H N N 319 
PHE HZ   H N N 320 
PHE HXT  H N N 321 
PRO N    N N N 322 
PRO CA   C N S 323 
PRO C    C N N 324 
PRO O    O N N 325 
PRO CB   C N N 326 
PRO CG   C N N 327 
PRO CD   C N N 328 
PRO OXT  O N N 329 
PRO H    H N N 330 
PRO HA   H N N 331 
PRO HB2  H N N 332 
PRO HB3  H N N 333 
PRO HG2  H N N 334 
PRO HG3  H N N 335 
PRO HD2  H N N 336 
PRO HD3  H N N 337 
PRO HXT  H N N 338 
SER N    N N N 339 
SER CA   C N S 340 
SER C    C N N 341 
SER O    O N N 342 
SER CB   C N N 343 
SER OG   O N N 344 
SER OXT  O N N 345 
SER H    H N N 346 
SER H2   H N N 347 
SER HA   H N N 348 
SER HB2  H N N 349 
SER HB3  H N N 350 
SER HG   H N N 351 
SER HXT  H N N 352 
THR N    N N N 353 
THR CA   C N S 354 
THR C    C N N 355 
THR O    O N N 356 
THR CB   C N R 357 
THR OG1  O N N 358 
THR CG2  C N N 359 
THR OXT  O N N 360 
THR H    H N N 361 
THR H2   H N N 362 
THR HA   H N N 363 
THR HB   H N N 364 
THR HG1  H N N 365 
THR HG21 H N N 366 
THR HG22 H N N 367 
THR HG23 H N N 368 
THR HXT  H N N 369 
TRP N    N N N 370 
TRP CA   C N S 371 
TRP C    C N N 372 
TRP O    O N N 373 
TRP CB   C N N 374 
TRP CG   C Y N 375 
TRP CD1  C Y N 376 
TRP CD2  C Y N 377 
TRP NE1  N Y N 378 
TRP CE2  C Y N 379 
TRP CE3  C Y N 380 
TRP CZ2  C Y N 381 
TRP CZ3  C Y N 382 
TRP CH2  C Y N 383 
TRP OXT  O N N 384 
TRP H    H N N 385 
TRP H2   H N N 386 
TRP HA   H N N 387 
TRP HB2  H N N 388 
TRP HB3  H N N 389 
TRP HD1  H N N 390 
TRP HE1  H N N 391 
TRP HE3  H N N 392 
TRP HZ2  H N N 393 
TRP HZ3  H N N 394 
TRP HH2  H N N 395 
TRP HXT  H N N 396 
TYR N    N N N 397 
TYR CA   C N S 398 
TYR C    C N N 399 
TYR O    O N N 400 
TYR CB   C N N 401 
TYR CG   C Y N 402 
TYR CD1  C Y N 403 
TYR CD2  C Y N 404 
TYR CE1  C Y N 405 
TYR CE2  C Y N 406 
TYR CZ   C Y N 407 
TYR OH   O N N 408 
TYR OXT  O N N 409 
TYR H    H N N 410 
TYR H2   H N N 411 
TYR HA   H N N 412 
TYR HB2  H N N 413 
TYR HB3  H N N 414 
TYR HD1  H N N 415 
TYR HD2  H N N 416 
TYR HE1  H N N 417 
TYR HE2  H N N 418 
TYR HH   H N N 419 
TYR HXT  H N N 420 
VAL N    N N N 421 
VAL CA   C N S 422 
VAL C    C N N 423 
VAL O    O N N 424 
VAL CB   C N N 425 
VAL CG1  C N N 426 
VAL CG2  C N N 427 
VAL OXT  O N N 428 
VAL H    H N N 429 
VAL H2   H N N 430 
VAL HA   H N N 431 
VAL HB   H N N 432 
VAL HG11 H N N 433 
VAL HG12 H N N 434 
VAL HG13 H N N 435 
VAL HG21 H N N 436 
VAL HG22 H N N 437 
VAL HG23 H N N 438 
VAL HXT  H N N 439 
# 
loop_
_chem_comp_bond.comp_id 
_chem_comp_bond.atom_id_1 
_chem_comp_bond.atom_id_2 
_chem_comp_bond.value_order 
_chem_comp_bond.pdbx_aromatic_flag 
_chem_comp_bond.pdbx_stereo_config 
_chem_comp_bond.pdbx_ordinal 
ALA N   CA   sing N N 1   
ALA N   H    sing N N 2   
ALA N   H2   sing N N 3   
ALA CA  C    sing N N 4   
ALA CA  CB   sing N N 5   
ALA CA  HA   sing N N 6   
ALA C   O    doub N N 7   
ALA C   OXT  sing N N 8   
ALA CB  HB1  sing N N 9   
ALA CB  HB2  sing N N 10  
ALA CB  HB3  sing N N 11  
ALA OXT HXT  sing N N 12  
ARG N   CA   sing N N 13  
ARG N   H    sing N N 14  
ARG N   H2   sing N N 15  
ARG CA  C    sing N N 16  
ARG CA  CB   sing N N 17  
ARG CA  HA   sing N N 18  
ARG C   O    doub N N 19  
ARG C   OXT  sing N N 20  
ARG CB  CG   sing N N 21  
ARG CB  HB2  sing N N 22  
ARG CB  HB3  sing N N 23  
ARG CG  CD   sing N N 24  
ARG CG  HG2  sing N N 25  
ARG CG  HG3  sing N N 26  
ARG CD  NE   sing N N 27  
ARG CD  HD2  sing N N 28  
ARG CD  HD3  sing N N 29  
ARG NE  CZ   sing N N 30  
ARG NE  HE   sing N N 31  
ARG CZ  NH1  sing N N 32  
ARG CZ  NH2  doub N N 33  
ARG NH1 HH11 sing N N 34  
ARG NH1 HH12 sing N N 35  
ARG NH2 HH21 sing N N 36  
ARG NH2 HH22 sing N N 37  
ARG OXT HXT  sing N N 38  
ASN N   CA   sing N N 39  
ASN N   H    sing N N 40  
ASN N   H2   sing N N 41  
ASN CA  C    sing N N 42  
ASN CA  CB   sing N N 43  
ASN CA  HA   sing N N 44  
ASN C   O    doub N N 45  
ASN C   OXT  sing N N 46  
ASN CB  CG   sing N N 47  
ASN CB  HB2  sing N N 48  
ASN CB  HB3  sing N N 49  
ASN CG  OD1  doub N N 50  
ASN CG  ND2  sing N N 51  
ASN ND2 HD21 sing N N 52  
ASN ND2 HD22 sing N N 53  
ASN OXT HXT  sing N N 54  
ASP N   CA   sing N N 55  
ASP N   H    sing N N 56  
ASP N   H2   sing N N 57  
ASP CA  C    sing N N 58  
ASP CA  CB   sing N N 59  
ASP CA  HA   sing N N 60  
ASP C   O    doub N N 61  
ASP C   OXT  sing N N 62  
ASP CB  CG   sing N N 63  
ASP CB  HB2  sing N N 64  
ASP CB  HB3  sing N N 65  
ASP CG  OD1  doub N N 66  
ASP CG  OD2  sing N N 67  
ASP OD2 HD2  sing N N 68  
ASP OXT HXT  sing N N 69  
GGN F1  C21  sing N N 70  
GGN O1  C18  doub N N 71  
GGN C21 F3   sing N N 72  
GGN C21 F2   sing N N 73  
GGN C21 C20  sing N N 74  
GGN C14 C13  doub Y N 75  
GGN C14 C15  sing Y N 76  
GGN C18 C15  sing N N 77  
GGN C18 N3   sing N N 78  
GGN C20 C19  sing N N 79  
GGN C19 N3   sing N N 80  
GGN C13 C12  sing Y N 81  
GGN C8  C7   doub Y N 82  
GGN C8  N1   sing Y N 83  
GGN C15 C16  doub Y N 84  
GGN C7  C6   sing Y N 85  
GGN N1  C4   doub Y N 86  
GGN N2  C10  sing Y N 87  
GGN N2  C9   doub Y N 88  
GGN C12 C10  sing N N 89  
GGN C12 C17  doub Y N 90  
GGN C16 C17  sing Y N 91  
GGN C6  C9   sing N N 92  
GGN C6  C5   doub Y N 93  
GGN C10 C11  doub Y N 94  
GGN C4  C5   sing Y N 95  
GGN C4  C3   sing N N 96  
GGN C9  S1   sing Y N 97  
GGN C3  C2   sing N N 98  
GGN C2  C1   sing N N 99  
GGN C11 S1   sing Y N 100 
GGN C14 H1   sing N N 101 
GGN C5  H2   sing N N 102 
GGN C11 H3   sing N N 103 
GGN C7  H4   sing N N 104 
GGN C8  H5   sing N N 105 
GGN C13 H6   sing N N 106 
GGN C3  H7   sing N N 107 
GGN C3  H8   sing N N 108 
GGN N3  H9   sing N N 109 
GGN C1  H10  sing N N 110 
GGN C1  H11  sing N N 111 
GGN C1  H12  sing N N 112 
GGN C2  H13  sing N N 113 
GGN C2  H14  sing N N 114 
GGN C16 H15  sing N N 115 
GGN C17 H16  sing N N 116 
GGN C19 H17  sing N N 117 
GGN C19 H18  sing N N 118 
GGN C20 H19  sing N N 119 
GGN C20 H20  sing N N 120 
GLN N   CA   sing N N 121 
GLN N   H    sing N N 122 
GLN N   H2   sing N N 123 
GLN CA  C    sing N N 124 
GLN CA  CB   sing N N 125 
GLN CA  HA   sing N N 126 
GLN C   O    doub N N 127 
GLN C   OXT  sing N N 128 
GLN CB  CG   sing N N 129 
GLN CB  HB2  sing N N 130 
GLN CB  HB3  sing N N 131 
GLN CG  CD   sing N N 132 
GLN CG  HG2  sing N N 133 
GLN CG  HG3  sing N N 134 
GLN CD  OE1  doub N N 135 
GLN CD  NE2  sing N N 136 
GLN NE2 HE21 sing N N 137 
GLN NE2 HE22 sing N N 138 
GLN OXT HXT  sing N N 139 
GLU N   CA   sing N N 140 
GLU N   H    sing N N 141 
GLU N   H2   sing N N 142 
GLU CA  C    sing N N 143 
GLU CA  CB   sing N N 144 
GLU CA  HA   sing N N 145 
GLU C   O    doub N N 146 
GLU C   OXT  sing N N 147 
GLU CB  CG   sing N N 148 
GLU CB  HB2  sing N N 149 
GLU CB  HB3  sing N N 150 
GLU CG  CD   sing N N 151 
GLU CG  HG2  sing N N 152 
GLU CG  HG3  sing N N 153 
GLU CD  OE1  doub N N 154 
GLU CD  OE2  sing N N 155 
GLU OE2 HE2  sing N N 156 
GLU OXT HXT  sing N N 157 
GLY N   CA   sing N N 158 
GLY N   H    sing N N 159 
GLY N   H2   sing N N 160 
GLY CA  C    sing N N 161 
GLY CA  HA2  sing N N 162 
GLY CA  HA3  sing N N 163 
GLY C   O    doub N N 164 
GLY C   OXT  sing N N 165 
GLY OXT HXT  sing N N 166 
GOL C1  O1   sing N N 167 
GOL C1  C2   sing N N 168 
GOL C1  H11  sing N N 169 
GOL C1  H12  sing N N 170 
GOL O1  HO1  sing N N 171 
GOL C2  O2   sing N N 172 
GOL C2  C3   sing N N 173 
GOL C2  H2   sing N N 174 
GOL O2  HO2  sing N N 175 
GOL C3  O3   sing N N 176 
GOL C3  H31  sing N N 177 
GOL C3  H32  sing N N 178 
GOL O3  HO3  sing N N 179 
HIS N   CA   sing N N 180 
HIS N   H    sing N N 181 
HIS N   H2   sing N N 182 
HIS CA  C    sing N N 183 
HIS CA  CB   sing N N 184 
HIS CA  HA   sing N N 185 
HIS C   O    doub N N 186 
HIS C   OXT  sing N N 187 
HIS CB  CG   sing N N 188 
HIS CB  HB2  sing N N 189 
HIS CB  HB3  sing N N 190 
HIS CG  ND1  sing Y N 191 
HIS CG  CD2  doub Y N 192 
HIS ND1 CE1  doub Y N 193 
HIS ND1 HD1  sing N N 194 
HIS CD2 NE2  sing Y N 195 
HIS CD2 HD2  sing N N 196 
HIS CE1 NE2  sing Y N 197 
HIS CE1 HE1  sing N N 198 
HIS NE2 HE2  sing N N 199 
HIS OXT HXT  sing N N 200 
HOH O   H1   sing N N 201 
HOH O   H2   sing N N 202 
ILE N   CA   sing N N 203 
ILE N   H    sing N N 204 
ILE N   H2   sing N N 205 
ILE CA  C    sing N N 206 
ILE CA  CB   sing N N 207 
ILE CA  HA   sing N N 208 
ILE C   O    doub N N 209 
ILE C   OXT  sing N N 210 
ILE CB  CG1  sing N N 211 
ILE CB  CG2  sing N N 212 
ILE CB  HB   sing N N 213 
ILE CG1 CD1  sing N N 214 
ILE CG1 HG12 sing N N 215 
ILE CG1 HG13 sing N N 216 
ILE CG2 HG21 sing N N 217 
ILE CG2 HG22 sing N N 218 
ILE CG2 HG23 sing N N 219 
ILE CD1 HD11 sing N N 220 
ILE CD1 HD12 sing N N 221 
ILE CD1 HD13 sing N N 222 
ILE OXT HXT  sing N N 223 
LEU N   CA   sing N N 224 
LEU N   H    sing N N 225 
LEU N   H2   sing N N 226 
LEU CA  C    sing N N 227 
LEU CA  CB   sing N N 228 
LEU CA  HA   sing N N 229 
LEU C   O    doub N N 230 
LEU C   OXT  sing N N 231 
LEU CB  CG   sing N N 232 
LEU CB  HB2  sing N N 233 
LEU CB  HB3  sing N N 234 
LEU CG  CD1  sing N N 235 
LEU CG  CD2  sing N N 236 
LEU CG  HG   sing N N 237 
LEU CD1 HD11 sing N N 238 
LEU CD1 HD12 sing N N 239 
LEU CD1 HD13 sing N N 240 
LEU CD2 HD21 sing N N 241 
LEU CD2 HD22 sing N N 242 
LEU CD2 HD23 sing N N 243 
LEU OXT HXT  sing N N 244 
LYS N   CA   sing N N 245 
LYS N   H    sing N N 246 
LYS N   H2   sing N N 247 
LYS CA  C    sing N N 248 
LYS CA  CB   sing N N 249 
LYS CA  HA   sing N N 250 
LYS C   O    doub N N 251 
LYS C   OXT  sing N N 252 
LYS CB  CG   sing N N 253 
LYS CB  HB2  sing N N 254 
LYS CB  HB3  sing N N 255 
LYS CG  CD   sing N N 256 
LYS CG  HG2  sing N N 257 
LYS CG  HG3  sing N N 258 
LYS CD  CE   sing N N 259 
LYS CD  HD2  sing N N 260 
LYS CD  HD3  sing N N 261 
LYS CE  NZ   sing N N 262 
LYS CE  HE2  sing N N 263 
LYS CE  HE3  sing N N 264 
LYS NZ  HZ1  sing N N 265 
LYS NZ  HZ2  sing N N 266 
LYS NZ  HZ3  sing N N 267 
LYS OXT HXT  sing N N 268 
MET N   CA   sing N N 269 
MET N   H    sing N N 270 
MET N   H2   sing N N 271 
MET CA  C    sing N N 272 
MET CA  CB   sing N N 273 
MET CA  HA   sing N N 274 
MET C   O    doub N N 275 
MET C   OXT  sing N N 276 
MET CB  CG   sing N N 277 
MET CB  HB2  sing N N 278 
MET CB  HB3  sing N N 279 
MET CG  SD   sing N N 280 
MET CG  HG2  sing N N 281 
MET CG  HG3  sing N N 282 
MET SD  CE   sing N N 283 
MET CE  HE1  sing N N 284 
MET CE  HE2  sing N N 285 
MET CE  HE3  sing N N 286 
MET OXT HXT  sing N N 287 
PHE N   CA   sing N N 288 
PHE N   H    sing N N 289 
PHE N   H2   sing N N 290 
PHE CA  C    sing N N 291 
PHE CA  CB   sing N N 292 
PHE CA  HA   sing N N 293 
PHE C   O    doub N N 294 
PHE C   OXT  sing N N 295 
PHE CB  CG   sing N N 296 
PHE CB  HB2  sing N N 297 
PHE CB  HB3  sing N N 298 
PHE CG  CD1  doub Y N 299 
PHE CG  CD2  sing Y N 300 
PHE CD1 CE1  sing Y N 301 
PHE CD1 HD1  sing N N 302 
PHE CD2 CE2  doub Y N 303 
PHE CD2 HD2  sing N N 304 
PHE CE1 CZ   doub Y N 305 
PHE CE1 HE1  sing N N 306 
PHE CE2 CZ   sing Y N 307 
PHE CE2 HE2  sing N N 308 
PHE CZ  HZ   sing N N 309 
PHE OXT HXT  sing N N 310 
PRO N   CA   sing N N 311 
PRO N   CD   sing N N 312 
PRO N   H    sing N N 313 
PRO CA  C    sing N N 314 
PRO CA  CB   sing N N 315 
PRO CA  HA   sing N N 316 
PRO C   O    doub N N 317 
PRO C   OXT  sing N N 318 
PRO CB  CG   sing N N 319 
PRO CB  HB2  sing N N 320 
PRO CB  HB3  sing N N 321 
PRO CG  CD   sing N N 322 
PRO CG  HG2  sing N N 323 
PRO CG  HG3  sing N N 324 
PRO CD  HD2  sing N N 325 
PRO CD  HD3  sing N N 326 
PRO OXT HXT  sing N N 327 
SER N   CA   sing N N 328 
SER N   H    sing N N 329 
SER N   H2   sing N N 330 
SER CA  C    sing N N 331 
SER CA  CB   sing N N 332 
SER CA  HA   sing N N 333 
SER C   O    doub N N 334 
SER C   OXT  sing N N 335 
SER CB  OG   sing N N 336 
SER CB  HB2  sing N N 337 
SER CB  HB3  sing N N 338 
SER OG  HG   sing N N 339 
SER OXT HXT  sing N N 340 
THR N   CA   sing N N 341 
THR N   H    sing N N 342 
THR N   H2   sing N N 343 
THR CA  C    sing N N 344 
THR CA  CB   sing N N 345 
THR CA  HA   sing N N 346 
THR C   O    doub N N 347 
THR C   OXT  sing N N 348 
THR CB  OG1  sing N N 349 
THR CB  CG2  sing N N 350 
THR CB  HB   sing N N 351 
THR OG1 HG1  sing N N 352 
THR CG2 HG21 sing N N 353 
THR CG2 HG22 sing N N 354 
THR CG2 HG23 sing N N 355 
THR OXT HXT  sing N N 356 
TRP N   CA   sing N N 357 
TRP N   H    sing N N 358 
TRP N   H2   sing N N 359 
TRP CA  C    sing N N 360 
TRP CA  CB   sing N N 361 
TRP CA  HA   sing N N 362 
TRP C   O    doub N N 363 
TRP C   OXT  sing N N 364 
TRP CB  CG   sing N N 365 
TRP CB  HB2  sing N N 366 
TRP CB  HB3  sing N N 367 
TRP CG  CD1  doub Y N 368 
TRP CG  CD2  sing Y N 369 
TRP CD1 NE1  sing Y N 370 
TRP CD1 HD1  sing N N 371 
TRP CD2 CE2  doub Y N 372 
TRP CD2 CE3  sing Y N 373 
TRP NE1 CE2  sing Y N 374 
TRP NE1 HE1  sing N N 375 
TRP CE2 CZ2  sing Y N 376 
TRP CE3 CZ3  doub Y N 377 
TRP CE3 HE3  sing N N 378 
TRP CZ2 CH2  doub Y N 379 
TRP CZ2 HZ2  sing N N 380 
TRP CZ3 CH2  sing Y N 381 
TRP CZ3 HZ3  sing N N 382 
TRP CH2 HH2  sing N N 383 
TRP OXT HXT  sing N N 384 
TYR N   CA   sing N N 385 
TYR N   H    sing N N 386 
TYR N   H2   sing N N 387 
TYR CA  C    sing N N 388 
TYR CA  CB   sing N N 389 
TYR CA  HA   sing N N 390 
TYR C   O    doub N N 391 
TYR C   OXT  sing N N 392 
TYR CB  CG   sing N N 393 
TYR CB  HB2  sing N N 394 
TYR CB  HB3  sing N N 395 
TYR CG  CD1  doub Y N 396 
TYR CG  CD2  sing Y N 397 
TYR CD1 CE1  sing Y N 398 
TYR CD1 HD1  sing N N 399 
TYR CD2 CE2  doub Y N 400 
TYR CD2 HD2  sing N N 401 
TYR CE1 CZ   doub Y N 402 
TYR CE1 HE1  sing N N 403 
TYR CE2 CZ   sing Y N 404 
TYR CE2 HE2  sing N N 405 
TYR CZ  OH   sing N N 406 
TYR OH  HH   sing N N 407 
TYR OXT HXT  sing N N 408 
VAL N   CA   sing N N 409 
VAL N   H    sing N N 410 
VAL N   H2   sing N N 411 
VAL CA  C    sing N N 412 
VAL CA  CB   sing N N 413 
VAL CA  HA   sing N N 414 
VAL C   O    doub N N 415 
VAL C   OXT  sing N N 416 
VAL CB  CG1  sing N N 417 
VAL CB  CG2  sing N N 418 
VAL CB  HB   sing N N 419 
VAL CG1 HG11 sing N N 420 
VAL CG1 HG12 sing N N 421 
VAL CG1 HG13 sing N N 422 
VAL CG2 HG21 sing N N 423 
VAL CG2 HG22 sing N N 424 
VAL CG2 HG23 sing N N 425 
VAL OXT HXT  sing N N 426 
# 
_pdbx_initial_refinement_model.id               1 
_pdbx_initial_refinement_model.entity_id_list   ? 
_pdbx_initial_refinement_model.type             'experimental model' 
_pdbx_initial_refinement_model.source_name      PDB 
_pdbx_initial_refinement_model.accession_code   1U9N 
_pdbx_initial_refinement_model.details          ? 
# 
_atom_sites.entry_id                    6HOA 
_atom_sites.fract_transf_matrix[1][1]   -0.00002997 
_atom_sites.fract_transf_matrix[1][2]   -0.00039589 
_atom_sites.fract_transf_matrix[1][3]   0.00819138 
_atom_sites.fract_transf_matrix[2][1]   -0.00525102 
_atom_sites.fract_transf_matrix[2][2]   0.00629302 
_atom_sites.fract_transf_matrix[2][3]   0.00028493 
_atom_sites.fract_transf_matrix[3][1]   -0.02275877 
_atom_sites.fract_transf_matrix[3][2]   -0.01894514 
_atom_sites.fract_transf_matrix[3][3]   -0.00099887 
_atom_sites.fract_transf_vector[1]      -0.287872 
_atom_sites.fract_transf_vector[2]      0.142901 
_atom_sites.fract_transf_vector[3]      -0.239157 
# 
loop_
_atom_type.symbol 
C 
F 
N 
O 
S 
# 
loop_
_atom_site.group_PDB 
_atom_site.id 
_atom_site.type_symbol 
_atom_site.label_atom_id 
_atom_site.label_alt_id 
_atom_site.label_comp_id 
_atom_site.label_asym_id 
_atom_site.label_entity_id 
_atom_site.label_seq_id 
_atom_site.pdbx_PDB_ins_code 
_atom_site.Cartn_x 
_atom_site.Cartn_y 
_atom_site.Cartn_z 
_atom_site.occupancy 
_atom_site.B_iso_or_equiv 
_atom_site.pdbx_formal_charge 
_atom_site.auth_seq_id 
_atom_site.auth_comp_id 
_atom_site.auth_asym_id 
_atom_site.auth_atom_id 
_atom_site.pdbx_PDB_model_num 
ATOM   1    N N   . ASP A 1 36  ? 1.303   0.117   -23.961 1.00 46.55 ? 24  ASP A N   1 
ATOM   2    C CA  . ASP A 1 36  ? 2.275   0.760   -24.913 1.00 49.67 ? 24  ASP A CA  1 
ATOM   3    C C   . ASP A 1 36  ? 2.061   2.283   -24.957 1.00 41.10 ? 24  ASP A C   1 
ATOM   4    O O   . ASP A 1 36  ? 2.787   3.015   -24.273 1.00 39.00 ? 24  ASP A O   1 
ATOM   5    C CB  . ASP A 1 36  ? 2.147   0.145   -26.302 1.00 57.76 ? 24  ASP A CB  1 
ATOM   6    C CG  . ASP A 1 36  ? 2.908   0.944   -27.345 1.00 70.47 ? 24  ASP A CG  1 
ATOM   7    O OD1 . ASP A 1 36  ? 3.935   1.561   -26.966 1.00 67.64 ? 24  ASP A OD1 1 
ATOM   8    O OD2 . ASP A 1 36  ? 2.454   0.968   -28.521 1.00 77.62 ? 24  ASP A OD2 1 
ATOM   9    N N   . ARG A 1 37  ? 1.088   2.776   -25.722 1.00 36.98 ? 25  ARG A N   1 
ATOM   10   C CA  . ARG A 1 37  ? 0.527   4.118   -25.447 1.00 36.44 ? 25  ARG A CA  1 
ATOM   11   C C   . ARG A 1 37  ? -0.165  4.061   -24.073 1.00 34.31 ? 25  ARG A C   1 
ATOM   12   O O   . ARG A 1 37  ? -0.170  5.106   -23.383 1.00 27.91 ? 25  ARG A O   1 
ATOM   13   C CB  . ARG A 1 37  ? -0.344  4.589   -26.614 1.00 40.86 ? 25  ARG A CB  1 
ATOM   14   C CG  . ARG A 1 37  ? 0.500   4.919   -27.838 1.00 44.55 ? 25  ARG A CG  1 
ATOM   15   C CD  . ARG A 1 37  ? -0.223  5.599   -28.978 1.00 52.26 ? 25  ARG A CD  1 
ATOM   16   N NE  . ARG A 1 37  ? -1.313  4.785   -29.488 1.00 57.29 ? 25  ARG A NE  1 
ATOM   17   C CZ  . ARG A 1 37  ? -2.156  5.144   -30.455 1.00 59.45 ? 25  ARG A CZ  1 
ATOM   18   N NH1 . ARG A 1 37  ? -2.056  6.329   -31.042 1.00 61.04 ? 25  ARG A NH1 1 
ATOM   19   N NH2 . ARG A 1 37  ? -3.111  4.305   -30.817 1.00 57.47 ? 25  ARG A NH2 1 
ATOM   20   N N   . GLU A 1 38  ? -0.677  2.887   -23.675 1.00 31.98 ? 26  GLU A N   1 
ATOM   21   C CA  . GLU A 1 38  ? -1.288  2.700   -22.330 1.00 32.07 ? 26  GLU A CA  1 
ATOM   22   C C   . GLU A 1 38  ? -0.209  2.930   -21.270 1.00 30.27 ? 26  GLU A C   1 
ATOM   23   O O   . GLU A 1 38  ? -0.446  3.719   -20.379 1.00 26.69 ? 26  GLU A O   1 
ATOM   24   C CB  . GLU A 1 38  ? -1.944  1.333   -22.149 1.00 33.75 ? 26  GLU A CB  1 
ATOM   25   C CG  . GLU A 1 38  ? -2.867  1.343   -20.945 1.00 40.40 ? 26  GLU A CG  1 
ATOM   26   C CD  . GLU A 1 38  ? -3.493  0.021   -20.539 1.00 46.79 ? 26  GLU A CD  1 
ATOM   27   O OE1 . GLU A 1 38  ? -3.826  -0.753  -21.438 1.00 49.06 ? 26  GLU A OE1 1 
ATOM   28   O OE2 . GLU A 1 38  ? -3.661  -0.203  -19.313 1.00 51.69 ? 26  GLU A OE2 1 
ATOM   29   N N   . LEU A 1 39  ? 0.948   2.288   -21.400 1.00 32.44 ? 27  LEU A N   1 
ATOM   30   C CA  . LEU A 1 39  ? 2.060   2.444   -20.433 1.00 31.90 ? 27  LEU A CA  1 
ATOM   31   C C   . LEU A 1 39  ? 2.528   3.906   -20.425 1.00 28.85 ? 27  LEU A C   1 
ATOM   32   O O   . LEU A 1 39  ? 2.830   4.436   -19.334 1.00 26.85 ? 27  LEU A O   1 
ATOM   33   C CB  . LEU A 1 39  ? 3.193   1.482   -20.797 1.00 35.92 ? 27  LEU A CB  1 
ATOM   34   C CG  . LEU A 1 39  ? 2.891   -0.012  -20.639 1.00 39.87 ? 27  LEU A CG  1 
ATOM   35   C CD1 . LEU A 1 39  ? 4.068   -0.853  -21.121 1.00 43.67 ? 27  LEU A CD1 1 
ATOM   36   C CD2 . LEU A 1 39  ? 2.552   -0.370  -19.196 1.00 40.50 ? 27  LEU A CD2 1 
ATOM   37   N N   . ALA A 1 40  ? 2.583   4.588   -21.574 1.00 28.84 ? 28  ALA A N   1 
ATOM   38   C CA  . ALA A 1 40  ? 2.938   6.023   -21.645 1.00 26.88 ? 28  ALA A CA  1 
ATOM   39   C C   . ALA A 1 40  ? 1.937   6.879   -20.871 1.00 23.04 ? 28  ALA A C   1 
ATOM   40   O O   . ALA A 1 40  ? 2.354   7.852   -20.228 1.00 24.09 ? 28  ALA A O   1 
ATOM   41   C CB  . ALA A 1 40  ? 2.988   6.505   -23.084 1.00 26.70 ? 28  ALA A CB  1 
ATOM   42   N N   . ILE A 1 41  ? 0.641   6.609   -20.994 1.00 20.82 ? 29  ILE A N   1 
ATOM   43   C CA  . ILE A 1 41  ? -0.377  7.403   -20.254 1.00 19.83 ? 29  ILE A CA  1 
ATOM   44   C C   . ILE A 1 41  ? -0.142  7.203   -18.735 1.00 18.10 ? 29  ILE A C   1 
ATOM   45   O O   . ILE A 1 41  ? -0.161  8.179   -18.004 1.00 18.59 ? 29  ILE A O   1 
ATOM   46   C CB  . ILE A 1 41  ? -1.793  6.976   -20.665 1.00 19.90 ? 29  ILE A CB  1 
ATOM   47   C CG1 . ILE A 1 41  ? -2.070  7.337   -22.140 1.00 19.11 ? 29  ILE A CG1 1 
ATOM   48   C CG2 . ILE A 1 41  ? -2.807  7.595   -19.723 1.00 20.82 ? 29  ILE A CG2 1 
ATOM   49   C CD1 . ILE A 1 41  ? -3.275  6.614   -22.710 1.00 19.69 ? 29  ILE A CD1 1 
ATOM   50   N N   . LEU A 1 42  ? 0.055   5.968   -18.321 1.00 19.66 ? 30  LEU A N   1 
ATOM   51   C CA  . LEU A 1 42  ? 0.243   5.646   -16.879 1.00 20.11 ? 30  LEU A CA  1 
ATOM   52   C C   . LEU A 1 42  ? 1.517   6.329   -16.358 1.00 21.35 ? 30  LEU A C   1 
ATOM   53   O O   . LEU A 1 42  ? 1.452   6.936   -15.306 1.00 22.56 ? 30  LEU A O   1 
ATOM   54   C CB  . LEU A 1 42  ? 0.351   4.132   -16.749 1.00 19.66 ? 30  LEU A CB  1 
ATOM   55   C CG  . LEU A 1 42  ? -0.950  3.377   -16.963 1.00 20.29 ? 30  LEU A CG  1 
ATOM   56   C CD1 . LEU A 1 42  ? -0.663  1.886   -17.113 1.00 23.38 ? 30  LEU A CD1 1 
ATOM   57   C CD2 . LEU A 1 42  ? -1.932  3.653   -15.837 1.00 21.25 ? 30  LEU A CD2 1 
ATOM   58   N N   . ALA A 1 43  ? 2.622   6.244   -17.097 1.00 21.94 ? 31  ALA A N   1 
ATOM   59   C CA  . ALA A 1 43  ? 3.916   6.855   -16.712 1.00 22.76 ? 31  ALA A CA  1 
ATOM   60   C C   . ALA A 1 43  ? 3.764   8.377   -16.646 1.00 22.87 ? 31  ALA A C   1 
ATOM   61   O O   . ALA A 1 43  ? 4.243   9.001   -15.659 1.00 23.84 ? 31  ALA A O   1 
ATOM   62   C CB  . ALA A 1 43  ? 5.011   6.418   -17.648 1.00 24.16 ? 31  ALA A CB  1 
ATOM   63   N N   . THR A 1 44  ? 3.097   9.003   -17.630 1.00 22.08 ? 32  THR A N   1 
ATOM   64   C CA  . THR A 1 44  ? 2.787   10.450  -17.601 1.00 22.09 ? 32  THR A CA  1 
ATOM   65   C C   . THR A 1 44  ? 2.016   10.799  -16.332 1.00 22.62 ? 32  THR A C   1 
ATOM   66   O O   . THR A 1 44  ? 2.370   11.766  -15.673 1.00 22.81 ? 32  THR A O   1 
ATOM   67   C CB  . THR A 1 44  ? 1.987   10.931  -18.821 1.00 22.22 ? 32  THR A CB  1 
ATOM   68   O OG1 . THR A 1 44  ? 2.829   10.637  -19.931 1.00 24.54 ? 32  THR A OG1 1 
ATOM   69   C CG2 . THR A 1 44  ? 1.643   12.395  -18.753 1.00 22.85 ? 32  THR A CG2 1 
ATOM   70   N N   . ALA A 1 45  ? 0.956   10.066  -16.019 1.00 20.99 ? 33  ALA A N   1 
ATOM   71   C CA  . ALA A 1 45  ? 0.107   10.375  -14.870 1.00 21.03 ? 33  ALA A CA  1 
ATOM   72   C C   . ALA A 1 45  ? 0.950   10.288  -13.574 1.00 19.95 ? 33  ALA A C   1 
ATOM   73   O O   . ALA A 1 45  ? 0.817   11.200  -12.759 1.00 20.40 ? 33  ALA A O   1 
ATOM   74   C CB  . ALA A 1 45  ? -1.058  9.437   -14.846 1.00 20.51 ? 33  ALA A CB  1 
ATOM   75   N N   . GLU A 1 46  ? 1.772   9.248   -13.446 1.00 20.49 ? 34  GLU A N   1 
ATOM   76   C CA  . GLU A 1 46  ? 2.594   9.040   -12.201 1.00 19.20 ? 34  GLU A CA  1 
ATOM   77   C C   . GLU A 1 46  ? 3.579   10.211  -12.087 1.00 23.80 ? 34  GLU A C   1 
ATOM   78   O O   . GLU A 1 46  ? 3.731   10.796  -10.979 1.00 22.02 ? 34  GLU A O   1 
ATOM   79   C CB  . GLU A 1 46  ? 3.288   7.698   -12.207 1.00 21.47 ? 34  GLU A CB  1 
ATOM   80   C CG  . GLU A 1 46  ? 4.122   7.480   -10.947 1.00 24.19 ? 34  GLU A CG  1 
ATOM   81   C CD  . GLU A 1 46  ? 4.383   6.030   -10.602 1.00 27.91 ? 34  GLU A CD  1 
ATOM   82   O OE1 . GLU A 1 46  ? 4.388   5.202   -11.519 1.00 27.99 ? 34  GLU A OE1 1 
ATOM   83   O OE2 . GLU A 1 46  ? 4.618   5.728   -9.415  1.00 23.01 ? 34  GLU A OE2 1 
ATOM   84   N N   . ASN A 1 47  ? 4.153   10.611  -13.215 1.00 24.79 ? 35  ASN A N   1 
ATOM   85   C CA  . ASN A 1 47  ? 5.066   11.779  -13.244 1.00 26.46 ? 35  ASN A CA  1 
ATOM   86   C C   . ASN A 1 47  ? 4.339   13.056  -12.836 1.00 26.07 ? 35  ASN A C   1 
ATOM   87   O O   . ASN A 1 47  ? 4.878   13.763  -11.979 1.00 28.51 ? 35  ASN A O   1 
ATOM   88   C CB  . ASN A 1 47  ? 5.780   11.900  -14.582 1.00 28.18 ? 35  ASN A CB  1 
ATOM   89   C CG  . ASN A 1 47  ? 7.181   11.384  -14.427 1.00 38.36 ? 35  ASN A CG  1 
ATOM   90   O OD1 . ASN A 1 47  ? 8.130   12.168  -14.456 1.00 54.29 ? 35  ASN A OD1 1 
ATOM   91   N ND2 . ASN A 1 47  ? 7.302   10.115  -14.082 1.00 43.65 ? 35  ASN A ND2 1 
ATOM   92   N N   . LEU A 1 48  ? 3.160   13.357  -13.382 1.00 23.59 ? 36  LEU A N   1 
ATOM   93   C CA  . LEU A 1 48  ? 2.452   14.630  -13.100 1.00 25.92 ? 36  LEU A CA  1 
ATOM   94   C C   . LEU A 1 48  ? 1.963   14.653  -11.649 1.00 26.18 ? 36  LEU A C   1 
ATOM   95   O O   . LEU A 1 48  ? 1.954   15.732  -11.025 1.00 26.06 ? 36  LEU A O   1 
ATOM   96   C CB  . LEU A 1 48  ? 1.328   14.837  -14.123 1.00 28.00 ? 36  LEU A CB  1 
ATOM   97   C CG  . LEU A 1 48  ? 1.815   15.070  -15.558 1.00 30.38 ? 36  LEU A CG  1 
ATOM   98   C CD1 . LEU A 1 48  ? 0.619   15.203  -16.499 1.00 30.24 ? 36  LEU A CD1 1 
ATOM   99   C CD2 . LEU A 1 48  ? 2.737   16.289  -15.648 1.00 33.07 ? 36  LEU A CD2 1 
ATOM   100  N N   . LEU A 1 49  ? 1.617   13.484  -11.104 1.00 25.50 ? 37  LEU A N   1 
ATOM   101  C CA  . LEU A 1 49  ? 1.089   13.398  -9.731  1.00 25.13 ? 37  LEU A CA  1 
ATOM   102  C C   . LEU A 1 49  ? 2.189   13.736  -8.722  1.00 24.25 ? 37  LEU A C   1 
ATOM   103  O O   . LEU A 1 49  ? 1.795   14.143  -7.648  1.00 25.38 ? 37  LEU A O   1 
ATOM   104  C CB  . LEU A 1 49  ? 0.497   12.013  -9.485  1.00 23.96 ? 37  LEU A CB  1 
ATOM   105  C CG  . LEU A 1 49  ? -0.890  11.802  -10.096 1.00 21.09 ? 37  LEU A CG  1 
ATOM   106  C CD1 . LEU A 1 49  ? -1.290  10.346  -10.065 1.00 21.73 ? 37  LEU A CD1 1 
ATOM   107  C CD2 . LEU A 1 49  ? -1.961  12.622  -9.407  1.00 22.64 ? 37  LEU A CD2 1 
ATOM   108  N N   . GLU A 1 50  ? 3.465   13.640  -9.084  1.00 26.01 ? 38  GLU A N   1 
ATOM   109  C CA  . GLU A 1 50  ? 4.611   14.101  -8.237  1.00 29.37 ? 38  GLU A CA  1 
ATOM   110  C C   . GLU A 1 50  ? 4.567   15.629  -8.071  1.00 36.52 ? 38  GLU A C   1 
ATOM   111  O O   . GLU A 1 50  ? 4.896   16.095  -6.991  1.00 37.96 ? 38  GLU A O   1 
ATOM   112  C CB  . GLU A 1 50  ? 5.909   13.551  -8.808  1.00 34.14 ? 38  GLU A CB  1 
ATOM   113  C CG  . GLU A 1 50  ? 5.998   12.061  -8.573  1.00 43.26 ? 38  GLU A CG  1 
ATOM   114  C CD  . GLU A 1 50  ? 6.883   11.260  -9.496  1.00 51.41 ? 38  GLU A CD  1 
ATOM   115  O OE1 . GLU A 1 50  ? 7.943   11.772  -9.890  1.00 53.67 ? 38  GLU A OE1 1 
ATOM   116  O OE2 . GLU A 1 50  ? 6.494   10.117  -9.811  1.00 59.25 ? 38  GLU A OE2 1 
ATOM   117  N N   . ASP A 1 51  ? 4.016   16.346  -9.057  1.00 43.34 ? 39  ASP A N   1 
ATOM   118  C CA  . ASP A 1 51  ? 3.949   17.830  -9.129  1.00 41.65 ? 39  ASP A CA  1 
ATOM   119  C C   . ASP A 1 51  ? 2.640   18.362  -8.556  1.00 36.55 ? 39  ASP A C   1 
ATOM   120  O O   . ASP A 1 51  ? 2.699   19.387  -7.918  1.00 38.04 ? 39  ASP A O   1 
ATOM   121  C CB  . ASP A 1 51  ? 4.127   18.289  -10.574 1.00 48.18 ? 39  ASP A CB  1 
ATOM   122  C CG  . ASP A 1 51  ? 5.495   17.891  -11.085 1.00 57.80 ? 39  ASP A CG  1 
ATOM   123  O OD1 . ASP A 1 51  ? 6.444   17.879  -10.251 1.00 55.14 ? 39  ASP A OD1 1 
ATOM   124  O OD2 . ASP A 1 51  ? 5.598   17.561  -12.286 1.00 69.34 ? 39  ASP A OD2 1 
ATOM   125  N N   . ARG A 1 52  ? 1.487   17.746  -8.814  1.00 34.37 ? 40  ARG A N   1 
ATOM   126  C CA  . ARG A 1 52  ? 0.187   18.337  -8.400  1.00 32.94 ? 40  ARG A CA  1 
ATOM   127  C C   . ARG A 1 52  ? -0.869  17.264  -8.243  1.00 31.47 ? 40  ARG A C   1 
ATOM   128  O O   . ARG A 1 52  ? -0.652  16.115  -8.637  1.00 29.52 ? 40  ARG A O   1 
ATOM   129  C CB  . ARG A 1 52  ? -0.309  19.395  -9.395  1.00 39.51 ? 40  ARG A CB  1 
ATOM   130  C CG  . ARG A 1 52  ? 0.002   19.107  -10.855 1.00 43.66 ? 40  ARG A CG  1 
ATOM   131  C CD  . ARG A 1 52  ? -0.340  20.344  -11.669 1.00 45.74 ? 40  ARG A CD  1 
ATOM   132  N NE  . ARG A 1 52  ? -0.759  19.969  -13.007 1.00 47.87 ? 40  ARG A NE  1 
ATOM   133  C CZ  . ARG A 1 52  ? 0.064   19.587  -13.973 1.00 47.91 ? 40  ARG A CZ  1 
ATOM   134  N NH1 . ARG A 1 52  ? 1.370   19.537  -13.766 1.00 44.91 ? 40  ARG A NH1 1 
ATOM   135  N NH2 . ARG A 1 52  ? -0.434  19.235  -15.144 1.00 46.89 ? 40  ARG A NH2 1 
ATOM   136  N N   . PRO A 1 53  ? -1.989  17.621  -7.589  1.00 31.67 ? 41  PRO A N   1 
ATOM   137  C CA  . PRO A 1 53  ? -3.086  16.694  -7.369  1.00 31.61 ? 41  PRO A CA  1 
ATOM   138  C C   . PRO A 1 53  ? -3.790  16.358  -8.690  1.00 32.20 ? 41  PRO A C   1 
ATOM   139  O O   . PRO A 1 53  ? -3.642  17.125  -9.642  1.00 30.83 ? 41  PRO A O   1 
ATOM   140  C CB  . PRO A 1 53  ? -3.997  17.433  -6.380  1.00 35.23 ? 41  PRO A CB  1 
ATOM   141  C CG  . PRO A 1 53  ? -3.673  18.892  -6.613  1.00 35.71 ? 41  PRO A CG  1 
ATOM   142  C CD  . PRO A 1 53  ? -2.193  18.906  -6.891  1.00 36.49 ? 41  PRO A CD  1 
ATOM   143  N N   . LEU A 1 54  ? -4.485  15.224  -8.712  1.00 30.51 ? 42  LEU A N   1 
ATOM   144  C CA  . LEU A 1 54  ? -5.269  14.770  -9.890  1.00 32.45 ? 42  LEU A CA  1 
ATOM   145  C C   . LEU A 1 54  ? -6.279  15.871  -10.286 1.00 32.30 ? 42  LEU A C   1 
ATOM   146  O O   . LEU A 1 54  ? -6.472  16.079  -11.485 1.00 31.09 ? 42  LEU A O   1 
ATOM   147  C CB  . LEU A 1 54  ? -5.992  13.461  -9.582  1.00 30.36 ? 42  LEU A CB  1 
ATOM   148  C CG  . LEU A 1 54  ? -6.640  12.834  -10.813 1.00 29.45 ? 42  LEU A CG  1 
ATOM   149  C CD1 . LEU A 1 54  ? -5.581  12.341  -11.772 1.00 28.01 ? 42  LEU A CD1 1 
ATOM   150  C CD2 . LEU A 1 54  ? -7.606  11.735  -10.442 1.00 31.46 ? 42  LEU A CD2 1 
ATOM   151  N N   . ALA A 1 55  ? -6.900  16.547  -9.318  1.00 35.39 ? 43  ALA A N   1 
ATOM   152  C CA  . ALA A 1 55  ? -7.748  17.745  -9.550  1.00 36.22 ? 43  ALA A CA  1 
ATOM   153  C C   . ALA A 1 55  ? -7.094  18.703  -10.551 1.00 36.73 ? 43  ALA A C   1 
ATOM   154  O O   . ALA A 1 55  ? -7.836  19.315  -11.333 1.00 41.39 ? 43  ALA A O   1 
ATOM   155  C CB  . ALA A 1 55  ? -8.000  18.468  -8.259  1.00 35.61 ? 43  ALA A CB  1 
ATOM   156  N N   . ASP A 1 56  ? -5.769  18.870  -10.525 1.00 35.78 ? 44  ASP A N   1 
ATOM   157  C CA  . ASP A 1 56  ? -5.072  19.905  -11.335 1.00 36.00 ? 44  ASP A CA  1 
ATOM   158  C C   . ASP A 1 56  ? -4.445  19.290  -12.576 1.00 33.94 ? 44  ASP A C   1 
ATOM   159  O O   . ASP A 1 56  ? -3.642  19.966  -13.209 1.00 33.75 ? 44  ASP A O   1 
ATOM   160  C CB  . ASP A 1 56  ? -3.974  20.626  -10.558 1.00 37.24 ? 44  ASP A CB  1 
ATOM   161  C CG  . ASP A 1 56  ? -4.463  21.433  -9.372  1.00 42.80 ? 44  ASP A CG  1 
ATOM   162  O OD1 . ASP A 1 56  ? -5.700  21.500  -9.141  1.00 45.86 ? 44  ASP A OD1 1 
ATOM   163  O OD2 . ASP A 1 56  ? -3.591  21.981  -8.678  1.00 47.59 ? 44  ASP A OD2 1 
ATOM   164  N N   . ILE A 1 57  ? -4.794  18.044  -12.907 1.00 31.59 ? 45  ILE A N   1 
ATOM   165  C CA  . ILE A 1 57  ? -4.284  17.340  -14.119 1.00 30.84 ? 45  ILE A CA  1 
ATOM   166  C C   . ILE A 1 57  ? -5.495  17.106  -15.023 1.00 28.32 ? 45  ILE A C   1 
ATOM   167  O O   . ILE A 1 57  ? -6.548  16.658  -14.530 1.00 31.76 ? 45  ILE A O   1 
ATOM   168  C CB  . ILE A 1 57  ? -3.541  16.028  -13.761 1.00 29.35 ? 45  ILE A CB  1 
ATOM   169  C CG1 . ILE A 1 57  ? -2.386  16.267  -12.777 1.00 28.76 ? 45  ILE A CG1 1 
ATOM   170  C CG2 . ILE A 1 57  ? -3.050  15.354  -15.034 1.00 30.03 ? 45  ILE A CG2 1 
ATOM   171  C CD1 . ILE A 1 57  ? -1.620  15.016  -12.332 1.00 27.54 ? 45  ILE A CD1 1 
ATOM   172  N N   . SER A 1 58  ? -5.390  17.525  -16.282 1.00 32.21 ? 46  SER A N   1 
ATOM   173  C CA  . SER A 1 58  ? -6.495  17.398  -17.262 1.00 29.32 ? 46  SER A CA  1 
ATOM   174  C C   . SER A 1 58  ? -6.237  16.151  -18.102 1.00 28.22 ? 46  SER A C   1 
ATOM   175  O O   . SER A 1 58  ? -5.069  15.716  -18.240 1.00 25.68 ? 46  SER A O   1 
ATOM   176  C CB  . SER A 1 58  ? -6.595  18.631  -18.137 1.00 27.10 ? 46  SER A CB  1 
ATOM   177  O OG  . SER A 1 58  ? -5.447  18.695  -18.942 1.00 30.86 ? 46  SER A OG  1 
ATOM   178  N N   . VAL A 1 59  ? -7.282  15.630  -18.736 1.00 27.12 ? 47  VAL A N   1 
ATOM   179  C CA  . VAL A 1 59  ? -7.075  14.583  -19.772 1.00 24.07 ? 47  VAL A CA  1 
ATOM   180  C C   . VAL A 1 59  ? -6.073  15.088  -20.831 1.00 23.44 ? 47  VAL A C   1 
ATOM   181  O O   . VAL A 1 59  ? -5.215  14.315  -21.258 1.00 25.41 ? 47  VAL A O   1 
ATOM   182  C CB  . VAL A 1 59  ? -8.436  14.159  -20.350 1.00 26.21 ? 47  VAL A CB  1 
ATOM   183  C CG1 . VAL A 1 59  ? -8.276  13.374  -21.636 1.00 27.24 ? 47  VAL A CG1 1 
ATOM   184  C CG2 . VAL A 1 59  ? -9.211  13.345  -19.321 1.00 26.86 ? 47  VAL A CG2 1 
ATOM   185  N N   . ASP A 1 60  ? -6.159  16.360  -21.230 1.00 28.82 ? 48  ASP A N   1 
ATOM   186  C CA  . ASP A 1 60  ? -5.249  16.950  -22.248 1.00 28.84 ? 48  ASP A CA  1 
ATOM   187  C C   . ASP A 1 60  ? -3.789  16.903  -21.765 1.00 25.60 ? 48  ASP A C   1 
ATOM   188  O O   . ASP A 1 60  ? -2.869  16.564  -22.586 1.00 26.13 ? 48  ASP A O   1 
ATOM   189  C CB  . ASP A 1 60  ? -5.709  18.365  -22.611 1.00 31.12 ? 48  ASP A CB  1 
ATOM   190  C CG  . ASP A 1 60  ? -6.993  18.412  -23.446 1.00 35.31 ? 48  ASP A CG  1 
ATOM   191  O OD1 . ASP A 1 60  ? -7.383  17.381  -24.024 1.00 32.97 ? 48  ASP A OD1 1 
ATOM   192  O OD2 . ASP A 1 60  ? -7.605  19.474  -23.498 1.00 36.68 ? 48  ASP A OD2 1 
ATOM   193  N N   . ASP A 1 61  ? -3.565  17.153  -20.467 1.00 29.84 ? 49  ASP A N   1 
ATOM   194  C CA  . ASP A 1 61  ? -2.222  17.016  -19.843 1.00 28.92 ? 49  ASP A CA  1 
ATOM   195  C C   . ASP A 1 61  ? -1.723  15.571  -20.034 1.00 26.08 ? 49  ASP A C   1 
ATOM   196  O O   . ASP A 1 61  ? -0.598  15.355  -20.428 1.00 25.08 ? 49  ASP A O   1 
ATOM   197  C CB  . ASP A 1 61  ? -2.240  17.414  -18.356 1.00 31.66 ? 49  ASP A CB  1 
ATOM   198  C CG  . ASP A 1 61  ? -2.531  18.875  -18.056 1.00 34.66 ? 49  ASP A CG  1 
ATOM   199  O OD1 . ASP A 1 61  ? -2.234  19.715  -18.918 1.00 37.97 ? 49  ASP A OD1 1 
ATOM   200  O OD2 . ASP A 1 61  ? -3.077  19.162  -16.974 1.00 35.53 ? 49  ASP A OD2 1 
ATOM   201  N N   . LEU A 1 62  ? -2.549  14.567  -19.770 1.00 24.71 ? 50  LEU A N   1 
ATOM   202  C CA  . LEU A 1 62  ? -2.102  13.154  -19.910 1.00 25.19 ? 50  LEU A CA  1 
ATOM   203  C C   . LEU A 1 62  ? -1.838  12.778  -21.365 1.00 22.96 ? 50  LEU A C   1 
ATOM   204  O O   . LEU A 1 62  ? -0.886  12.055  -21.662 1.00 21.38 ? 50  LEU A O   1 
ATOM   205  C CB  . LEU A 1 62  ? -3.201  12.271  -19.327 1.00 25.53 ? 50  LEU A CB  1 
ATOM   206  C CG  . LEU A 1 62  ? -3.431  12.438  -17.834 1.00 25.65 ? 50  LEU A CG  1 
ATOM   207  C CD1 . LEU A 1 62  ? -4.602  11.590  -17.395 1.00 26.43 ? 50  LEU A CD1 1 
ATOM   208  C CD2 . LEU A 1 62  ? -2.184  12.052  -17.066 1.00 27.99 ? 50  LEU A CD2 1 
ATOM   209  N N   . ALA A 1 63  ? -2.738  13.196  -22.270 1.00 25.87 ? 51  ALA A N   1 
ATOM   210  C CA  . ALA A 1 63  ? -2.577  12.916  -23.718 1.00 23.62 ? 51  ALA A CA  1 
ATOM   211  C C   . ALA A 1 63  ? -1.264  13.535  -24.191 1.00 22.32 ? 51  ALA A C   1 
ATOM   212  O O   . ALA A 1 63  ? -0.430  12.797  -24.780 1.00 24.44 ? 51  ALA A O   1 
ATOM   213  C CB  . ALA A 1 63  ? -3.766  13.467  -24.469 1.00 22.55 ? 51  ALA A CB  1 
ATOM   214  N N   . LYS A 1 64  ? -1.110  14.824  -23.887 1.00 28.04 ? 52  LYS A N   1 
ATOM   215  C CA  . LYS A 1 64  ? 0.066   15.659  -24.265 1.00 32.14 ? 52  LYS A CA  1 
ATOM   216  C C   . LYS A 1 64  ? 1.309   14.918  -23.783 1.00 31.78 ? 52  LYS A C   1 
ATOM   217  O O   . LYS A 1 64  ? 2.150   14.567  -24.603 1.00 28.99 ? 52  LYS A O   1 
ATOM   218  C CB  . LYS A 1 64  ? -0.185  17.048  -23.675 1.00 37.22 ? 52  LYS A CB  1 
ATOM   219  C CG  . LYS A 1 64  ? 0.785   18.172  -24.019 1.00 45.47 ? 52  LYS A CG  1 
ATOM   220  C CD  . LYS A 1 64  ? 0.188   19.534  -23.657 1.00 49.82 ? 52  LYS A CD  1 
ATOM   221  C CE  . LYS A 1 64  ? 1.118   20.422  -22.862 1.00 54.44 ? 52  LYS A CE  1 
ATOM   222  N NZ  . LYS A 1 64  ? 2.102   21.091  -23.744 1.00 51.30 ? 52  LYS A NZ  1 
ATOM   223  N N   . GLY A 1 65  ? 1.364   14.558  -22.495 1.00 33.81 ? 53  GLY A N   1 
ATOM   224  C CA  . GLY A 1 65  ? 2.533   13.840  -21.957 1.00 30.40 ? 53  GLY A CA  1 
ATOM   225  C C   . GLY A 1 65  ? 2.787   12.547  -22.673 1.00 27.84 ? 53  GLY A C   1 
ATOM   226  O O   . GLY A 1 65  ? 3.939   12.144  -22.793 1.00 30.88 ? 53  GLY A O   1 
ATOM   227  N N   . ALA A 1 66  ? 1.744   11.826  -23.103 1.00 26.40 ? 54  ALA A N   1 
ATOM   228  C CA  . ALA A 1 66  ? 1.891   10.479  -23.710 1.00 24.72 ? 54  ALA A CA  1 
ATOM   229  C C   . ALA A 1 66  ? 2.066   10.562  -25.231 1.00 25.91 ? 54  ALA A C   1 
ATOM   230  O O   . ALA A 1 66  ? 2.213   9.520   -25.857 1.00 29.63 ? 54  ALA A O   1 
ATOM   231  C CB  . ALA A 1 66  ? 0.663   9.644   -23.366 1.00 28.36 ? 54  ALA A CB  1 
ATOM   232  N N   . GLY A 1 67  ? 1.993   11.758  -25.790 1.00 28.92 ? 55  GLY A N   1 
ATOM   233  C CA  . GLY A 1 67  ? 2.248   11.972  -27.228 1.00 29.50 ? 55  GLY A CA  1 
ATOM   234  C C   . GLY A 1 67  ? 1.067   11.525  -28.076 1.00 27.78 ? 55  GLY A C   1 
ATOM   235  O O   . GLY A 1 67  ? 1.281   11.108  -29.218 1.00 30.43 ? 55  GLY A O   1 
ATOM   236  N N   . ILE A 1 68  ? -0.125  11.543  -27.498 1.00 27.52 ? 56  ILE A N   1 
ATOM   237  C CA  . ILE A 1 68  ? -1.390  11.162  -28.201 1.00 25.40 ? 56  ILE A CA  1 
ATOM   238  C C   . ILE A 1 68  ? -2.385  12.304  -28.176 1.00 22.72 ? 56  ILE A C   1 
ATOM   239  O O   . ILE A 1 68  ? -2.233  13.263  -27.422 1.00 23.08 ? 56  ILE A O   1 
ATOM   240  C CB  . ILE A 1 68  ? -1.991  9.870   -27.602 1.00 24.39 ? 56  ILE A CB  1 
ATOM   241  C CG1 . ILE A 1 68  ? -2.373  10.042  -26.127 1.00 25.27 ? 56  ILE A CG1 1 
ATOM   242  C CG2 . ILE A 1 68  ? -1.049  8.705   -27.852 1.00 26.28 ? 56  ILE A CG2 1 
ATOM   243  C CD1 . ILE A 1 68  ? -2.976  8.797   -25.477 1.00 23.72 ? 56  ILE A CD1 1 
ATOM   244  N N   . SER A 1 69  ? -3.494  12.183  -28.941 1.00 20.43 ? 57  SER A N   1 
ATOM   245  C CA  . SER A 1 69  ? -4.591  13.175  -28.885 1.00 20.67 ? 57  SER A CA  1 
ATOM   246  C C   . SER A 1 69  ? -5.534  12.856  -27.725 1.00 20.13 ? 57  SER A C   1 
ATOM   247  O O   . SER A 1 69  ? -5.537  11.671  -27.257 1.00 20.07 ? 57  SER A O   1 
ATOM   248  C CB  . SER A 1 69  ? -5.374  13.177  -30.192 1.00 20.36 ? 57  SER A CB  1 
ATOM   249  O OG  . SER A 1 69  ? -6.022  11.932  -30.349 1.00 16.92 ? 57  SER A OG  1 
ATOM   250  N N   . ARG A 1 70  ? -6.417  13.790  -27.385 1.00 19.60 ? 58  ARG A N   1 
ATOM   251  C CA  . ARG A 1 70  ? -7.498  13.590  -26.417 1.00 20.63 ? 58  ARG A CA  1 
ATOM   252  C C   . ARG A 1 70  ? -8.369  12.405  -26.824 1.00 20.41 ? 58  ARG A C   1 
ATOM   253  O O   . ARG A 1 70  ? -8.639  11.546  -25.991 1.00 18.91 ? 58  ARG A O   1 
ATOM   254  C CB  . ARG A 1 70  ? -8.327  14.856  -26.214 1.00 23.59 ? 58  ARG A CB  1 
ATOM   255  C CG  . ARG A 1 70  ? -9.477  14.681  -25.232 1.00 25.05 ? 58  ARG A CG  1 
ATOM   256  C CD  . ARG A 1 70  ? -10.591 15.703  -25.297 1.00 29.43 ? 58  ARG A CD  1 
ATOM   257  N NE  . ARG A 1 70  ? -10.065 17.019  -25.060 1.00 32.11 ? 58  ARG A NE  1 
ATOM   258  C CZ  . ARG A 1 70  ? -10.710 18.158  -25.330 1.00 39.07 ? 58  ARG A CZ  1 
ATOM   259  N NH1 . ARG A 1 70  ? -10.137 19.316  -25.048 1.00 38.07 ? 58  ARG A NH1 1 
ATOM   260  N NH2 . ARG A 1 70  ? -11.917 18.152  -25.872 1.00 39.94 ? 58  ARG A NH2 1 
ATOM   261  N N   . PRO A 1 71  ? -8.914  12.307  -28.075 1.00 17.42 ? 59  PRO A N   1 
ATOM   262  C CA  . PRO A 1 71  ? -9.791  11.181  -28.336 1.00 16.64 ? 59  PRO A CA  1 
ATOM   263  C C   . PRO A 1 71  ? -8.998  9.877   -28.287 1.00 14.28 ? 59  PRO A C   1 
ATOM   264  O O   . PRO A 1 71  ? -9.589  8.855   -27.987 1.00 16.24 ? 59  PRO A O   1 
ATOM   265  C CB  . PRO A 1 71  ? -10.384 11.489  -29.739 1.00 16.41 ? 59  PRO A CB  1 
ATOM   266  C CG  . PRO A 1 71  ? -9.443  12.498  -30.332 1.00 15.69 ? 59  PRO A CG  1 
ATOM   267  C CD  . PRO A 1 71  ? -8.940  13.309  -29.150 1.00 19.22 ? 59  PRO A CD  1 
ATOM   268  N N   . THR A 1 72  ? -7.714  9.890   -28.642 1.00 16.29 ? 60  THR A N   1 
ATOM   269  C CA  . THR A 1 72  ? -6.908  8.641   -28.600 1.00 16.20 ? 60  THR A CA  1 
ATOM   270  C C   . THR A 1 72  ? -6.804  8.230   -27.131 1.00 16.36 ? 60  THR A C   1 
ATOM   271  O O   . THR A 1 72  ? -6.929  7.036   -26.874 1.00 17.94 ? 60  THR A O   1 
ATOM   272  C CB  . THR A 1 72  ? -5.550  8.777   -29.278 1.00 16.99 ? 60  THR A CB  1 
ATOM   273  O OG1 . THR A 1 72  ? -5.815  8.957   -30.674 1.00 16.65 ? 60  THR A OG1 1 
ATOM   274  C CG2 . THR A 1 72  ? -4.688  7.543   -29.111 1.00 18.17 ? 60  THR A CG2 1 
ATOM   275  N N   . PHE A 1 73  ? -6.634  9.191   -26.231 1.00 16.98 ? 61  PHE A N   1 
ATOM   276  C CA  . PHE A 1 73  ? -6.644  8.897   -24.759 1.00 16.96 ? 61  PHE A CA  1 
ATOM   277  C C   . PHE A 1 73  ? -7.904  8.106   -24.380 1.00 19.81 ? 61  PHE A C   1 
ATOM   278  O O   . PHE A 1 73  ? -7.821  7.064   -23.691 1.00 20.37 ? 61  PHE A O   1 
ATOM   279  C CB  . PHE A 1 73  ? -6.543  10.183  -23.944 1.00 18.62 ? 61  PHE A CB  1 
ATOM   280  C CG  . PHE A 1 73  ? -6.776  9.962   -22.469 1.00 18.71 ? 61  PHE A CG  1 
ATOM   281  C CD1 . PHE A 1 73  ? -8.056  9.935   -21.956 1.00 18.25 ? 61  PHE A CD1 1 
ATOM   282  C CD2 . PHE A 1 73  ? -5.701  9.767   -21.613 1.00 21.89 ? 61  PHE A CD2 1 
ATOM   283  C CE1 . PHE A 1 73  ? -8.293  9.685   -20.605 1.00 22.11 ? 61  PHE A CE1 1 
ATOM   284  C CE2 . PHE A 1 73  ? -5.929  9.522   -20.264 1.00 21.25 ? 61  PHE A CE2 1 
ATOM   285  C CZ  . PHE A 1 73  ? -7.213  9.472   -19.759 1.00 21.50 ? 61  PHE A CZ  1 
ATOM   286  N N   . TYR A 1 74  ? -9.073  8.538   -24.865 1.00 20.07 ? 62  TYR A N   1 
ATOM   287  C CA  . TYR A 1 74  ? -10.380 7.954   -24.462 1.00 22.06 ? 62  TYR A CA  1 
ATOM   288  C C   . TYR A 1 74  ? -10.565 6.554   -25.034 1.00 22.63 ? 62  TYR A C   1 
ATOM   289  O O   . TYR A 1 74  ? -11.468 5.799   -24.599 1.00 24.11 ? 62  TYR A O   1 
ATOM   290  C CB  . TYR A 1 74  ? -11.498 8.887   -24.877 1.00 21.31 ? 62  TYR A CB  1 
ATOM   291  C CG  . TYR A 1 74  ? -11.675 10.053  -23.968 1.00 22.18 ? 62  TYR A CG  1 
ATOM   292  C CD1 . TYR A 1 74  ? -11.810 9.860   -22.597 1.00 20.60 ? 62  TYR A CD1 1 
ATOM   293  C CD2 . TYR A 1 74  ? -11.753 11.344  -24.438 1.00 23.10 ? 62  TYR A CD2 1 
ATOM   294  C CE1 . TYR A 1 74  ? -12.027 10.919  -21.751 1.00 22.05 ? 62  TYR A CE1 1 
ATOM   295  C CE2 . TYR A 1 74  ? -12.006 12.411  -23.599 1.00 26.58 ? 62  TYR A CE2 1 
ATOM   296  C CZ  . TYR A 1 74  ? -12.084 12.200  -22.237 1.00 22.89 ? 62  TYR A CZ  1 
ATOM   297  O OH  . TYR A 1 74  ? -12.307 13.280  -21.450 1.00 29.22 ? 62  TYR A OH  1 
ATOM   298  N N   . PHE A 1 75  ? -9.729  6.171   -25.980 1.00 22.34 ? 63  PHE A N   1 
ATOM   299  C CA  . PHE A 1 75  ? -9.671  4.805   -26.488 1.00 23.09 ? 63  PHE A CA  1 
ATOM   300  C C   . PHE A 1 75  ? -9.079  3.877   -25.424 1.00 26.85 ? 63  PHE A C   1 
ATOM   301  O O   . PHE A 1 75  ? -9.526  2.718   -25.333 1.00 24.31 ? 63  PHE A O   1 
ATOM   302  C CB  . PHE A 1 75  ? -8.923  4.737   -27.805 1.00 24.54 ? 63  PHE A CB  1 
ATOM   303  C CG  . PHE A 1 75  ? -8.916  3.344   -28.340 1.00 25.33 ? 63  PHE A CG  1 
ATOM   304  C CD1 . PHE A 1 75  ? -10.044 2.833   -28.974 1.00 26.64 ? 63  PHE A CD1 1 
ATOM   305  C CD2 . PHE A 1 75  ? -7.806  2.546   -28.194 1.00 26.22 ? 63  PHE A CD2 1 
ATOM   306  C CE1 . PHE A 1 75  ? -10.046 1.534   -29.446 1.00 28.01 ? 63  PHE A CE1 1 
ATOM   307  C CE2 . PHE A 1 75  ? -7.801  1.254   -28.687 1.00 30.07 ? 63  PHE A CE2 1 
ATOM   308  C CZ  . PHE A 1 75  ? -8.913  0.756   -29.326 1.00 29.70 ? 63  PHE A CZ  1 
ATOM   309  N N   . TYR A 1 76  ? -8.151  4.388   -24.605 1.00 22.62 ? 64  TYR A N   1 
ATOM   310  C CA  . TYR A 1 76  ? -7.400  3.595   -23.596 1.00 21.99 ? 64  TYR A CA  1 
ATOM   311  C C   . TYR A 1 76  ? -8.056  3.690   -22.208 1.00 21.94 ? 64  TYR A C   1 
ATOM   312  O O   . TYR A 1 76  ? -8.051  2.691   -21.469 1.00 22.76 ? 64  TYR A O   1 
ATOM   313  C CB  . TYR A 1 76  ? -5.950  4.081   -23.537 1.00 21.76 ? 64  TYR A CB  1 
ATOM   314  C CG  . TYR A 1 76  ? -5.196  3.670   -24.756 1.00 22.89 ? 64  TYR A CG  1 
ATOM   315  C CD1 . TYR A 1 76  ? -4.815  2.350   -24.938 1.00 27.08 ? 64  TYR A CD1 1 
ATOM   316  C CD2 . TYR A 1 76  ? -4.997  4.548   -25.795 1.00 23.04 ? 64  TYR A CD2 1 
ATOM   317  C CE1 . TYR A 1 76  ? -4.187  1.927   -26.097 1.00 27.94 ? 64  TYR A CE1 1 
ATOM   318  C CE2 . TYR A 1 76  ? -4.350  4.152   -26.948 1.00 26.30 ? 64  TYR A CE2 1 
ATOM   319  C CZ  . TYR A 1 76  ? -3.938  2.844   -27.103 1.00 27.55 ? 64  TYR A CZ  1 
ATOM   320  O OH  . TYR A 1 76  ? -3.330  2.496   -28.273 1.00 33.64 ? 64  TYR A OH  1 
ATOM   321  N N   . PHE A 1 77  ? -8.589  4.832   -21.832 1.00 21.05 ? 65  PHE A N   1 
ATOM   322  C CA  . PHE A 1 77  ? -9.137  5.020   -20.473 1.00 21.24 ? 65  PHE A CA  1 
ATOM   323  C C   . PHE A 1 77  ? -10.367 5.873   -20.578 1.00 22.35 ? 65  PHE A C   1 
ATOM   324  O O   . PHE A 1 77  ? -10.396 6.816   -21.378 1.00 23.04 ? 65  PHE A O   1 
ATOM   325  C CB  . PHE A 1 77  ? -8.150  5.734   -19.552 1.00 21.49 ? 65  PHE A CB  1 
ATOM   326  C CG  . PHE A 1 77  ? -6.936  4.908   -19.250 1.00 19.73 ? 65  PHE A CG  1 
ATOM   327  C CD1 . PHE A 1 77  ? -6.925  4.064   -18.144 1.00 19.48 ? 65  PHE A CD1 1 
ATOM   328  C CD2 . PHE A 1 77  ? -5.755  5.069   -19.958 1.00 20.02 ? 65  PHE A CD2 1 
ATOM   329  C CE1 . PHE A 1 77  ? -5.814  3.304   -17.851 1.00 19.63 ? 65  PHE A CE1 1 
ATOM   330  C CE2 . PHE A 1 77  ? -4.645  4.296   -19.677 1.00 22.35 ? 65  PHE A CE2 1 
ATOM   331  C CZ  . PHE A 1 77  ? -4.668  3.420   -18.615 1.00 21.02 ? 65  PHE A CZ  1 
ATOM   332  N N   . PRO A 1 78  ? -11.419 5.551   -19.802 1.00 21.61 ? 66  PRO A N   1 
ATOM   333  C CA  . PRO A 1 78  ? -12.623 6.380   -19.835 1.00 22.21 ? 66  PRO A CA  1 
ATOM   334  C C   . PRO A 1 78  ? -12.506 7.767   -19.223 1.00 22.54 ? 66  PRO A C   1 
ATOM   335  O O   . PRO A 1 78  ? -13.353 8.565   -19.463 1.00 25.83 ? 66  PRO A O   1 
ATOM   336  C CB  . PRO A 1 78  ? -13.655 5.497   -19.124 1.00 24.28 ? 66  PRO A CB  1 
ATOM   337  C CG  . PRO A 1 78  ? -12.833 4.623   -18.214 1.00 22.95 ? 66  PRO A CG  1 
ATOM   338  C CD  . PRO A 1 78  ? -11.569 4.332   -18.987 1.00 20.96 ? 66  PRO A CD  1 
ATOM   339  N N   . SER A 1 79  ? -11.497 8.007   -18.368 1.00 23.59 ? 67  SER A N   1 
ATOM   340  C CA  . SER A 1 79  ? -11.393 9.226   -17.533 1.00 24.26 ? 67  SER A CA  1 
ATOM   341  C C   . SER A 1 79  ? -9.995  9.293   -16.886 1.00 24.01 ? 67  SER A C   1 
ATOM   342  O O   . SER A 1 79  ? -9.310  8.268   -16.885 1.00 21.07 ? 67  SER A O   1 
ATOM   343  C CB  . SER A 1 79  ? -12.427 9.188   -16.459 1.00 26.43 ? 67  SER A CB  1 
ATOM   344  O OG  . SER A 1 79  ? -12.183 8.089   -15.600 1.00 25.34 ? 67  SER A OG  1 
ATOM   345  N N   . LYS A 1 80  ? -9.623  10.440  -16.341 1.00 24.57 ? 68  LYS A N   1 
ATOM   346  C CA  . LYS A 1 80  ? -8.331  10.553  -15.618 1.00 25.03 ? 68  LYS A CA  1 
ATOM   347  C C   . LYS A 1 80  ? -8.451  9.752   -14.309 1.00 25.14 ? 68  LYS A C   1 
ATOM   348  O O   . LYS A 1 80  ? -7.427  9.154   -13.884 1.00 23.86 ? 68  LYS A O   1 
ATOM   349  C CB  . LYS A 1 80  ? -7.940  12.015  -15.410 1.00 28.13 ? 68  LYS A CB  1 
ATOM   350  C CG  . LYS A 1 80  ? -8.798  12.771  -14.416 1.00 32.32 ? 68  LYS A CG  1 
ATOM   351  C CD  . LYS A 1 80  ? -8.403  14.223  -14.285 1.00 34.53 ? 68  LYS A CD  1 
ATOM   352  C CE  . LYS A 1 80  ? -9.272  14.913  -13.260 1.00 36.64 ? 68  LYS A CE  1 
ATOM   353  N NZ  . LYS A 1 80  ? -9.053  16.373  -13.248 1.00 39.07 ? 68  LYS A NZ  1 
ATOM   354  N N   . GLU A 1 81  ? -9.656  9.676   -13.741 1.00 24.12 ? 69  GLU A N   1 
ATOM   355  C CA  . GLU A 1 81  ? -9.932  8.917   -12.483 1.00 24.91 ? 69  GLU A CA  1 
ATOM   356  C C   . GLU A 1 81  ? -9.608  7.449   -12.736 1.00 24.34 ? 69  GLU A C   1 
ATOM   357  O O   . GLU A 1 81  ? -8.992  6.789   -11.861 1.00 22.90 ? 69  GLU A O   1 
ATOM   358  C CB  . GLU A 1 81  ? -11.376 9.111   -12.004 1.00 26.07 ? 69  GLU A CB  1 
ATOM   359  C CG  . GLU A 1 81  ? -11.641 10.518  -11.496 1.00 31.14 ? 69  GLU A CG  1 
ATOM   360  C CD  . GLU A 1 81  ? -11.918 11.593  -12.544 1.00 33.28 ? 69  GLU A CD  1 
ATOM   361  O OE1 . GLU A 1 81  ? -11.967 11.254  -13.757 1.00 31.25 ? 69  GLU A OE1 1 
ATOM   362  O OE2 . GLU A 1 81  ? -12.027 12.774  -12.147 1.00 37.33 ? 69  GLU A OE2 1 
ATOM   363  N N   . ALA A 1 82  ? -9.937  6.919   -13.925 1.00 21.27 ? 70  ALA A N   1 
ATOM   364  C CA  . ALA A 1 82  ? -9.619  5.528   -14.284 1.00 18.67 ? 70  ALA A CA  1 
ATOM   365  C C   . ALA A 1 82  ? -8.118  5.308   -14.348 1.00 17.74 ? 70  ALA A C   1 
ATOM   366  O O   . ALA A 1 82  ? -7.655  4.162   -14.127 1.00 19.20 ? 70  ALA A O   1 
ATOM   367  C CB  . ALA A 1 82  ? -10.243 5.158   -15.622 1.00 20.37 ? 70  ALA A CB  1 
ATOM   368  N N   . VAL A 1 83  ? -7.374  6.315   -14.809 1.00 16.85 ? 71  VAL A N   1 
ATOM   369  C CA  . VAL A 1 83  ? -5.901  6.204   -14.886 1.00 17.24 ? 71  VAL A CA  1 
ATOM   370  C C   . VAL A 1 83  ? -5.353  6.033   -13.454 1.00 17.70 ? 71  VAL A C   1 
ATOM   371  O O   . VAL A 1 83  ? -4.569  5.113   -13.277 1.00 17.43 ? 71  VAL A O   1 
ATOM   372  C CB  . VAL A 1 83  ? -5.213  7.382   -15.583 1.00 17.75 ? 71  VAL A CB  1 
ATOM   373  C CG1 . VAL A 1 83  ? -3.710  7.194   -15.655 1.00 18.31 ? 71  VAL A CG1 1 
ATOM   374  C CG2 . VAL A 1 83  ? -5.756  7.547   -17.005 1.00 18.82 ? 71  VAL A CG2 1 
ATOM   375  N N   . LEU A 1 84  ? -5.774  6.878   -12.540 1.00 19.31 ? 72  LEU A N   1 
ATOM   376  C CA  . LEU A 1 84  ? -5.320  6.729   -11.113 1.00 20.12 ? 72  LEU A CA  1 
ATOM   377  C C   . LEU A 1 84  ? -5.713  5.363   -10.573 1.00 20.88 ? 72  LEU A C   1 
ATOM   378  O O   . LEU A 1 84  ? -4.870  4.728   -9.908  1.00 20.85 ? 72  LEU A O   1 
ATOM   379  C CB  . LEU A 1 84  ? -5.918  7.837   -10.269 1.00 20.59 ? 72  LEU A CB  1 
ATOM   380  C CG  . LEU A 1 84  ? -5.604  7.784   -8.765  1.00 20.49 ? 72  LEU A CG  1 
ATOM   381  C CD1 . LEU A 1 84  ? -4.108  7.706   -8.535  1.00 21.73 ? 72  LEU A CD1 1 
ATOM   382  C CD2 . LEU A 1 84  ? -6.195  9.008   -8.119  1.00 20.48 ? 72  LEU A CD2 1 
ATOM   383  N N   . LEU A 1 85  ? -6.942  4.905   -10.817 1.00 20.12 ? 73  LEU A N   1 
ATOM   384  C CA  . LEU A 1 85  ? -7.362  3.566   -10.348 1.00 18.77 ? 73  LEU A CA  1 
ATOM   385  C C   . LEU A 1 85  ? -6.399  2.504   -10.864 1.00 18.89 ? 73  LEU A C   1 
ATOM   386  O O   . LEU A 1 85  ? -5.997  1.566   -10.100 1.00 19.24 ? 73  LEU A O   1 
ATOM   387  C CB  . LEU A 1 85  ? -8.817  3.310   -10.785 1.00 19.13 ? 73  LEU A CB  1 
ATOM   388  C CG  . LEU A 1 85  ? -9.331  1.911   -10.477 1.00 21.29 ? 73  LEU A CG  1 
ATOM   389  C CD1 . LEU A 1 85  ? -9.425  1.688   -8.967  1.00 21.50 ? 73  LEU A CD1 1 
ATOM   390  C CD2 . LEU A 1 85  ? -10.693 1.660   -11.120 1.00 23.16 ? 73  LEU A CD2 1 
ATOM   391  N N   . THR A 1 86  ? -6.042  2.533   -12.156 1.00 18.10 ? 74  THR A N   1 
ATOM   392  C CA  . THR A 1 86  ? -5.104  1.548   -12.723 1.00 17.70 ? 74  THR A CA  1 
ATOM   393  C C   . THR A 1 86  ? -3.728  1.674   -12.057 1.00 16.36 ? 74  THR A C   1 
ATOM   394  O O   . THR A 1 86  ? -3.101  0.638   -11.791 1.00 18.13 ? 74  THR A O   1 
ATOM   395  C CB  . THR A 1 86  ? -4.983  1.749   -14.237 1.00 18.90 ? 74  THR A CB  1 
ATOM   396  O OG1 . THR A 1 86  ? -6.302  1.616   -14.771 1.00 21.81 ? 74  THR A OG1 1 
ATOM   397  C CG2 . THR A 1 86  ? -4.039  0.751   -14.848 1.00 21.22 ? 74  THR A CG2 1 
ATOM   398  N N   . LEU A 1 87  ? -3.247  2.893   -11.825 1.00 17.46 ? 75  LEU A N   1 
ATOM   399  C CA  . LEU A 1 87  ? -1.922  3.074   -11.174 1.00 17.89 ? 75  LEU A CA  1 
ATOM   400  C C   . LEU A 1 87  ? -1.992  2.432   -9.775  1.00 16.26 ? 75  LEU A C   1 
ATOM   401  O O   . LEU A 1 87  ? -1.035  1.717   -9.450  1.00 17.64 ? 75  LEU A O   1 
ATOM   402  C CB  . LEU A 1 87  ? -1.562  4.544   -11.018 1.00 18.78 ? 75  LEU A CB  1 
ATOM   403  C CG  . LEU A 1 87  ? -1.096  5.233   -12.301 1.00 19.54 ? 75  LEU A CG  1 
ATOM   404  C CD1 . LEU A 1 87  ? -1.056  6.725   -12.087 1.00 21.88 ? 75  LEU A CD1 1 
ATOM   405  C CD2 . LEU A 1 87  ? 0.215   4.682   -12.753 1.00 20.39 ? 75  LEU A CD2 1 
ATOM   406  N N   . LEU A 1 88  ? -3.040  2.718   -9.035  1.00 16.47 ? 76  LEU A N   1 
ATOM   407  C CA  . LEU A 1 88  ? -3.153  2.206   -7.636  1.00 17.60 ? 76  LEU A CA  1 
ATOM   408  C C   . LEU A 1 88  ? -3.251  0.684   -7.687  1.00 15.88 ? 76  LEU A C   1 
ATOM   409  O O   . LEU A 1 88  ? -2.593  -0.040  -6.896  1.00 16.58 ? 76  LEU A O   1 
ATOM   410  C CB  . LEU A 1 88  ? -4.334  2.835   -6.929  1.00 18.31 ? 76  LEU A CB  1 
ATOM   411  C CG  . LEU A 1 88  ? -4.460  2.426   -5.458  1.00 20.55 ? 76  LEU A CG  1 
ATOM   412  C CD1 . LEU A 1 88  ? -3.236  2.873   -4.678  1.00 19.56 ? 76  LEU A CD1 1 
ATOM   413  C CD2 . LEU A 1 88  ? -5.706  3.072   -4.876  1.00 21.06 ? 76  LEU A CD2 1 
ATOM   414  N N   . ASP A 1 89  ? -4.058  0.161   -8.598  1.00 17.20 ? 77  ASP A N   1 
ATOM   415  C CA  . ASP A 1 89  ? -4.220  -1.291  -8.743  1.00 17.04 ? 77  ASP A CA  1 
ATOM   416  C C   . ASP A 1 89  ? -2.848  -1.926  -9.009  1.00 17.23 ? 77  ASP A C   1 
ATOM   417  O O   . ASP A 1 89  ? -2.553  -2.971  -8.452  1.00 16.03 ? 77  ASP A O   1 
ATOM   418  C CB  . ASP A 1 89  ? -5.213  -1.588  -9.876  1.00 18.78 ? 77  ASP A CB  1 
ATOM   419  C CG  . ASP A 1 89  ? -5.497  -3.059  -10.043 1.00 24.46 ? 77  ASP A CG  1 
ATOM   420  O OD1 . ASP A 1 89  ? -6.346  -3.592  -9.320  1.00 33.45 ? 77  ASP A OD1 1 
ATOM   421  O OD2 . ASP A 1 89  ? -4.791  -3.667  -10.802 1.00 31.41 ? 77  ASP A OD2 1 
ATOM   422  N N   . ARG A 1 90  ? -2.008  -1.301  -9.850  1.00 17.19 ? 78  ARG A N   1 
ATOM   423  C CA  . ARG A 1 90  ? -0.680  -1.889  -10.127 1.00 19.62 ? 78  ARG A CA  1 
ATOM   424  C C   . ARG A 1 90  ? 0.190   -1.894  -8.864  1.00 16.34 ? 78  ARG A C   1 
ATOM   425  O O   . ARG A 1 90  ? 0.848   -2.903  -8.617  1.00 16.37 ? 78  ARG A O   1 
ATOM   426  C CB  . ARG A 1 90  ? -0.016  -1.122  -11.270 1.00 24.81 ? 78  ARG A CB  1 
ATOM   427  C CG  . ARG A 1 90  ? -0.743  -1.355  -12.590 1.00 34.61 ? 78  ARG A CG  1 
ATOM   428  C CD  . ARG A 1 90  ? 0.125   -1.092  -13.820 1.00 45.47 ? 78  ARG A CD  1 
ATOM   429  N NE  . ARG A 1 90  ? -0.607  -1.006  -15.093 1.00 54.32 ? 78  ARG A NE  1 
ATOM   430  C CZ  . ARG A 1 90  ? -1.314  -1.981  -15.696 1.00 61.46 ? 78  ARG A CZ  1 
ATOM   431  N NH1 . ARG A 1 90  ? -1.446  -3.179  -15.149 1.00 59.46 ? 78  ARG A NH1 1 
ATOM   432  N NH2 . ARG A 1 90  ? -1.913  -1.739  -16.857 1.00 60.43 ? 78  ARG A NH2 1 
ATOM   433  N N   . VAL A 1 91  ? 0.169   -0.811  -8.102  1.00 16.19 ? 79  VAL A N   1 
ATOM   434  C CA  . VAL A 1 91  ? 1.031   -0.693  -6.897  1.00 15.93 ? 79  VAL A CA  1 
ATOM   435  C C   . VAL A 1 91  ? 0.529   -1.692  -5.836  1.00 15.23 ? 79  VAL A C   1 
ATOM   436  O O   . VAL A 1 91  ? 1.323   -2.397  -5.222  1.00 14.70 ? 79  VAL A O   1 
ATOM   437  C CB  . VAL A 1 91  ? 1.093   0.747   -6.378  1.00 18.63 ? 79  VAL A CB  1 
ATOM   438  C CG1 . VAL A 1 91  ? 1.819   0.834   -5.018  1.00 18.18 ? 79  VAL A CG1 1 
ATOM   439  C CG2 . VAL A 1 91  ? 1.780   1.638   -7.389  1.00 20.08 ? 79  VAL A CG2 1 
ATOM   440  N N   . VAL A 1 92  ? -0.767  -1.774  -5.635  1.00 14.97 ? 80  VAL A N   1 
ATOM   441  C CA  . VAL A 1 92  ? -1.356  -2.679  -4.633  1.00 15.47 ? 80  VAL A CA  1 
ATOM   442  C C   . VAL A 1 92  ? -1.035  -4.134  -4.971  1.00 14.15 ? 80  VAL A C   1 
ATOM   443  O O   . VAL A 1 92  ? -0.665  -4.933  -4.097  1.00 14.47 ? 80  VAL A O   1 
ATOM   444  C CB  . VAL A 1 92  ? -2.857  -2.395  -4.535  1.00 17.24 ? 80  VAL A CB  1 
ATOM   445  C CG1 . VAL A 1 92  ? -3.607  -3.531  -3.895  1.00 20.35 ? 80  VAL A CG1 1 
ATOM   446  C CG2 . VAL A 1 92  ? -3.159  -1.076  -3.835  1.00 17.39 ? 80  VAL A CG2 1 
ATOM   447  N N   . ASN A 1 93  ? -1.187  -4.488  -6.246  1.00 15.69 ? 81  ASN A N   1 
ATOM   448  C CA  . ASN A 1 93  ? -0.888  -5.866  -6.683  1.00 16.26 ? 81  ASN A CA  1 
ATOM   449  C C   . ASN A 1 93  ? 0.623   -6.129  -6.569  1.00 15.33 ? 81  ASN A C   1 
ATOM   450  O O   . ASN A 1 93  ? 1.008   -7.269  -6.238  1.00 16.23 ? 81  ASN A O   1 
ATOM   451  C CB  . ASN A 1 93  ? -1.474  -6.101  -8.079  1.00 17.09 ? 81  ASN A CB  1 
ATOM   452  C CG  . ASN A 1 93  ? -2.921  -6.545  -8.013  1.00 18.38 ? 81  ASN A CG  1 
ATOM   453  O OD1 . ASN A 1 93  ? -3.201  -7.706  -7.690  1.00 21.97 ? 81  ASN A OD1 1 
ATOM   454  N ND2 . ASN A 1 93  ? -3.835  -5.610  -8.195  1.00 20.60 ? 81  ASN A ND2 1 
ATOM   455  N N   . GLN A 1 94  ? 1.485   -5.140  -6.793  1.00 16.09 ? 82  GLN A N   1 
ATOM   456  C CA  . GLN A 1 94  ? 2.936   -5.320  -6.599  1.00 16.35 ? 82  GLN A CA  1 
ATOM   457  C C   . GLN A 1 94  ? 3.225   -5.697  -5.135  1.00 15.34 ? 82  GLN A C   1 
ATOM   458  O O   . GLN A 1 94  ? 3.988   -6.626  -4.892  1.00 15.20 ? 82  GLN A O   1 
ATOM   459  C CB  . GLN A 1 94  ? 3.658   -4.060  -7.035  1.00 20.06 ? 82  GLN A CB  1 
ATOM   460  C CG  . GLN A 1 94  ? 5.150   -4.167  -6.920  1.00 23.46 ? 82  GLN A CG  1 
ATOM   461  C CD  . GLN A 1 94  ? 5.783   -2.934  -7.535  1.00 29.76 ? 82  GLN A CD  1 
ATOM   462  O OE1 . GLN A 1 94  ? 5.324   -2.409  -8.554  1.00 42.33 ? 82  GLN A OE1 1 
ATOM   463  N NE2 . GLN A 1 94  ? 6.844   -2.463  -6.907  1.00 34.21 ? 82  GLN A NE2 1 
ATOM   464  N N   . ALA A 1 95  ? 2.629   -4.970  -4.184  1.00 15.37 ? 83  ALA A N   1 
ATOM   465  C CA  . ALA A 1 95  ? 2.812   -5.270  -2.740  1.00 13.94 ? 83  ALA A CA  1 
ATOM   466  C C   . ALA A 1 95  ? 2.263   -6.665  -2.442  1.00 13.92 ? 83  ALA A C   1 
ATOM   467  O O   . ALA A 1 95  ? 2.896   -7.423  -1.738  1.00 14.56 ? 83  ALA A O   1 
ATOM   468  C CB  . ALA A 1 95  ? 2.090   -4.214  -1.900  1.00 14.59 ? 83  ALA A CB  1 
ATOM   469  N N   . ASP A 1 96  ? 1.057   -6.951  -2.945  1.00 14.46 ? 84  ASP A N   1 
ATOM   470  C CA  . ASP A 1 96  ? 0.406   -8.236  -2.706  1.00 14.22 ? 84  ASP A CA  1 
ATOM   471  C C   . ASP A 1 96  ? 1.297   -9.384  -3.214  1.00 14.97 ? 84  ASP A C   1 
ATOM   472  O O   . ASP A 1 96  ? 1.470   -10.338 -2.451  1.00 15.64 ? 84  ASP A O   1 
ATOM   473  C CB  . ASP A 1 96  ? -0.986  -8.268  -3.310  1.00 14.31 ? 84  ASP A CB  1 
ATOM   474  C CG  . ASP A 1 96  ? -1.775  -9.440  -2.767  1.00 16.77 ? 84  ASP A CG  1 
ATOM   475  O OD1 . ASP A 1 96  ? -1.938  -9.538  -1.517  1.00 16.52 ? 84  ASP A OD1 1 
ATOM   476  O OD2 . ASP A 1 96  ? -2.124  -10.313 -3.593  1.00 17.73 ? 84  ASP A OD2 1 
ATOM   477  N N   . MET A 1 97  ? 1.816   -9.273  -4.443  1.00 16.20 ? 85  MET A N   1 
ATOM   478  C CA  . MET A 1 97  ? 2.648   -10.367 -5.023  1.00 18.74 ? 85  MET A CA  1 
ATOM   479  C C   . MET A 1 97  ? 3.968   -10.487 -4.249  1.00 17.10 ? 85  MET A C   1 
ATOM   480  O O   . MET A 1 97  ? 4.476   -11.594 -4.079  1.00 18.80 ? 85  MET A O   1 
ATOM   481  C CB  . MET A 1 97  ? 2.912   -10.072 -6.504  1.00 22.49 ? 85  MET A CB  1 
ATOM   482  C CG  . MET A 1 97  ? 1.659   -10.141 -7.314  1.00 29.19 ? 85  MET A CG  1 
ATOM   483  S SD  . MET A 1 97  ? 2.043   -9.842  -9.079  1.00 44.15 ? 85  MET A SD  1 
ATOM   484  C CE  . MET A 1 97  ? 2.034   -8.047  -9.190  1.00 43.45 ? 85  MET A CE  1 
ATOM   485  N N   . ALA A 1 98  ? 4.534   -9.379  -3.762  1.00 17.07 ? 86  ALA A N   1 
ATOM   486  C CA  . ALA A 1 98  ? 5.756   -9.417  -2.930  1.00 15.99 ? 86  ALA A CA  1 
ATOM   487  C C   . ALA A 1 98  ? 5.479   -10.163 -1.620  1.00 16.77 ? 86  ALA A C   1 
ATOM   488  O O   . ALA A 1 98  ? 6.247   -10.972 -1.208  1.00 17.49 ? 86  ALA A O   1 
ATOM   489  C CB  . ALA A 1 98  ? 6.295   -8.033  -2.667  1.00 17.09 ? 86  ALA A CB  1 
ATOM   490  N N   . LEU A 1 99  ? 4.345   -9.889  -0.989  1.00 16.12 ? 87  LEU A N   1 
ATOM   491  C CA  . LEU A 1 99  ? 3.980   -10.596 0.252   1.00 16.12 ? 87  LEU A CA  1 
ATOM   492  C C   . LEU A 1 99  ? 3.756   -12.085 -0.050  1.00 16.42 ? 87  LEU A C   1 
ATOM   493  O O   . LEU A 1 99  ? 4.171   -12.927 0.757   1.00 17.91 ? 87  LEU A O   1 
ATOM   494  C CB  . LEU A 1 99  ? 2.742   -9.910  0.841   1.00 17.64 ? 87  LEU A CB  1 
ATOM   495  C CG  . LEU A 1 99  ? 2.253   -10.449 2.171   1.00 18.75 ? 87  LEU A CG  1 
ATOM   496  C CD1 . LEU A 1 99  ? 3.338   -10.297 3.244   1.00 19.56 ? 87  LEU A CD1 1 
ATOM   497  C CD2 . LEU A 1 99  ? 0.989   -9.712  2.600   1.00 17.41 ? 87  LEU A CD2 1 
ATOM   498  N N   . GLN A 1 100 ? 3.126   -12.413 -1.148  1.00 18.01 ? 88  GLN A N   1 
ATOM   499  C CA  . GLN A 1 100 ? 2.961   -13.826 -1.573  1.00 21.25 ? 88  GLN A CA  1 
ATOM   500  C C   . GLN A 1 100 ? 4.327   -14.480 -1.757  1.00 21.30 ? 88  GLN A C   1 
ATOM   501  O O   . GLN A 1 100 ? 4.416   -15.661 -1.440  1.00 23.99 ? 88  GLN A O   1 
ATOM   502  C CB  . GLN A 1 100 ? 2.129   -13.900 -2.859  1.00 23.54 ? 88  GLN A CB  1 
ATOM   503  C CG  . GLN A 1 100 ? 1.754   -15.323 -3.240  1.00 34.84 ? 88  GLN A CG  1 
ATOM   504  C CD  . GLN A 1 100 ? 0.741   -15.334 -4.360  1.00 41.40 ? 88  GLN A CD  1 
ATOM   505  O OE1 . GLN A 1 100 ? -0.094  -14.441 -4.472  1.00 44.46 ? 88  GLN A OE1 1 
ATOM   506  N NE2 . GLN A 1 100 ? 0.819   -16.353 -5.201  1.00 45.78 ? 88  GLN A NE2 1 
ATOM   507  N N   . THR A 1 101 ? 5.321   -13.765 -2.275  1.00 21.27 ? 89  THR A N   1 
ATOM   508  C CA  . THR A 1 101 ? 6.683   -14.302 -2.483  1.00 23.47 ? 89  THR A CA  1 
ATOM   509  C C   . THR A 1 101 ? 7.303   -14.674 -1.138  1.00 24.84 ? 89  THR A C   1 
ATOM   510  O O   . THR A 1 101 ? 7.894   -15.776 -1.000  1.00 22.23 ? 89  THR A O   1 
ATOM   511  C CB  . THR A 1 101 ? 7.549   -13.311 -3.265  1.00 27.16 ? 89  THR A CB  1 
ATOM   512  O OG1 . THR A 1 101 ? 6.898   -13.132 -4.516  1.00 28.90 ? 89  THR A OG1 1 
ATOM   513  C CG2 . THR A 1 101 ? 8.967   -13.771 -3.505  1.00 30.20 ? 89  THR A CG2 1 
ATOM   514  N N   . LEU A 1 102 ? 7.215   -13.787 -0.140  1.00 23.84 ? 90  LEU A N   1 
ATOM   515  C CA  . LEU A 1 102 ? 7.705   -14.078 1.219   1.00 25.84 ? 90  LEU A CA  1 
ATOM   516  C C   . LEU A 1 102 ? 7.066   -15.355 1.731   1.00 26.00 ? 90  LEU A C   1 
ATOM   517  O O   . LEU A 1 102 ? 7.776   -16.197 2.299   1.00 27.67 ? 90  LEU A O   1 
ATOM   518  C CB  . LEU A 1 102 ? 7.260   -12.943 2.144   1.00 26.63 ? 90  LEU A CB  1 
ATOM   519  C CG  . LEU A 1 102 ? 8.071   -11.679 2.095   1.00 28.98 ? 90  LEU A CG  1 
ATOM   520  C CD1 . LEU A 1 102 ? 7.754   -10.887 3.368   1.00 28.16 ? 90  LEU A CD1 1 
ATOM   521  C CD2 . LEU A 1 102 ? 9.553   -11.979 1.988   1.00 31.87 ? 90  LEU A CD2 1 
ATOM   522  N N   . ALA A 1 103 ? 5.744   -15.428 1.596   1.00 29.57 ? 91  ALA A N   1 
ATOM   523  C CA  . ALA A 1 103 ? 4.929   -16.534 2.133   1.00 32.12 ? 91  ALA A CA  1 
ATOM   524  C C   . ALA A 1 103 ? 5.517   -17.837 1.580   1.00 35.89 ? 91  ALA A C   1 
ATOM   525  O O   . ALA A 1 103 ? 5.681   -18.782 2.342   1.00 35.06 ? 91  ALA A O   1 
ATOM   526  C CB  . ALA A 1 103 ? 3.482   -16.326 1.760   1.00 29.53 ? 91  ALA A CB  1 
ATOM   527  N N   . GLU A 1 104 ? 5.863   -17.840 0.292   1.00 34.25 ? 92  GLU A N   1 
ATOM   528  C CA  . GLU A 1 104 ? 6.357   -19.023 -0.454  1.00 37.93 ? 92  GLU A CA  1 
ATOM   529  C C   . GLU A 1 104 ? 7.862   -19.223 -0.222  1.00 36.45 ? 92  GLU A C   1 
ATOM   530  O O   . GLU A 1 104 ? 8.331   -20.307 -0.514  1.00 34.69 ? 92  GLU A O   1 
ATOM   531  C CB  . GLU A 1 104 ? 6.071   -18.852 -1.951  1.00 39.73 ? 92  GLU A CB  1 
ATOM   532  C CG  . GLU A 1 104 ? 4.591   -18.828 -2.291  1.00 43.54 ? 92  GLU A CG  1 
ATOM   533  C CD  . GLU A 1 104 ? 4.282   -18.510 -3.745  1.00 47.88 ? 92  GLU A CD  1 
ATOM   534  O OE1 . GLU A 1 104 ? 5.228   -18.287 -4.514  1.00 52.62 ? 92  GLU A OE1 1 
ATOM   535  O OE2 . GLU A 1 104 ? 3.095   -18.473 -4.098  1.00 48.91 ? 92  GLU A OE2 1 
ATOM   536  N N   . ASN A 1 105 ? 8.606   -18.204 0.222   1.00 36.03 ? 93  ASN A N   1 
ATOM   537  C CA  . ASN A 1 105 ? 10.085  -18.237 0.389   1.00 33.46 ? 93  ASN A CA  1 
ATOM   538  C C   . ASN A 1 105 ? 10.438  -17.589 1.712   1.00 34.34 ? 93  ASN A C   1 
ATOM   539  O O   . ASN A 1 105 ? 11.088  -16.543 1.717   1.00 32.71 ? 93  ASN A O   1 
ATOM   540  C CB  . ASN A 1 105 ? 10.801  -17.454 -0.702  1.00 37.07 ? 93  ASN A CB  1 
ATOM   541  C CG  . ASN A 1 105 ? 10.472  -18.012 -2.057  1.00 39.65 ? 93  ASN A CG  1 
ATOM   542  O OD1 . ASN A 1 105 ? 11.092  -18.981 -2.476  1.00 44.10 ? 93  ASN A OD1 1 
ATOM   543  N ND2 . ASN A 1 105 ? 9.461   -17.458 -2.703  1.00 34.60 ? 93  ASN A ND2 1 
ATOM   544  N N   . PRO A 1 106 ? 9.992   -18.171 2.846   1.00 34.24 ? 94  PRO A N   1 
ATOM   545  C CA  . PRO A 1 106 ? 10.192  -17.550 4.155   1.00 36.94 ? 94  PRO A CA  1 
ATOM   546  C C   . PRO A 1 106 ? 11.688  -17.443 4.480   1.00 35.95 ? 94  PRO A C   1 
ATOM   547  O O   . PRO A 1 106 ? 12.414  -18.340 4.174   1.00 36.10 ? 94  PRO A O   1 
ATOM   548  C CB  . PRO A 1 106 ? 9.469   -18.519 5.113   1.00 38.54 ? 94  PRO A CB  1 
ATOM   549  C CG  . PRO A 1 106 ? 9.540   -19.857 4.389   1.00 36.14 ? 94  PRO A CG  1 
ATOM   550  C CD  . PRO A 1 106 ? 9.314   -19.480 2.936   1.00 35.01 ? 94  PRO A CD  1 
ATOM   551  N N   . ALA A 1 107 ? 12.112  -16.346 5.091   1.00 32.48 ? 95  ALA A N   1 
ATOM   552  C CA  . ALA A 1 107 ? 13.521  -16.144 5.492   1.00 28.47 ? 95  ALA A CA  1 
ATOM   553  C C   . ALA A 1 107 ? 13.809  -16.970 6.737   1.00 30.54 ? 95  ALA A C   1 
ATOM   554  O O   . ALA A 1 107 ? 12.865  -17.322 7.477   1.00 31.44 ? 95  ALA A O   1 
ATOM   555  C CB  . ALA A 1 107 ? 13.803  -14.689 5.721   1.00 26.10 ? 95  ALA A CB  1 
ATOM   556  N N   . ASP A 1 108 ? 15.078  -17.312 6.917   1.00 29.22 ? 96  ASP A N   1 
ATOM   557  C CA  . ASP A 1 108 ? 15.622  -18.109 8.037   1.00 32.01 ? 96  ASP A CA  1 
ATOM   558  C C   . ASP A 1 108 ? 16.109  -17.104 9.086   1.00 32.77 ? 96  ASP A C   1 
ATOM   559  O O   . ASP A 1 108 ? 17.314  -16.712 9.050   1.00 35.51 ? 96  ASP A O   1 
ATOM   560  C CB  . ASP A 1 108 ? 16.711  -19.012 7.452   1.00 35.11 ? 96  ASP A CB  1 
ATOM   561  C CG  . ASP A 1 108 ? 17.299  -20.013 8.420   1.00 45.61 ? 96  ASP A CG  1 
ATOM   562  O OD1 . ASP A 1 108 ? 16.958  -19.953 9.624   1.00 48.26 ? 96  ASP A OD1 1 
ATOM   563  O OD2 . ASP A 1 108 ? 18.107  -20.836 7.955   1.00 54.70 ? 96  ASP A OD2 1 
ATOM   564  N N   . THR A 1 109 ? 15.190  -16.554 9.886   1.00 33.09 ? 97  THR A N   1 
ATOM   565  C CA  . THR A 1 109 ? 15.544  -15.448 10.811  1.00 33.50 ? 97  THR A CA  1 
ATOM   566  C C   . THR A 1 109 ? 14.609  -15.493 12.028  1.00 30.60 ? 97  THR A C   1 
ATOM   567  O O   . THR A 1 109 ? 13.707  -16.322 12.063  1.00 32.67 ? 97  THR A O   1 
ATOM   568  C CB  . THR A 1 109 ? 15.605  -14.148 9.996   1.00 38.04 ? 97  THR A CB  1 
ATOM   569  O OG1 . THR A 1 109 ? 16.356  -13.162 10.721  1.00 35.36 ? 97  THR A OG1 1 
ATOM   570  C CG2 . THR A 1 109 ? 14.215  -13.701 9.593   1.00 34.17 ? 97  THR A CG2 1 
ATOM   571  N N   . ASP A 1 110 ? 14.845  -14.634 13.006  1.00 25.78 ? 98  ASP A N   1 
ATOM   572  C CA  . ASP A 1 110 ? 14.053  -14.617 14.251  1.00 26.85 ? 98  ASP A CA  1 
ATOM   573  C C   . ASP A 1 110 ? 12.726  -13.899 13.963  1.00 25.79 ? 98  ASP A C   1 
ATOM   574  O O   . ASP A 1 110 ? 12.547  -13.346 12.844  1.00 24.55 ? 98  ASP A O   1 
ATOM   575  C CB  . ASP A 1 110 ? 14.887  -14.013 15.367  1.00 27.40 ? 98  ASP A CB  1 
ATOM   576  C CG  . ASP A 1 110 ? 15.281  -12.572 15.172  1.00 29.88 ? 98  ASP A CG  1 
ATOM   577  O OD1 . ASP A 1 110 ? 14.743  -11.907 14.279  1.00 26.25 ? 98  ASP A OD1 1 
ATOM   578  O OD2 . ASP A 1 110 ? 16.128  -12.124 15.945  1.00 38.97 ? 98  ASP A OD2 1 
ATOM   579  N N   . ARG A 1 111 ? 11.802  -13.961 14.915  1.00 24.34 ? 99  ARG A N   1 
ATOM   580  C CA  . ARG A 1 111 ? 10.435  -13.415 14.737  1.00 26.63 ? 99  ARG A CA  1 
ATOM   581  C C   . ARG A 1 111 ? 10.521  -11.910 14.422  1.00 23.68 ? 99  ARG A C   1 
ATOM   582  O O   . ARG A 1 111 ? 9.754   -11.465 13.586  1.00 23.53 ? 99  ARG A O   1 
ATOM   583  C CB  . ARG A 1 111 ? 9.578   -13.770 15.958  1.00 28.93 ? 99  ARG A CB  1 
ATOM   584  C CG  . ARG A 1 111 ? 10.040  -13.123 17.250  1.00 33.38 ? 99  ARG A CG  1 
ATOM   585  C CD  . ARG A 1 111 ? 9.616   -13.940 18.464  1.00 37.49 ? 99  ARG A CD  1 
ATOM   586  N NE  . ARG A 1 111 ? 9.848   -13.122 19.636  1.00 40.23 ? 99  ARG A NE  1 
ATOM   587  C CZ  . ARG A 1 111 ? 9.425   -13.421 20.865  1.00 40.82 ? 99  ARG A CZ  1 
ATOM   588  N NH1 . ARG A 1 111 ? 8.745   -14.525 21.080  1.00 37.40 ? 99  ARG A NH1 1 
ATOM   589  N NH2 . ARG A 1 111 ? 9.680   -12.605 21.870  1.00 45.96 ? 99  ARG A NH2 1 
ATOM   590  N N   . GLU A 1 112 ? 11.410  -11.135 15.040  1.00 20.36 ? 100 GLU A N   1 
ATOM   591  C CA  . GLU A 1 112 ? 11.477  -9.681  14.794  1.00 20.75 ? 100 GLU A CA  1 
ATOM   592  C C   . GLU A 1 112 ? 11.871  -9.444  13.335  1.00 19.93 ? 100 GLU A C   1 
ATOM   593  O O   . GLU A 1 112 ? 11.285  -8.602  12.653  1.00 16.41 ? 100 GLU A O   1 
ATOM   594  C CB  . GLU A 1 112 ? 12.446  -9.020  15.764  1.00 24.36 ? 100 GLU A CB  1 
ATOM   595  C CG  . GLU A 1 112 ? 12.657  -7.584  15.443  1.00 29.16 ? 100 GLU A CG  1 
ATOM   596  C CD  . GLU A 1 112 ? 13.391  -6.771  16.484  1.00 36.44 ? 100 GLU A CD  1 
ATOM   597  O OE1 . GLU A 1 112 ? 13.396  -7.175  17.659  1.00 41.97 ? 100 GLU A OE1 1 
ATOM   598  O OE2 . GLU A 1 112 ? 13.939  -5.721  16.096  1.00 41.76 ? 100 GLU A OE2 1 
ATOM   599  N N   . ASN A 1 113 ? 12.873  -10.156 12.828  1.00 17.15 ? 101 ASN A N   1 
ATOM   600  C CA  . ASN A 1 113 ? 13.332  -9.916  11.444  1.00 18.30 ? 101 ASN A CA  1 
ATOM   601  C C   . ASN A 1 113 ? 12.275  -10.439 10.478  1.00 15.77 ? 101 ASN A C   1 
ATOM   602  O O   . ASN A 1 113 ? 12.126  -9.871  9.362   1.00 16.55 ? 101 ASN A O   1 
ATOM   603  C CB  . ASN A 1 113 ? 14.744  -10.494 11.233  1.00 20.90 ? 101 ASN A CB  1 
ATOM   604  C CG  . ASN A 1 113 ? 15.791  -9.519  11.731  1.00 25.50 ? 101 ASN A CG  1 
ATOM   605  O OD1 . ASN A 1 113 ? 16.432  -9.731  12.776  1.00 31.92 ? 101 ASN A OD1 1 
ATOM   606  N ND2 . ASN A 1 113 ? 15.907  -8.406  11.040  1.00 21.78 ? 101 ASN A ND2 1 
ATOM   607  N N   . MET A 1 114 ? 11.516  -11.470 10.853  1.00 16.71 ? 102 MET A N   1 
ATOM   608  C CA  . MET A 1 114 ? 10.416  -12.005 10.028  1.00 17.84 ? 102 MET A CA  1 
ATOM   609  C C   . MET A 1 114 ? 9.363   -10.895 9.853   1.00 15.04 ? 102 MET A C   1 
ATOM   610  O O   . MET A 1 114 ? 9.010   -10.598 8.703   1.00 14.78 ? 102 MET A O   1 
ATOM   611  C CB  . MET A 1 114 ? 9.764   -13.223 10.687  1.00 24.75 ? 102 MET A CB  1 
ATOM   612  C CG  . MET A 1 114 ? 8.713   -13.867 9.830   1.00 31.62 ? 102 MET A CG  1 
ATOM   613  S SD  . MET A 1 114 ? 7.006   -13.673 10.399  1.00 62.03 ? 102 MET A SD  1 
ATOM   614  C CE  . MET A 1 114 ? 6.915   -14.845 11.750  1.00 46.17 ? 102 MET A CE  1 
ATOM   615  N N   . TRP A 1 115 ? 8.863   -10.312 10.940  1.00 14.47 ? 103 TRP A N   1 
ATOM   616  C CA  . TRP A 1 115 ? 7.799   -9.281  10.784  1.00 14.34 ? 103 TRP A CA  1 
ATOM   617  C C   . TRP A 1 115 ? 8.375   -8.060  10.059  1.00 13.45 ? 103 TRP A C   1 
ATOM   618  O O   . TRP A 1 115 ? 7.655   -7.463  9.203   1.00 13.67 ? 103 TRP A O   1 
ATOM   619  C CB  . TRP A 1 115 ? 7.166   -8.918  12.140  1.00 13.96 ? 103 TRP A CB  1 
ATOM   620  C CG  . TRP A 1 115 ? 6.287   -10.029 12.649  1.00 14.16 ? 103 TRP A CG  1 
ATOM   621  C CD1 . TRP A 1 115 ? 6.552   -10.857 13.699  1.00 16.37 ? 103 TRP A CD1 1 
ATOM   622  C CD2 . TRP A 1 115 ? 5.033   -10.479 12.115  1.00 13.74 ? 103 TRP A CD2 1 
ATOM   623  N NE1 . TRP A 1 115 ? 5.564   -11.787 13.859  1.00 15.95 ? 103 TRP A NE1 1 
ATOM   624  C CE2 . TRP A 1 115 ? 4.604   -11.574 12.914  1.00 14.81 ? 103 TRP A CE2 1 
ATOM   625  C CE3 . TRP A 1 115 ? 4.233   -10.102 11.041  1.00 14.38 ? 103 TRP A CE3 1 
ATOM   626  C CZ2 . TRP A 1 115 ? 3.400   -12.241 12.699  1.00 16.11 ? 103 TRP A CZ2 1 
ATOM   627  C CZ3 . TRP A 1 115 ? 3.059   -10.792 10.806  1.00 15.07 ? 103 TRP A CZ3 1 
ATOM   628  C CH2 . TRP A 1 115 ? 2.642   -11.830 11.628  1.00 15.61 ? 103 TRP A CH2 1 
ATOM   629  N N   . ARG A 1 116 ? 9.632   -7.707  10.317  1.00 12.29 ? 104 ARG A N   1 
ATOM   630  C CA  . ARG A 1 116 ? 10.282  -6.606  9.601   1.00 12.18 ? 104 ARG A CA  1 
ATOM   631  C C   . ARG A 1 116 ? 10.242  -6.856  8.088   1.00 12.77 ? 104 ARG A C   1 
ATOM   632  O O   . ARG A 1 116 ? 10.027  -5.927  7.319   1.00 12.29 ? 104 ARG A O   1 
ATOM   633  C CB  . ARG A 1 116 ? 11.697  -6.368  10.128  1.00 13.71 ? 104 ARG A CB  1 
ATOM   634  C CG  . ARG A 1 116 ? 12.379  -5.180  9.502   1.00 15.04 ? 104 ARG A CG  1 
ATOM   635  C CD  . ARG A 1 116 ? 13.799  -4.977  10.037  1.00 17.47 ? 104 ARG A CD  1 
ATOM   636  N NE  . ARG A 1 116 ? 13.774  -4.757  11.466  1.00 21.94 ? 104 ARG A NE  1 
ATOM   637  C CZ  . ARG A 1 116 ? 13.671  -3.609  12.118  1.00 25.88 ? 104 ARG A CZ  1 
ATOM   638  N NH1 . ARG A 1 116 ? 13.671  -3.675  13.445  1.00 25.91 ? 104 ARG A NH1 1 
ATOM   639  N NH2 . ARG A 1 116 ? 13.609  -2.428  11.511  1.00 26.08 ? 104 ARG A NH2 1 
ATOM   640  N N   . THR A 1 117 ? 10.521  -8.091  7.627   1.00 13.62 ? 105 THR A N   1 
ATOM   641  C CA  . THR A 1 117 ? 10.493  -8.392  6.197   1.00 12.90 ? 105 THR A CA  1 
ATOM   642  C C   . THR A 1 117 ? 9.114   -8.154  5.612   1.00 12.55 ? 105 THR A C   1 
ATOM   643  O O   . THR A 1 117 ? 9.007   -7.626  4.505   1.00 13.10 ? 105 THR A O   1 
ATOM   644  C CB  . THR A 1 117 ? 11.045  -9.807  5.954   1.00 15.67 ? 105 THR A CB  1 
ATOM   645  O OG1 . THR A 1 117 ? 12.305  -9.915  6.627   1.00 17.55 ? 105 THR A OG1 1 
ATOM   646  C CG2 . THR A 1 117 ? 11.207  -10.081 4.480   1.00 18.66 ? 105 THR A CG2 1 
ATOM   647  N N   . GLY A 1 118 ? 8.047   -8.494  6.337   1.00 13.68 ? 106 GLY A N   1 
ATOM   648  C CA  . GLY A 1 118 ? 6.681   -8.285  5.848   1.00 13.39 ? 106 GLY A CA  1 
ATOM   649  C C   . GLY A 1 118 ? 6.326   -6.825  5.822   1.00 12.40 ? 106 GLY A C   1 
ATOM   650  O O   . GLY A 1 118 ? 5.799   -6.333  4.811   1.00 10.69 ? 106 GLY A O   1 
ATOM   651  N N   . ILE A 1 119 ? 6.564   -6.105  6.910   1.00 10.68 ? 107 ILE A N   1 
ATOM   652  C CA  . ILE A 1 119 ? 6.213   -4.646  6.907   1.00 10.58 ? 107 ILE A CA  1 
ATOM   653  C C   . ILE A 1 119 ? 7.020   -3.979  5.790   1.00 10.90 ? 107 ILE A C   1 
ATOM   654  O O   . ILE A 1 119 ? 6.564   -3.041  5.153   1.00 11.16 ? 107 ILE A O   1 
ATOM   655  C CB  . ILE A 1 119 ? 6.481   -4.051  8.297   1.00 10.66 ? 107 ILE A CB  1 
ATOM   656  C CG1 . ILE A 1 119 ? 5.621   -4.721  9.378   1.00 11.14 ? 107 ILE A CG1 1 
ATOM   657  C CG2 . ILE A 1 119 ? 6.331   -2.555  8.266   1.00 10.72 ? 107 ILE A CG2 1 
ATOM   658  C CD1 . ILE A 1 119 ? 5.958   -4.321  10.761  1.00 13.50 ? 107 ILE A CD1 1 
ATOM   659  N N   . ASN A 1 120 ? 8.262   -4.408  5.597   1.00 10.25 ? 108 ASN A N   1 
ATOM   660  C CA  . ASN A 1 120 ? 9.135   -3.806  4.574   1.00 11.08 ? 108 ASN A CA  1 
ATOM   661  C C   . ASN A 1 120 ? 8.554   -3.917  3.175   1.00 10.94 ? 108 ASN A C   1 
ATOM   662  O O   . ASN A 1 120 ? 8.848   -3.071  2.336   1.00 11.74 ? 108 ASN A O   1 
ATOM   663  C CB  . ASN A 1 120 ? 10.532  -4.444  4.598   1.00 11.53 ? 108 ASN A CB  1 
ATOM   664  C CG  . ASN A 1 120 ? 11.535  -3.678  3.763   1.00 11.93 ? 108 ASN A CG  1 
ATOM   665  O OD1 . ASN A 1 120 ? 11.735  -2.470  3.950   1.00 11.85 ? 108 ASN A OD1 1 
ATOM   666  N ND2 . ASN A 1 120 ? 12.189  -4.411  2.835   1.00 12.46 ? 108 ASN A ND2 1 
ATOM   667  N N   . VAL A 1 121 ? 7.781   -4.947  2.898   1.00 11.19 ? 109 VAL A N   1 
ATOM   668  C CA  . VAL A 1 121 ? 7.110   -5.028  1.571   1.00 11.95 ? 109 VAL A CA  1 
ATOM   669  C C   . VAL A 1 121 ? 6.296   -3.750  1.337   1.00 10.94 ? 109 VAL A C   1 
ATOM   670  O O   . VAL A 1 121 ? 6.343   -3.165  0.212   1.00 11.69 ? 109 VAL A O   1 
ATOM   671  C CB  . VAL A 1 121 ? 6.198   -6.259  1.453   1.00 13.92 ? 109 VAL A CB  1 
ATOM   672  C CG1 . VAL A 1 121 ? 5.293   -6.164  0.242   1.00 17.02 ? 109 VAL A CG1 1 
ATOM   673  C CG2 . VAL A 1 121 ? 7.011   -7.534  1.461   1.00 16.12 ? 109 VAL A CG2 1 
ATOM   674  N N   . PHE A 1 122 ? 5.548   -3.322  2.366   1.00 11.07 ? 110 PHE A N   1 
ATOM   675  C CA  . PHE A 1 122 ? 4.668   -2.162  2.220   1.00 10.98 ? 110 PHE A CA  1 
ATOM   676  C C   . PHE A 1 122 ? 5.471   -0.870  2.234   1.00 11.50 ? 110 PHE A C   1 
ATOM   677  O O   . PHE A 1 122 ? 5.218   0.033   1.402   1.00 11.85 ? 110 PHE A O   1 
ATOM   678  C CB  . PHE A 1 122 ? 3.583   -2.255  3.295   1.00 11.16 ? 110 PHE A CB  1 
ATOM   679  C CG  . PHE A 1 122 ? 2.713   -3.453  3.046   1.00 10.87 ? 110 PHE A CG  1 
ATOM   680  C CD1 . PHE A 1 122 ? 1.738   -3.433  2.053   1.00 11.22 ? 110 PHE A CD1 1 
ATOM   681  C CD2 . PHE A 1 122 ? 2.968   -4.655  3.704   1.00 11.37 ? 110 PHE A CD2 1 
ATOM   682  C CE1 . PHE A 1 122 ? 0.965   -4.553  1.786   1.00 10.89 ? 110 PHE A CE1 1 
ATOM   683  C CE2 . PHE A 1 122 ? 2.184   -5.753  3.435   1.00 11.95 ? 110 PHE A CE2 1 
ATOM   684  C CZ  . PHE A 1 122 ? 1.211   -5.713  2.466   1.00 12.31 ? 110 PHE A CZ  1 
ATOM   685  N N   . PHE A 1 123 ? 6.477   -0.809  3.098   1.00 11.35 ? 111 PHE A N   1 
ATOM   686  C CA  . PHE A 1 123 ? 7.367   0.371   3.178   1.00 11.36 ? 111 PHE A CA  1 
ATOM   687  C C   . PHE A 1 123 ? 8.040   0.624   1.819   1.00 11.79 ? 111 PHE A C   1 
ATOM   688  O O   . PHE A 1 123 ? 8.052   1.741   1.324   1.00 12.42 ? 111 PHE A O   1 
ATOM   689  C CB  . PHE A 1 123 ? 8.377   0.138   4.295   1.00 12.51 ? 111 PHE A CB  1 
ATOM   690  C CG  . PHE A 1 123 ? 9.410   1.226   4.442   1.00 11.77 ? 111 PHE A CG  1 
ATOM   691  C CD1 . PHE A 1 123 ? 9.098   2.438   4.992   1.00 12.28 ? 111 PHE A CD1 1 
ATOM   692  C CD2 . PHE A 1 123 ? 10.723  0.990   4.091   1.00 15.16 ? 111 PHE A CD2 1 
ATOM   693  C CE1 . PHE A 1 123 ? 10.065  3.398   5.214   1.00 14.06 ? 111 PHE A CE1 1 
ATOM   694  C CE2 . PHE A 1 123 ? 11.682  1.981   4.281   1.00 14.06 ? 111 PHE A CE2 1 
ATOM   695  C CZ  . PHE A 1 123 ? 11.365  3.150   4.890   1.00 13.82 ? 111 PHE A CZ  1 
ATOM   696  N N   . GLU A 1 124 ? 8.645   -0.416  1.255   1.00 12.08 ? 112 GLU A N   1 
ATOM   697  C CA  . GLU A 1 124 ? 9.378   -0.242  -0.020  1.00 13.38 ? 112 GLU A CA  1 
ATOM   698  C C   . GLU A 1 124 ? 8.385   -0.074  -1.159  1.00 14.25 ? 112 GLU A C   1 
ATOM   699  O O   . GLU A 1 124 ? 8.668   0.705   -2.075  1.00 14.44 ? 112 GLU A O   1 
ATOM   700  C CB  . GLU A 1 124 ? 10.287  -1.447  -0.304  1.00 16.52 ? 112 GLU A CB  1 
ATOM   701  C CG  . GLU A 1 124 ? 11.526  -1.432  0.549   1.00 17.92 ? 112 GLU A CG  1 
ATOM   702  C CD  . GLU A 1 124 ? 12.462  -0.291  0.222   1.00 23.87 ? 112 GLU A CD  1 
ATOM   703  O OE1 . GLU A 1 124 ? 12.408  0.204   -0.941  1.00 23.91 ? 112 GLU A OE1 1 
ATOM   704  O OE2 . GLU A 1 124 ? 13.173  0.150   1.137   1.00 25.99 ? 112 GLU A OE2 1 
ATOM   705  N N   . THR A 1 125 ? 7.320   -0.853  -1.217  1.00 13.47 ? 113 THR A N   1 
ATOM   706  C CA  . THR A 1 125 ? 6.448   -0.794  -2.413  1.00 14.48 ? 113 THR A CA  1 
ATOM   707  C C   . THR A 1 125 ? 5.735   0.547   -2.494  1.00 14.91 ? 113 THR A C   1 
ATOM   708  O O   . THR A 1 125 ? 5.809   1.239   -3.548  1.00 16.56 ? 113 THR A O   1 
ATOM   709  C CB  . THR A 1 125 ? 5.445   -1.953  -2.481  1.00 14.60 ? 113 THR A CB  1 
ATOM   710  O OG1 . THR A 1 125 ? 6.176   -3.177  -2.435  1.00 15.00 ? 113 THR A OG1 1 
ATOM   711  C CG2 . THR A 1 125 ? 4.622   -1.875  -3.748  1.00 17.34 ? 113 THR A CG2 1 
ATOM   712  N N   . PHE A 1 126 ? 5.036   0.946   -1.450  1.00 13.77 ? 114 PHE A N   1 
ATOM   713  C CA  . PHE A 1 126 ? 4.280   2.219   -1.441  1.00 13.00 ? 114 PHE A CA  1 
ATOM   714  C C   . PHE A 1 126 ? 5.305   3.364   -1.382  1.00 14.61 ? 114 PHE A C   1 
ATOM   715  O O   . PHE A 1 126 ? 5.059   4.446   -1.938  1.00 14.03 ? 114 PHE A O   1 
ATOM   716  C CB  . PHE A 1 126 ? 3.238   2.183   -0.324  1.00 13.68 ? 114 PHE A CB  1 
ATOM   717  C CG  . PHE A 1 126 ? 2.072   1.304   -0.677  1.00 14.30 ? 114 PHE A CG  1 
ATOM   718  C CD1 . PHE A 1 126 ? 1.065   1.828   -1.487  1.00 15.90 ? 114 PHE A CD1 1 
ATOM   719  C CD2 . PHE A 1 126 ? 1.912   0.050   -0.143  1.00 16.57 ? 114 PHE A CD2 1 
ATOM   720  C CE1 . PHE A 1 126 ? -0.018  1.032   -1.854  1.00 16.61 ? 114 PHE A CE1 1 
ATOM   721  C CE2 . PHE A 1 126 ? 0.820   -0.754  -0.499  1.00 16.30 ? 114 PHE A CE2 1 
ATOM   722  C CZ  . PHE A 1 126 ? -0.138  -0.251  -1.342  1.00 15.93 ? 114 PHE A CZ  1 
ATOM   723  N N   . GLY A 1 127 ? 6.404   3.184   -0.637  1.00 14.76 ? 115 GLY A N   1 
ATOM   724  C CA  . GLY A 1 127 ? 7.393   4.274   -0.457  1.00 15.17 ? 115 GLY A CA  1 
ATOM   725  C C   . GLY A 1 127 ? 8.161   4.543   -1.753  1.00 16.55 ? 115 GLY A C   1 
ATOM   726  O O   . GLY A 1 127 ? 8.674   5.688   -1.909  1.00 18.97 ? 115 GLY A O   1 
ATOM   727  N N   . SER A 1 128 ? 8.162   3.601   -2.675  1.00 15.49 ? 116 SER A N   1 
ATOM   728  C CA  . SER A 1 128 ? 8.709   3.771   -4.058  1.00 18.72 ? 116 SER A CA  1 
ATOM   729  C C   . SER A 1 128 ? 7.708   4.469   -4.979  1.00 18.57 ? 116 SER A C   1 
ATOM   730  O O   . SER A 1 128 ? 8.096   4.737   -6.164  1.00 19.32 ? 116 SER A O   1 
ATOM   731  C CB  . SER A 1 128 ? 9.164   2.444   -4.596  1.00 19.82 ? 116 SER A CB  1 
ATOM   732  O OG  . SER A 1 128 ? 10.279  1.972   -3.834  1.00 25.05 ? 116 SER A OG  1 
ATOM   733  N N   . HIS A 1 129 ? 6.439   4.572   -4.599  1.00 16.19 ? 117 HIS A N   1 
ATOM   734  C CA  . HIS A 1 129 ? 5.368   5.206   -5.406  1.00 17.29 ? 117 HIS A CA  1 
ATOM   735  C C   . HIS A 1 129 ? 4.587   6.182   -4.541  1.00 16.60 ? 117 HIS A C   1 
ATOM   736  O O   . HIS A 1 129 ? 3.388   6.027   -4.412  1.00 17.20 ? 117 HIS A O   1 
ATOM   737  C CB  . HIS A 1 129 ? 4.490   4.108   -6.018  1.00 17.33 ? 117 HIS A CB  1 
ATOM   738  C CG  . HIS A 1 129 ? 5.259   3.158   -6.847  1.00 18.36 ? 117 HIS A CG  1 
ATOM   739  N ND1 . HIS A 1 129 ? 5.599   3.459   -8.181  1.00 21.31 ? 117 HIS A ND1 1 
ATOM   740  C CD2 . HIS A 1 129 ? 5.752   1.936   -6.599  1.00 20.56 ? 117 HIS A CD2 1 
ATOM   741  C CE1 . HIS A 1 129 ? 6.304   2.455   -8.669  1.00 22.48 ? 117 HIS A CE1 1 
ATOM   742  N NE2 . HIS A 1 129 ? 6.427   1.516   -7.735  1.00 24.20 ? 117 HIS A NE2 1 
ATOM   743  N N   . LYS A 1 130 ? 5.237   7.207   -3.987  1.00 16.31 ? 118 LYS A N   1 
ATOM   744  C CA  . LYS A 1 130 ? 4.601   8.079   -2.999  1.00 16.62 ? 118 LYS A CA  1 
ATOM   745  C C   . LYS A 1 130 ? 3.488   8.893   -3.630  1.00 16.88 ? 118 LYS A C   1 
ATOM   746  O O   . LYS A 1 130 ? 2.490   9.076   -2.985  1.00 15.73 ? 118 LYS A O   1 
ATOM   747  C CB  . LYS A 1 130 ? 5.628   8.998   -2.361  1.00 17.55 ? 118 LYS A CB  1 
ATOM   748  C CG  . LYS A 1 130 ? 6.589   8.320   -1.428  1.00 19.65 ? 118 LYS A CG  1 
ATOM   749  C CD  . LYS A 1 130 ? 7.498   9.339   -0.823  1.00 20.96 ? 118 LYS A CD  1 
ATOM   750  C CE  . LYS A 1 130 ? 8.298   8.804   0.334   1.00 25.13 ? 118 LYS A CE  1 
ATOM   751  N NZ  . LYS A 1 130 ? 9.442   8.032   -0.150  1.00 27.48 ? 118 LYS A NZ  1 
ATOM   752  N N   . ALA A 1 131 ? 3.652   9.346   -4.885  1.00 17.09 ? 119 ALA A N   1 
ATOM   753  C CA  . ALA A 1 131 ? 2.613   10.180  -5.504  1.00 17.99 ? 119 ALA A CA  1 
ATOM   754  C C   . ALA A 1 131 ? 1.368   9.348   -5.761  1.00 15.76 ? 119 ALA A C   1 
ATOM   755  O O   . ALA A 1 131 ? 0.281   9.848   -5.467  1.00 17.51 ? 119 ALA A O   1 
ATOM   756  C CB  . ALA A 1 131 ? 3.097   10.813  -6.786  1.00 19.15 ? 119 ALA A CB  1 
ATOM   757  N N   . VAL A 1 132 ? 1.513   8.121   -6.244  1.00 15.90 ? 120 VAL A N   1 
ATOM   758  C CA  . VAL A 1 132 ? 0.343   7.219   -6.450  1.00 15.99 ? 120 VAL A CA  1 
ATOM   759  C C   . VAL A 1 132 ? -0.288  6.887   -5.097  1.00 16.86 ? 120 VAL A C   1 
ATOM   760  O O   . VAL A 1 132 ? -1.512  6.824   -4.984  1.00 18.59 ? 120 VAL A O   1 
ATOM   761  C CB  . VAL A 1 132 ? 0.732   5.969   -7.252  1.00 15.63 ? 120 VAL A CB  1 
ATOM   762  C CG1 . VAL A 1 132 ? -0.388  4.951   -7.237  1.00 16.29 ? 120 VAL A CG1 1 
ATOM   763  C CG2 . VAL A 1 132 ? 1.079   6.354   -8.684  1.00 18.09 ? 120 VAL A CG2 1 
ATOM   764  N N   . THR A 1 133 ? 0.546   6.629   -4.092  1.00 15.95 ? 121 THR A N   1 
ATOM   765  C CA  . THR A 1 133 ? 0.038   6.327   -2.725  1.00 15.98 ? 121 THR A CA  1 
ATOM   766  C C   . THR A 1 133 ? -0.809  7.501   -2.228  1.00 16.42 ? 121 THR A C   1 
ATOM   767  O O   . THR A 1 133 ? -1.968  7.292   -1.772  1.00 16.87 ? 121 THR A O   1 
ATOM   768  C CB  . THR A 1 133 ? 1.220   6.048   -1.805  1.00 15.06 ? 121 THR A CB  1 
ATOM   769  O OG1 . THR A 1 133 ? 1.944   4.913   -2.250  1.00 15.97 ? 121 THR A OG1 1 
ATOM   770  C CG2 . THR A 1 133 ? 0.721   5.805   -0.394  1.00 16.85 ? 121 THR A CG2 1 
ATOM   771  N N   . ARG A 1 134 ? -0.271  8.716   -2.304  1.00 16.07 ? 122 ARG A N   1 
ATOM   772  C CA  . ARG A 1 134 ? -0.955  9.921   -1.803  1.00 17.42 ? 122 ARG A CA  1 
ATOM   773  C C   . ARG A 1 134 ? -2.278  10.121  -2.568  1.00 18.55 ? 122 ARG A C   1 
ATOM   774  O O   . ARG A 1 134 ? -3.308  10.260  -1.960  1.00 18.23 ? 122 ARG A O   1 
ATOM   775  C CB  . ARG A 1 134 ? -0.066  11.151  -1.958  1.00 22.56 ? 122 ARG A CB  1 
ATOM   776  C CG  . ARG A 1 134 ? -0.772  12.441  -1.574  1.00 28.68 ? 122 ARG A CG  1 
ATOM   777  C CD  . ARG A 1 134 ? 0.083   13.693  -1.721  1.00 39.06 ? 122 ARG A CD  1 
ATOM   778  N NE  . ARG A 1 134 ? 0.410   13.978  -3.114  1.00 47.73 ? 122 ARG A NE  1 
ATOM   779  C CZ  . ARG A 1 134 ? 1.592   13.751  -3.715  1.00 53.86 ? 122 ARG A CZ  1 
ATOM   780  N NH1 . ARG A 1 134 ? 1.725   14.042  -5.000  1.00 46.86 ? 122 ARG A NH1 1 
ATOM   781  N NH2 . ARG A 1 134 ? 2.622   13.219  -3.063  1.00 52.37 ? 122 ARG A NH2 1 
ATOM   782  N N   . ALA A 1 135 ? -2.213  10.098  -3.894  1.00 18.99 ? 123 ALA A N   1 
ATOM   783  C CA  . ALA A 1 135 ? -3.385  10.388  -4.737  1.00 17.32 ? 123 ALA A CA  1 
ATOM   784  C C   . ALA A 1 135 ? -4.414  9.275   -4.552  1.00 17.84 ? 123 ALA A C   1 
ATOM   785  O O   . ALA A 1 135 ? -5.646  9.565   -4.475  1.00 19.20 ? 123 ALA A O   1 
ATOM   786  C CB  . ALA A 1 135 ? -2.914  10.510  -6.168  1.00 17.85 ? 123 ALA A CB  1 
ATOM   787  N N   . GLY A 1 136 ? -3.969  8.025   -4.541  1.00 17.25 ? 124 GLY A N   1 
ATOM   788  C CA  . GLY A 1 136 ? -4.871  6.870   -4.377  1.00 17.22 ? 124 GLY A CA  1 
ATOM   789  C C   . GLY A 1 136 ? -5.591  6.938   -3.035  1.00 16.80 ? 124 GLY A C   1 
ATOM   790  O O   . GLY A 1 136 ? -6.789  6.647   -2.940  1.00 17.78 ? 124 GLY A O   1 
ATOM   791  N N   . GLN A 1 137 ? -4.887  7.298   -1.958  1.00 17.75 ? 125 GLN A N   1 
ATOM   792  C CA  . GLN A 1 137 ? -5.563  7.386   -0.649  1.00 17.52 ? 125 GLN A CA  1 
ATOM   793  C C   . GLN A 1 137 ? -6.596  8.518   -0.684  1.00 18.41 ? 125 GLN A C   1 
ATOM   794  O O   . GLN A 1 137 ? -7.724  8.312   -0.162  1.00 18.79 ? 125 GLN A O   1 
ATOM   795  C CB  . GLN A 1 137 ? -4.540  7.566   0.477   1.00 17.66 ? 125 GLN A CB  1 
ATOM   796  C CG  . GLN A 1 137 ? -3.678  6.329   0.669   1.00 17.03 ? 125 GLN A CG  1 
ATOM   797  C CD  . GLN A 1 137 ? -4.473  5.100   1.040   1.00 19.37 ? 125 GLN A CD  1 
ATOM   798  O OE1 . GLN A 1 137 ? -5.197  5.115   2.011   1.00 20.43 ? 125 GLN A OE1 1 
ATOM   799  N NE2 . GLN A 1 137 ? -4.336  4.025   0.273   1.00 20.37 ? 125 GLN A NE2 1 
ATOM   800  N N   . ALA A 1 138 ? -6.244  9.655   -1.278  1.00 18.33 ? 126 ALA A N   1 
ATOM   801  C CA  . ALA A 1 138 ? -7.156  10.812  -1.363  1.00 19.27 ? 126 ALA A CA  1 
ATOM   802  C C   . ALA A 1 138 ? -8.395  10.399  -2.153  1.00 22.14 ? 126 ALA A C   1 
ATOM   803  O O   . ALA A 1 138 ? -9.487  10.815  -1.745  1.00 22.93 ? 126 ALA A O   1 
ATOM   804  C CB  . ALA A 1 138 ? -6.484  12.004  -1.949  1.00 20.00 ? 126 ALA A CB  1 
ATOM   805  N N   . ALA A 1 139 ? -8.231  9.613   -3.218  1.00 20.49 ? 127 ALA A N   1 
ATOM   806  C CA  . ALA A 1 139 ? -9.355  9.175   -4.086  1.00 21.07 ? 127 ALA A CA  1 
ATOM   807  C C   . ALA A 1 139 ? -10.301 8.227   -3.368  1.00 22.43 ? 127 ALA A C   1 
ATOM   808  O O   . ALA A 1 139 ? -11.429 8.052   -3.843  1.00 22.39 ? 127 ALA A O   1 
ATOM   809  C CB  . ALA A 1 139 ? -8.799  8.542   -5.329  1.00 20.53 ? 127 ALA A CB  1 
ATOM   810  N N   . ARG A 1 140 ? -9.931  7.633   -2.228  1.00 20.12 ? 128 ARG A N   1 
ATOM   811  C CA  . ARG A 1 140 ? -10.867 6.772   -1.475  1.00 20.47 ? 128 ARG A CA  1 
ATOM   812  C C   . ARG A 1 140 ? -12.116 7.567   -1.095  1.00 21.08 ? 128 ARG A C   1 
ATOM   813  O O   . ARG A 1 140 ? -13.185 6.916   -0.974  1.00 23.79 ? 128 ARG A O   1 
ATOM   814  C CB  . ARG A 1 140 ? -10.234 6.211   -0.191  1.00 19.20 ? 128 ARG A CB  1 
ATOM   815  C CG  . ARG A 1 140 ? -9.164  5.179   -0.476  1.00 20.81 ? 128 ARG A CG  1 
ATOM   816  C CD  . ARG A 1 140 ? -8.323  4.850   0.745   1.00 19.44 ? 128 ARG A CD  1 
ATOM   817  N NE  . ARG A 1 140 ? -9.158  4.225   1.742   1.00 20.47 ? 128 ARG A NE  1 
ATOM   818  C CZ  . ARG A 1 140 ? -8.716  3.948   2.964   1.00 23.56 ? 128 ARG A CZ  1 
ATOM   819  N NH1 . ARG A 1 140 ? -7.461  4.244   3.261   1.00 20.69 ? 128 ARG A NH1 1 
ATOM   820  N NH2 . ARG A 1 140 ? -9.515  3.388   3.849   1.00 22.91 ? 128 ARG A NH2 1 
ATOM   821  N N   . ALA A 1 141 ? -11.976 8.875   -0.877  1.00 22.79 ? 129 ALA A N   1 
ATOM   822  C CA  . ALA A 1 141 ? -13.093 9.779   -0.511  1.00 25.15 ? 129 ALA A CA  1 
ATOM   823  C C   . ALA A 1 141 ? -14.110 9.876   -1.659  1.00 26.96 ? 129 ALA A C   1 
ATOM   824  O O   . ALA A 1 141 ? -15.309 9.944   -1.375  1.00 31.04 ? 129 ALA A O   1 
ATOM   825  C CB  . ALA A 1 141 ? -12.580 11.140  -0.093  1.00 26.18 ? 129 ALA A CB  1 
ATOM   826  N N   . THR A 1 142 ? -13.668 9.874   -2.911  1.00 26.85 ? 130 THR A N   1 
ATOM   827  C CA  . THR A 1 142 ? -14.523 10.292  -4.057  1.00 27.24 ? 130 THR A CA  1 
ATOM   828  C C   . THR A 1 142 ? -14.832 9.121   -5.001  1.00 32.30 ? 130 THR A C   1 
ATOM   829  O O   . THR A 1 142 ? -15.799 9.228   -5.772  1.00 30.44 ? 130 THR A O   1 
ATOM   830  C CB  . THR A 1 142 ? -13.866 11.478  -4.754  1.00 30.84 ? 130 THR A CB  1 
ATOM   831  O OG1 . THR A 1 142 ? -12.575 11.091  -5.210  1.00 32.63 ? 130 THR A OG1 1 
ATOM   832  C CG2 . THR A 1 142 ? -13.713 12.679  -3.846  1.00 31.10 ? 130 THR A CG2 1 
ATOM   833  N N   . SER A 1 143 ? -14.048 8.048   -4.997  1.00 25.30 ? 131 SER A N   1 
ATOM   834  C CA  . SER A 1 143 ? -14.203 6.931   -5.942  1.00 24.20 ? 131 SER A CA  1 
ATOM   835  C C   . SER A 1 143 ? -14.607 5.676   -5.192  1.00 27.52 ? 131 SER A C   1 
ATOM   836  O O   . SER A 1 143 ? -13.796 5.148   -4.420  1.00 24.48 ? 131 SER A O   1 
ATOM   837  C CB  . SER A 1 143 ? -12.956 6.705   -6.736  1.00 25.28 ? 131 SER A CB  1 
ATOM   838  O OG  . SER A 1 143 ? -13.025 5.459   -7.401  1.00 23.89 ? 131 SER A OG  1 
ATOM   839  N N   . VAL A 1 144 ? -15.814 5.168   -5.435  1.00 27.18 ? 132 VAL A N   1 
ATOM   840  C CA  . VAL A 1 144 ? -16.216 3.850   -4.881  1.00 24.91 ? 132 VAL A CA  1 
ATOM   841  C C   . VAL A 1 144 ? -15.237 2.771   -5.368  1.00 23.44 ? 132 VAL A C   1 
ATOM   842  O O   . VAL A 1 144 ? -15.002 1.835   -4.629  1.00 21.11 ? 132 VAL A O   1 
ATOM   843  C CB  . VAL A 1 144 ? -17.674 3.489   -5.233  1.00 30.46 ? 132 VAL A CB  1 
ATOM   844  C CG1 . VAL A 1 144 ? -18.019 2.064   -4.839  1.00 32.05 ? 132 VAL A CG1 1 
ATOM   845  C CG2 . VAL A 1 144 ? -18.642 4.467   -4.596  1.00 29.90 ? 132 VAL A CG2 1 
ATOM   846  N N   . GLU A 1 145 ? -14.730 2.840   -6.596  1.00 21.18 ? 133 GLU A N   1 
ATOM   847  C CA  . GLU A 1 145 ? -13.862 1.787   -7.157  1.00 21.90 ? 133 GLU A CA  1 
ATOM   848  C C   . GLU A 1 145 ? -12.527 1.802   -6.373  1.00 19.90 ? 133 GLU A C   1 
ATOM   849  O O   . GLU A 1 145 ? -12.017 0.726   -6.067  1.00 19.88 ? 133 GLU A O   1 
ATOM   850  C CB  . GLU A 1 145 ? -13.620 2.022   -8.656  1.00 25.27 ? 133 GLU A CB  1 
ATOM   851  C CG  . GLU A 1 145 ? -14.892 1.927   -9.494  1.00 31.86 ? 133 GLU A CG  1 
ATOM   852  C CD  . GLU A 1 145 ? -15.704 3.209   -9.733  1.00 42.55 ? 133 GLU A CD  1 
ATOM   853  O OE1 . GLU A 1 145 ? -15.606 4.230   -8.954  1.00 41.18 ? 133 GLU A OE1 1 
ATOM   854  O OE2 . GLU A 1 145 ? -16.481 3.200   -10.714 1.00 54.67 ? 133 GLU A OE2 1 
ATOM   855  N N   . VAL A 1 146 ? -12.027 2.982   -6.055  1.00 19.66 ? 134 VAL A N   1 
ATOM   856  C CA  . VAL A 1 146 ? -10.733 3.074   -5.311  1.00 17.02 ? 134 VAL A CA  1 
ATOM   857  C C   . VAL A 1 146 ? -10.980 2.583   -3.890  1.00 17.51 ? 134 VAL A C   1 
ATOM   858  O O   . VAL A 1 146 ? -10.162 1.792   -3.378  1.00 16.02 ? 134 VAL A O   1 
ATOM   859  C CB  . VAL A 1 146 ? -10.136 4.479   -5.337  1.00 19.12 ? 134 VAL A CB  1 
ATOM   860  C CG1 . VAL A 1 146 ? -9.009  4.625   -4.304  1.00 19.10 ? 134 VAL A CG1 1 
ATOM   861  C CG2 . VAL A 1 146 ? -9.601  4.833   -6.706  1.00 19.67 ? 134 VAL A CG2 1 
ATOM   862  N N   . ALA A 1 147 ? -12.055 3.041   -3.252  1.00 17.52 ? 135 ALA A N   1 
ATOM   863  C CA  . ALA A 1 147 ? -12.422 2.581   -1.885  1.00 18.37 ? 135 ALA A CA  1 
ATOM   864  C C   . ALA A 1 147 ? -12.542 1.055   -1.843  1.00 18.80 ? 135 ALA A C   1 
ATOM   865  O O   . ALA A 1 147 ? -12.095 0.434   -0.870  1.00 17.55 ? 135 ALA A O   1 
ATOM   866  C CB  . ALA A 1 147 ? -13.694 3.268   -1.415  1.00 19.55 ? 135 ALA A CB  1 
ATOM   867  N N   . GLU A 1 148 ? -13.213 0.423   -2.819  1.00 17.27 ? 136 GLU A N   1 
ATOM   868  C CA  . GLU A 1 148 ? -13.429 -1.037  -2.836  1.00 18.33 ? 136 GLU A CA  1 
ATOM   869  C C   . GLU A 1 148 ? -12.098 -1.755  -3.072  1.00 16.13 ? 136 GLU A C   1 
ATOM   870  O O   . GLU A 1 148 ? -11.878 -2.776  -2.460  1.00 15.82 ? 136 GLU A O   1 
ATOM   871  C CB  . GLU A 1 148 ? -14.533 -1.439  -3.836  1.00 22.31 ? 136 GLU A CB  1 
ATOM   872  C CG  . GLU A 1 148 ? -15.894 -1.004  -3.317  1.00 26.39 ? 136 GLU A CG  1 
ATOM   873  C CD  . GLU A 1 148 ? -17.095 -1.341  -4.183  1.00 38.32 ? 136 GLU A CD  1 
ATOM   874  O OE1 . GLU A 1 148 ? -16.869 -1.776  -5.330  1.00 34.87 ? 136 GLU A OE1 1 
ATOM   875  O OE2 . GLU A 1 148 ? -18.247 -1.169  -3.688  1.00 35.96 ? 136 GLU A OE2 1 
ATOM   876  N N   . LEU A 1 149 ? -11.224 -1.211  -3.912  1.00 16.69 ? 137 LEU A N   1 
ATOM   877  C CA  . LEU A 1 149 ? -9.916  -1.837  -4.181  1.00 16.49 ? 137 LEU A CA  1 
ATOM   878  C C   . LEU A 1 149 ? -9.133  -1.847  -2.853  1.00 13.95 ? 137 LEU A C   1 
ATOM   879  O O   . LEU A 1 149 ? -8.603  -2.900  -2.473  1.00 14.22 ? 137 LEU A O   1 
ATOM   880  C CB  . LEU A 1 149 ? -9.206  -1.026  -5.262  1.00 17.65 ? 137 LEU A CB  1 
ATOM   881  C CG  . LEU A 1 149 ? -7.752  -1.413  -5.507  1.00 19.77 ? 137 LEU A CG  1 
ATOM   882  C CD1 . LEU A 1 149 ? -7.589  -2.821  -6.047  1.00 23.81 ? 137 LEU A CD1 1 
ATOM   883  C CD2 . LEU A 1 149 ? -7.116  -0.396  -6.430  1.00 21.49 ? 137 LEU A CD2 1 
ATOM   884  N N   . TRP A 1 150 ? -9.081  -0.692  -2.218  1.00 15.90 ? 138 TRP A N   1 
ATOM   885  C CA  . TRP A 1 150 ? -8.299  -0.565  -0.962  1.00 15.33 ? 138 TRP A CA  1 
ATOM   886  C C   . TRP A 1 150 ? -8.857  -1.526  0.077   1.00 15.38 ? 138 TRP A C   1 
ATOM   887  O O   . TRP A 1 150 ? -8.111  -2.288  0.700   1.00 13.78 ? 138 TRP A O   1 
ATOM   888  C CB  . TRP A 1 150 ? -8.243  0.881   -0.464  1.00 15.57 ? 138 TRP A CB  1 
ATOM   889  C CG  . TRP A 1 150 ? -7.206  0.987   0.602   1.00 15.50 ? 138 TRP A CG  1 
ATOM   890  C CD1 . TRP A 1 150 ? -7.407  1.046   1.949   1.00 15.41 ? 138 TRP A CD1 1 
ATOM   891  C CD2 . TRP A 1 150 ? -5.785  0.879   0.400   1.00 15.68 ? 138 TRP A CD2 1 
ATOM   892  N NE1 . TRP A 1 150 ? -6.196  1.048   2.600   1.00 14.82 ? 138 TRP A NE1 1 
ATOM   893  C CE2 . TRP A 1 150 ? -5.188  0.955   1.677   1.00 15.85 ? 138 TRP A CE2 1 
ATOM   894  C CE3 . TRP A 1 150 ? -4.971  0.784   -0.729  1.00 16.11 ? 138 TRP A CE3 1 
ATOM   895  C CZ2 . TRP A 1 150 ? -3.802  0.832   1.837   1.00 15.59 ? 138 TRP A CZ2 1 
ATOM   896  C CZ3 . TRP A 1 150 ? -3.600  0.730   -0.570  1.00 16.81 ? 138 TRP A CZ3 1 
ATOM   897  C CH2 . TRP A 1 150 ? -3.028  0.766   0.700   1.00 15.82 ? 138 TRP A CH2 1 
ATOM   898  N N   . SER A 1 151 ? -10.184 -1.550  0.222   1.00 15.02 ? 139 SER A N   1 
ATOM   899  C CA  . SER A 1 151 ? -10.867 -2.421  1.194   1.00 15.25 ? 139 SER A CA  1 
ATOM   900  C C   . SER A 1 151 ? -10.553 -3.891  0.933   1.00 14.90 ? 139 SER A C   1 
ATOM   901  O O   . SER A 1 151 ? -10.259 -4.666  1.869   1.00 14.66 ? 139 SER A O   1 
ATOM   902  C CB  . SER A 1 151 ? -12.373 -2.139  1.152   1.00 15.88 ? 139 SER A CB  1 
ATOM   903  O OG  . SER A 1 151 ? -13.058 -3.070  1.954   1.00 21.51 ? 139 SER A OG  1 
ATOM   904  N N   . THR A 1 152 ? -10.647 -4.303  -0.330  1.00 13.73 ? 140 THR A N   1 
ATOM   905  C CA  . THR A 1 152 ? -10.424 -5.709  -0.726  1.00 14.97 ? 140 THR A CA  1 
ATOM   906  C C   . THR A 1 152 ? -9.025  -6.163  -0.282  1.00 13.53 ? 140 THR A C   1 
ATOM   907  O O   . THR A 1 152 ? -8.860  -7.231  0.273   1.00 13.79 ? 140 THR A O   1 
ATOM   908  C CB  . THR A 1 152 ? -10.542 -5.886  -2.250  1.00 19.27 ? 140 THR A CB  1 
ATOM   909  O OG1 . THR A 1 152 ? -11.914 -5.601  -2.518  1.00 22.42 ? 140 THR A OG1 1 
ATOM   910  C CG2 . THR A 1 152 ? -10.177 -7.272  -2.688  1.00 21.98 ? 140 THR A CG2 1 
ATOM   911  N N   . PHE A 1 153 ? -7.997  -5.386  -0.630  1.00 13.29 ? 141 PHE A N   1 
ATOM   912  C CA  . PHE A 1 153 ? -6.618  -5.797  -0.296  1.00 12.88 ? 141 PHE A CA  1 
ATOM   913  C C   . PHE A 1 153 ? -6.350  -5.684  1.209   1.00 11.87 ? 141 PHE A C   1 
ATOM   914  O O   . PHE A 1 153 ? -5.654  -6.531  1.715   1.00 11.33 ? 141 PHE A O   1 
ATOM   915  C CB  . PHE A 1 153 ? -5.636  -5.028  -1.169  1.00 13.71 ? 141 PHE A CB  1 
ATOM   916  C CG  . PHE A 1 153 ? -5.532  -5.644  -2.538  1.00 14.57 ? 141 PHE A CG  1 
ATOM   917  C CD1 . PHE A 1 153 ? -4.667  -6.693  -2.719  1.00 14.54 ? 141 PHE A CD1 1 
ATOM   918  C CD2 . PHE A 1 153 ? -6.407  -5.303  -3.550  1.00 16.45 ? 141 PHE A CD2 1 
ATOM   919  C CE1 . PHE A 1 153 ? -4.547  -7.322  -3.957  1.00 16.75 ? 141 PHE A CE1 1 
ATOM   920  C CE2 . PHE A 1 153 ? -6.354  -5.997  -4.762  1.00 17.24 ? 141 PHE A CE2 1 
ATOM   921  C CZ  . PHE A 1 153 ? -5.432  -6.991  -4.955  1.00 16.55 ? 141 PHE A CZ  1 
ATOM   922  N N   . MET A 1 154 ? -6.853  -4.639  1.869   1.00 11.80 ? 142 MET A N   1 
ATOM   923  C CA  . MET A 1 154 ? -6.628  -4.586  3.340   1.00 11.81 ? 142 MET A CA  1 
ATOM   924  C C   . MET A 1 154 ? -7.251  -5.819  4.000   1.00 12.88 ? 142 MET A C   1 
ATOM   925  O O   . MET A 1 154 ? -6.648  -6.355  4.907   1.00 11.69 ? 142 MET A O   1 
ATOM   926  C CB  . MET A 1 154 ? -7.220  -3.302  3.932   1.00 11.14 ? 142 MET A CB  1 
ATOM   927  C CG  . MET A 1 154 ? -6.456  -2.053  3.596   1.00 12.77 ? 142 MET A CG  1 
ATOM   928  S SD  . MET A 1 154 ? -4.755  -1.989  4.277   1.00 13.51 ? 142 MET A SD  1 
ATOM   929  C CE  . MET A 1 154 ? -5.114  -1.680  6.021   1.00 13.34 ? 142 MET A CE  1 
ATOM   930  N N   . GLN A 1 155 ? -8.435  -6.260  3.542   1.00 13.13 ? 143 GLN A N   1 
ATOM   931  C CA  . GLN A 1 155 ? -9.029  -7.484  4.110   1.00 14.10 ? 143 GLN A CA  1 
ATOM   932  C C   . GLN A 1 155 ? -8.104  -8.675  3.887   1.00 12.43 ? 143 GLN A C   1 
ATOM   933  O O   . GLN A 1 155 ? -7.896  -9.469  4.803   1.00 12.67 ? 143 GLN A O   1 
ATOM   934  C CB  . GLN A 1 155 ? -10.415 -7.733  3.525   1.00 15.10 ? 143 GLN A CB  1 
ATOM   935  C CG  . GLN A 1 155 ? -11.478 -6.753  3.966   1.00 19.75 ? 143 GLN A CG  1 
ATOM   936  C CD  . GLN A 1 155 ? -12.780 -7.008  3.220   1.00 25.31 ? 143 GLN A CD  1 
ATOM   937  O OE1 . GLN A 1 155 ? -13.319 -8.093  3.282   1.00 31.50 ? 143 GLN A OE1 1 
ATOM   938  N NE2 . GLN A 1 155 ? -13.255 -6.055  2.436   1.00 27.53 ? 143 GLN A NE2 1 
ATOM   939  N N   . LYS A 1 156 ? -7.498  -8.779  2.702   1.00 12.02 ? 144 LYS A N   1 
ATOM   940  C CA  . LYS A 1 156 ? -6.604  -9.913  2.387   1.00 13.82 ? 144 LYS A CA  1 
ATOM   941  C C   . LYS A 1 156 ? -5.362  -9.864  3.265   1.00 12.04 ? 144 LYS A C   1 
ATOM   942  O O   . LYS A 1 156 ? -4.975  -10.838 3.851   1.00 11.85 ? 144 LYS A O   1 
ATOM   943  C CB  . LYS A 1 156 ? -6.259  -9.860  0.902   1.00 15.63 ? 144 LYS A CB  1 
ATOM   944  C CG  . LYS A 1 156 ? -5.367  -10.989 0.446   1.00 20.17 ? 144 LYS A CG  1 
ATOM   945  C CD  . LYS A 1 156 ? -5.084  -10.932 -1.058  1.00 22.95 ? 144 LYS A CD  1 
ATOM   946  C CE  . LYS A 1 156 ? -4.314  -12.153 -1.508  1.00 27.14 ? 144 LYS A CE  1 
ATOM   947  N NZ  . LYS A 1 156 ? -4.101  -12.135 -2.975  1.00 29.04 ? 144 LYS A NZ  1 
ATOM   948  N N   . TRP A 1 157 ? -4.761  -8.690  3.429   1.00 11.79 ? 145 TRP A N   1 
ATOM   949  C CA  . TRP A 1 157 ? -3.527  -8.553  4.226   1.00 11.11 ? 145 TRP A CA  1 
ATOM   950  C C   . TRP A 1 157 ? -3.783  -8.817  5.722   1.00 11.06 ? 145 TRP A C   1 
ATOM   951  O O   . TRP A 1 157 ? -2.971  -9.424  6.398   1.00 11.36 ? 145 TRP A O   1 
ATOM   952  C CB  . TRP A 1 157 ? -2.931  -7.169  3.942   1.00 11.36 ? 145 TRP A CB  1 
ATOM   953  C CG  . TRP A 1 157 ? -2.574  -6.995  2.491   1.00 11.05 ? 145 TRP A CG  1 
ATOM   954  C CD1 . TRP A 1 157 ? -2.219  -7.977  1.620   1.00 12.42 ? 145 TRP A CD1 1 
ATOM   955  C CD2 . TRP A 1 157 ? -2.453  -5.759  1.778   1.00 10.77 ? 145 TRP A CD2 1 
ATOM   956  N NE1 . TRP A 1 157 ? -1.920  -7.435  0.394   1.00 12.37 ? 145 TRP A NE1 1 
ATOM   957  C CE2 . TRP A 1 157 ? -2.081  -6.088  0.439   1.00 12.19 ? 145 TRP A CE2 1 
ATOM   958  C CE3 . TRP A 1 157 ? -2.716  -4.415  2.073   1.00 10.69 ? 145 TRP A CE3 1 
ATOM   959  C CZ2 . TRP A 1 157 ? -1.891  -5.124  -0.538  1.00 11.68 ? 145 TRP A CZ2 1 
ATOM   960  C CZ3 . TRP A 1 157 ? -2.543  -3.474  1.084   1.00 11.93 ? 145 TRP A CZ3 1 
ATOM   961  C CH2 . TRP A 1 157 ? -2.162  -3.824  -0.205  1.00 11.26 ? 145 TRP A CH2 1 
ATOM   962  N N   . ILE A 1 158 ? -4.922  -8.316  6.212   1.00 11.29 ? 146 ILE A N   1 
ATOM   963  C CA  . ILE A 1 158 ? -5.309  -8.571  7.623   1.00 10.84 ? 146 ILE A CA  1 
ATOM   964  C C   . ILE A 1 158 ? -5.559  -10.077 7.827   1.00 11.14 ? 146 ILE A C   1 
ATOM   965  O O   . ILE A 1 158 ? -5.131  -10.608 8.826   1.00 10.80 ? 146 ILE A O   1 
ATOM   966  C CB  . ILE A 1 158 ? -6.582  -7.776  7.940   1.00 10.02 ? 146 ILE A CB  1 
ATOM   967  C CG1 . ILE A 1 158 ? -6.209  -6.285  8.050   1.00 10.55 ? 146 ILE A CG1 1 
ATOM   968  C CG2 . ILE A 1 158 ? -7.225  -8.275  9.228   1.00 10.86 ? 146 ILE A CG2 1 
ATOM   969  C CD1 . ILE A 1 158 ? -7.368  -5.349  8.041   1.00 11.44 ? 146 ILE A CD1 1 
ATOM   970  N N   . ALA A 1 159 ? -6.230  -10.714 6.873   1.00 12.39 ? 147 ALA A N   1 
ATOM   971  C CA  . ALA A 1 159 ? -6.520  -12.161 7.008   1.00 12.96 ? 147 ALA A CA  1 
ATOM   972  C C   . ALA A 1 159 ? -5.204  -12.939 7.074   1.00 12.91 ? 147 ALA A C   1 
ATOM   973  O O   . ALA A 1 159 ? -5.067  -13.864 7.906   1.00 12.87 ? 147 ALA A O   1 
ATOM   974  C CB  . ALA A 1 159 ? -7.448  -12.612 5.912   1.00 12.95 ? 147 ALA A CB  1 
ATOM   975  N N   . TYR A 1 160 ? -4.214  -12.558 6.258   1.00 12.67 ? 148 TYR A N   1 
ATOM   976  C CA  . TYR A 1 160 ? -2.920  -13.264 6.245   1.00 14.71 ? 148 TYR A CA  1 
ATOM   977  C C   . TYR A 1 160 ? -2.170  -12.994 7.551   1.00 13.82 ? 148 TYR A C   1 
ATOM   978  O O   . TYR A 1 160 ? -1.607  -13.906 8.174   1.00 13.91 ? 148 TYR A O   1 
ATOM   979  C CB  . TYR A 1 160 ? -2.087  -12.922 5.009   1.00 15.24 ? 148 TYR A CB  1 
ATOM   980  C CG  . TYR A 1 160 ? -0.813  -13.697 4.912   1.00 17.66 ? 148 TYR A CG  1 
ATOM   981  C CD1 . TYR A 1 160 ? -0.754  -15.049 5.162   1.00 19.23 ? 148 TYR A CD1 1 
ATOM   982  C CD2 . TYR A 1 160 ? 0.356   -13.076 4.530   1.00 21.84 ? 148 TYR A CD2 1 
ATOM   983  C CE1 . TYR A 1 160 ? 0.427   -15.765 5.055   1.00 21.43 ? 148 TYR A CE1 1 
ATOM   984  C CE2 . TYR A 1 160 ? 1.551   -13.779 4.448   1.00 24.20 ? 148 TYR A CE2 1 
ATOM   985  C CZ  . TYR A 1 160 ? 1.590   -15.127 4.711   1.00 24.80 ? 148 TYR A CZ  1 
ATOM   986  O OH  . TYR A 1 160 ? 2.775   -15.838 4.625   1.00 27.77 ? 148 TYR A OH  1 
ATOM   987  N N   . THR A 1 161 ? -2.176  -11.739 8.001   1.00 12.26 ? 149 THR A N   1 
ATOM   988  C CA  . THR A 1 161 ? -1.581  -11.386 9.289   1.00 12.28 ? 149 THR A CA  1 
ATOM   989  C C   . THR A 1 161 ? -2.186  -12.287 10.379  1.00 12.60 ? 149 THR A C   1 
ATOM   990  O O   . THR A 1 161 ? -1.439  -12.816 11.201  1.00 12.37 ? 149 THR A O   1 
ATOM   991  C CB  . THR A 1 161 ? -1.809  -9.893  9.614   1.00 11.95 ? 149 THR A CB  1 
ATOM   992  O OG1 . THR A 1 161 ? -1.271  -9.077  8.555   1.00 12.35 ? 149 THR A OG1 1 
ATOM   993  C CG2 . THR A 1 161 ? -1.171  -9.531  10.925  1.00 12.32 ? 149 THR A CG2 1 
ATOM   994  N N   . ALA A 1 162 ? -3.510  -12.366 10.423  1.00 12.72 ? 150 ALA A N   1 
ATOM   995  C CA  . ALA A 1 162 ? -4.187  -13.137 11.488  1.00 13.16 ? 150 ALA A CA  1 
ATOM   996  C C   . ALA A 1 162 ? -3.751  -14.611 11.379  1.00 14.50 ? 150 ALA A C   1 
ATOM   997  O O   . ALA A 1 162 ? -3.595  -15.247 12.414  1.00 14.72 ? 150 ALA A O   1 
ATOM   998  C CB  . ALA A 1 162 ? -5.657  -12.972 11.394  1.00 13.59 ? 150 ALA A CB  1 
ATOM   999  N N   . ALA A 1 163 ? -3.680  -15.119 10.167  1.00 15.33 ? 151 ALA A N   1 
ATOM   1000 C CA  . ALA A 1 163 ? -3.325  -16.552 9.936   1.00 17.92 ? 151 ALA A CA  1 
ATOM   1001 C C   . ALA A 1 163 ? -1.936  -16.823 10.499  1.00 18.32 ? 151 ALA A C   1 
ATOM   1002 O O   . ALA A 1 163 ? -1.718  -17.851 11.201  1.00 19.32 ? 151 ALA A O   1 
ATOM   1003 C CB  . ALA A 1 163 ? -3.407  -16.891 8.462   1.00 17.29 ? 151 ALA A CB  1 
ATOM   1004 N N   . VAL A 1 164 ? -0.972  -15.927 10.258  1.00 16.02 ? 152 VAL A N   1 
ATOM   1005 C CA  . VAL A 1 164 ? 0.390   -16.104 10.794  1.00 16.49 ? 152 VAL A CA  1 
ATOM   1006 C C   . VAL A 1 164 ? 0.373   -15.965 12.313  1.00 17.42 ? 152 VAL A C   1 
ATOM   1007 O O   . VAL A 1 164 ? 1.005   -16.764 12.976  1.00 18.30 ? 152 VAL A O   1 
ATOM   1008 C CB  . VAL A 1 164 ? 1.404   -15.185 10.090  1.00 16.55 ? 152 VAL A CB  1 
ATOM   1009 C CG1 . VAL A 1 164 ? 2.803   -15.303 10.662  1.00 18.19 ? 152 VAL A CG1 1 
ATOM   1010 C CG2 . VAL A 1 164 ? 1.403   -15.481 8.604   1.00 18.24 ? 152 VAL A CG2 1 
ATOM   1011 N N   . ILE A 1 165 ? -0.348  -15.007 12.875  1.00 15.53 ? 153 ILE A N   1 
ATOM   1012 C CA  . ILE A 1 165 ? -0.416  -14.887 14.346  1.00 15.14 ? 153 ILE A CA  1 
ATOM   1013 C C   . ILE A 1 165 ? -0.971  -16.208 14.912  1.00 16.15 ? 153 ILE A C   1 
ATOM   1014 O O   . ILE A 1 165 ? -0.431  -16.651 15.914  1.00 18.94 ? 153 ILE A O   1 
ATOM   1015 C CB  . ILE A 1 165 ? -1.262  -13.658 14.755  1.00 14.60 ? 153 ILE A CB  1 
ATOM   1016 C CG1 . ILE A 1 165 ? -0.556  -12.337 14.401  1.00 14.39 ? 153 ILE A CG1 1 
ATOM   1017 C CG2 . ILE A 1 165 ? -1.602  -13.692 16.227  1.00 14.41 ? 153 ILE A CG2 1 
ATOM   1018 C CD1 . ILE A 1 165 ? -1.450  -11.117 14.483  1.00 14.38 ? 153 ILE A CD1 1 
ATOM   1019 N N   . ASP A 1 166 ? -2.063  -16.716 14.339  1.00 17.67 ? 154 ASP A N   1 
ATOM   1020 C CA  . ASP A 1 166 ? -2.669  -18.011 14.771  1.00 18.14 ? 154 ASP A CA  1 
ATOM   1021 C C   . ASP A 1 166 ? -1.647  -19.147 14.662  1.00 21.49 ? 154 ASP A C   1 
ATOM   1022 O O   . ASP A 1 166 ? -1.521  -19.948 15.641  1.00 23.17 ? 154 ASP A O   1 
ATOM   1023 C CB  . ASP A 1 166 ? -3.945  -18.284 14.007  1.00 20.92 ? 154 ASP A CB  1 
ATOM   1024 C CG  . ASP A 1 166 ? -5.118  -17.577 14.633  1.00 21.96 ? 154 ASP A CG  1 
ATOM   1025 O OD1 . ASP A 1 166 ? -5.069  -17.227 15.850  1.00 27.44 ? 154 ASP A OD1 1 
ATOM   1026 O OD2 . ASP A 1 166 ? -6.081  -17.370 13.890  1.00 28.11 ? 154 ASP A OD2 1 
ATOM   1027 N N   . ALA A 1 167 ? -0.902  -19.229 13.573  1.00 21.69 ? 155 ALA A N   1 
ATOM   1028 C CA  . ALA A 1 167 ? 0.189   -20.228 13.438  1.00 25.67 ? 155 ALA A CA  1 
ATOM   1029 C C   . ALA A 1 167 ? 1.199   -20.062 14.581  1.00 26.42 ? 155 ALA A C   1 
ATOM   1030 O O   . ALA A 1 167 ? 1.576   -21.062 15.227  1.00 28.34 ? 155 ALA A O   1 
ATOM   1031 C CB  . ALA A 1 167 ? 0.858   -20.102 12.096  1.00 24.97 ? 155 ALA A CB  1 
ATOM   1032 N N   . GLU A 1 168 ? 1.622   -18.841 14.882  1.00 22.77 ? 156 GLU A N   1 
ATOM   1033 C CA  . GLU A 1 168 ? 2.561   -18.559 15.990  1.00 22.67 ? 156 GLU A CA  1 
ATOM   1034 C C   . GLU A 1 168 ? 1.952   -19.003 17.331  1.00 26.12 ? 156 GLU A C   1 
ATOM   1035 O O   . GLU A 1 168 ? 2.723   -19.489 18.218  1.00 26.22 ? 156 GLU A O   1 
ATOM   1036 C CB  . GLU A 1 168 ? 2.945   -17.069 15.998  1.00 22.80 ? 156 GLU A CB  1 
ATOM   1037 C CG  . GLU A 1 168 ? 3.843   -16.622 14.841  1.00 23.31 ? 156 GLU A CG  1 
ATOM   1038 C CD  . GLU A 1 168 ? 5.246   -17.192 14.914  1.00 26.51 ? 156 GLU A CD  1 
ATOM   1039 O OE1 . GLU A 1 168 ? 6.149   -16.543 15.500  1.00 22.37 ? 156 GLU A OE1 1 
ATOM   1040 O OE2 . GLU A 1 168 ? 5.397   -18.332 14.417  1.00 27.61 ? 156 GLU A OE2 1 
ATOM   1041 N N   . ARG A 1 169 ? 0.638   -18.833 17.500  1.00 22.98 ? 157 ARG A N   1 
ATOM   1042 C CA  . ARG A 1 169 ? -0.037  -19.251 18.742  1.00 21.89 ? 157 ARG A CA  1 
ATOM   1043 C C   . ARG A 1 169 ? -0.043  -20.787 18.755  1.00 24.74 ? 157 ARG A C   1 
ATOM   1044 O O   . ARG A 1 169 ? 0.302   -21.338 19.816  1.00 25.44 ? 157 ARG A O   1 
ATOM   1045 C CB  . ARG A 1 169 ? -1.421  -18.625 18.831  1.00 21.15 ? 157 ARG A CB  1 
ATOM   1046 C CG  . ARG A 1 169 ? -1.361  -17.129 19.140  1.00 19.19 ? 157 ARG A CG  1 
ATOM   1047 C CD  . ARG A 1 169 ? -2.726  -16.536 19.028  1.00 16.50 ? 157 ARG A CD  1 
ATOM   1048 N NE  . ARG A 1 169 ? -2.635  -15.099 19.309  1.00 15.77 ? 157 ARG A NE  1 
ATOM   1049 C CZ  . ARG A 1 169 ? -3.673  -14.318 19.574  1.00 15.47 ? 157 ARG A CZ  1 
ATOM   1050 N NH1 . ARG A 1 169 ? -3.462  -13.050 19.896  1.00 14.60 ? 157 ARG A NH1 1 
ATOM   1051 N NH2 . ARG A 1 169 ? -4.905  -14.763 19.513  1.00 16.66 ? 157 ARG A NH2 1 
ATOM   1052 N N   . ASP A 1 170 ? -0.370  -21.399 17.623  1.00 26.02 ? 158 ASP A N   1 
ATOM   1053 C CA  . ASP A 1 170 ? -0.508  -22.880 17.490  1.00 30.15 ? 158 ASP A CA  1 
ATOM   1054 C C   . ASP A 1 170 ? 0.820   -23.529 17.880  1.00 32.26 ? 158 ASP A C   1 
ATOM   1055 O O   . ASP A 1 170 ? 0.760   -24.593 18.514  1.00 40.16 ? 158 ASP A O   1 
ATOM   1056 C CB  . ASP A 1 170 ? -0.947  -23.286 16.079  1.00 30.99 ? 158 ASP A CB  1 
ATOM   1057 C CG  . ASP A 1 170 ? -2.416  -23.024 15.803  1.00 34.94 ? 158 ASP A CG  1 
ATOM   1058 O OD1 . ASP A 1 170 ? -3.151  -22.737 16.765  1.00 37.43 ? 158 ASP A OD1 1 
ATOM   1059 O OD2 . ASP A 1 170 ? -2.812  -23.075 14.620  1.00 39.36 ? 158 ASP A OD2 1 
ATOM   1060 N N   . ARG A 1 171 ? 1.960   -22.924 17.555  1.00 32.74 ? 159 ARG A N   1 
ATOM   1061 C CA  . ARG A 1 171 ? 3.318   -23.514 17.768  1.00 33.92 ? 159 ARG A CA  1 
ATOM   1062 C C   . ARG A 1 171 ? 3.834   -23.149 19.162  1.00 33.67 ? 159 ARG A C   1 
ATOM   1063 O O   . ARG A 1 171 ? 4.926   -23.579 19.492  1.00 34.77 ? 159 ARG A O   1 
ATOM   1064 C CB  . ARG A 1 171 ? 4.273   -23.141 16.618  1.00 34.96 ? 159 ARG A CB  1 
ATOM   1065 C CG  . ARG A 1 171 ? 5.251   -21.996 16.866  1.00 38.47 ? 159 ARG A CG  1 
ATOM   1066 C CD  . ARG A 1 171 ? 6.156   -21.636 15.684  1.00 41.93 ? 159 ARG A CD  1 
ATOM   1067 N NE  . ARG A 1 171 ? 6.690   -20.255 15.714  1.00 40.94 ? 159 ARG A NE  1 
ATOM   1068 C CZ  . ARG A 1 171 ? 7.836   -19.846 16.274  1.00 42.30 ? 159 ARG A CZ  1 
ATOM   1069 N NH1 . ARG A 1 171 ? 8.625   -20.699 16.902  1.00 50.57 ? 159 ARG A NH1 1 
ATOM   1070 N NH2 . ARG A 1 171 ? 8.194   -18.570 16.238  1.00 41.16 ? 159 ARG A NH2 1 
ATOM   1071 N N   . GLY A 1 172 ? 3.104   -22.348 19.943  1.00 32.61 ? 160 GLY A N   1 
ATOM   1072 C CA  . GLY A 1 172 ? 3.468   -21.972 21.319  1.00 30.98 ? 160 GLY A CA  1 
ATOM   1073 C C   . GLY A 1 172 ? 4.424   -20.799 21.381  1.00 31.11 ? 160 GLY A C   1 
ATOM   1074 O O   . GLY A 1 172 ? 4.939   -20.537 22.437  1.00 31.71 ? 160 GLY A O   1 
ATOM   1075 N N   . ALA A 1 173 ? 4.668   -20.081 20.281  1.00 29.74 ? 161 ALA A N   1 
ATOM   1076 C CA  . ALA A 1 173 ? 5.601   -18.931 20.252  1.00 27.97 ? 161 ALA A CA  1 
ATOM   1077 C C   . ALA A 1 173 ? 4.880   -17.638 20.677  1.00 24.86 ? 161 ALA A C   1 
ATOM   1078 O O   . ALA A 1 173 ? 5.505   -16.760 21.277  1.00 27.15 ? 161 ALA A O   1 
ATOM   1079 C CB  . ALA A 1 173 ? 6.203   -18.817 18.876  1.00 29.22 ? 161 ALA A CB  1 
ATOM   1080 N N   . ALA A 1 174 ? 3.579   -17.532 20.454  1.00 21.50 ? 162 ALA A N   1 
ATOM   1081 C CA  . ALA A 1 174 ? 2.822   -16.313 20.842  1.00 20.68 ? 162 ALA A CA  1 
ATOM   1082 C C   . ALA A 1 174 ? 1.712   -16.679 21.824  1.00 18.21 ? 162 ALA A C   1 
ATOM   1083 O O   . ALA A 1 174 ? 1.072   -17.696 21.643  1.00 20.75 ? 162 ALA A O   1 
ATOM   1084 C CB  . ALA A 1 174 ? 2.228   -15.695 19.611  1.00 19.74 ? 162 ALA A CB  1 
ATOM   1085 N N   . PRO A 1 175 ? 1.398   -15.815 22.808  1.00 20.36 ? 163 PRO A N   1 
ATOM   1086 C CA  . PRO A 1 175 ? 0.318   -16.069 23.758  1.00 20.30 ? 163 PRO A CA  1 
ATOM   1087 C C   . PRO A 1 175 ? -1.057  -15.761 23.180  1.00 22.59 ? 163 PRO A C   1 
ATOM   1088 O O   . PRO A 1 175 ? -1.158  -14.915 22.288  1.00 18.81 ? 163 PRO A O   1 
ATOM   1089 C CB  . PRO A 1 175 ? 0.614   -15.122 24.906  1.00 19.51 ? 163 PRO A CB  1 
ATOM   1090 C CG  . PRO A 1 175 ? 1.312   -13.940 24.242  1.00 21.34 ? 163 PRO A CG  1 
ATOM   1091 C CD  . PRO A 1 175 ? 2.106   -14.571 23.119  1.00 20.57 ? 163 PRO A CD  1 
ATOM   1092 N N   . ARG A 1 176 ? -2.088  -16.463 23.641  1.00 21.09 ? 164 ARG A N   1 
ATOM   1093 C CA  . ARG A 1 176 ? -3.474  -16.215 23.179  1.00 22.05 ? 164 ARG A CA  1 
ATOM   1094 C C   . ARG A 1 176 ? -4.021  -15.046 23.978  1.00 22.94 ? 164 ARG A C   1 
ATOM   1095 O O   . ARG A 1 176 ? -4.559  -15.246 25.080  1.00 22.50 ? 164 ARG A O   1 
ATOM   1096 C CB  . ARG A 1 176 ? -4.365  -17.462 23.313  1.00 25.83 ? 164 ARG A CB  1 
ATOM   1097 C CG  . ARG A 1 176 ? -3.881  -18.618 22.450  1.00 32.86 ? 164 ARG A CG  1 
ATOM   1098 C CD  . ARG A 1 176 ? -4.773  -19.861 22.443  1.00 38.16 ? 164 ARG A CD  1 
ATOM   1099 N NE  . ARG A 1 176 ? -4.124  -20.919 21.670  1.00 40.22 ? 164 ARG A NE  1 
ATOM   1100 C CZ  . ARG A 1 176 ? -4.043  -20.964 20.334  1.00 43.30 ? 164 ARG A CZ  1 
ATOM   1101 N NH1 . ARG A 1 176 ? -3.401  -21.958 19.737  1.00 42.88 ? 164 ARG A NH1 1 
ATOM   1102 N NH2 . ARG A 1 176 ? -4.608  -20.025 19.594  1.00 41.06 ? 164 ARG A NH2 1 
ATOM   1103 N N   . THR A 1 177 ? -3.858  -13.834 23.448  1.00 18.09 ? 165 THR A N   1 
ATOM   1104 C CA  . THR A 1 177 ? -4.315  -12.594 24.105  1.00 18.29 ? 165 THR A CA  1 
ATOM   1105 C C   . THR A 1 177 ? -5.572  -12.126 23.379  1.00 18.60 ? 165 THR A C   1 
ATOM   1106 O O   . THR A 1 177 ? -6.612  -12.828 23.416  1.00 19.85 ? 165 THR A O   1 
ATOM   1107 C CB  . THR A 1 177 ? -3.166  -11.591 24.199  1.00 18.05 ? 165 THR A CB  1 
ATOM   1108 O OG1 . THR A 1 177 ? -2.743  -11.395 22.840  1.00 16.96 ? 165 THR A OG1 1 
ATOM   1109 C CG2 . THR A 1 177 ? -2.017  -12.074 25.059  1.00 18.52 ? 165 THR A CG2 1 
ATOM   1110 N N   . LEU A 1 178 ? -5.490  -11.049 22.599  1.00 16.68 ? 166 LEU A N   1 
ATOM   1111 C CA  . LEU A 1 178 ? -6.641  -10.577 21.795  1.00 15.56 ? 166 LEU A CA  1 
ATOM   1112 C C   . LEU A 1 178 ? -7.015  -11.619 20.756  1.00 14.91 ? 166 LEU A C   1 
ATOM   1113 O O   . LEU A 1 178 ? -6.140  -12.291 20.215  1.00 15.70 ? 166 LEU A O   1 
ATOM   1114 C CB  . LEU A 1 178 ? -6.237  -9.331  21.000  1.00 14.81 ? 166 LEU A CB  1 
ATOM   1115 C CG  . LEU A 1 178 ? -5.926  -8.076  21.781  1.00 16.37 ? 166 LEU A CG  1 
ATOM   1116 C CD1 . LEU A 1 178 ? -5.649  -6.959  20.798  1.00 16.58 ? 166 LEU A CD1 1 
ATOM   1117 C CD2 . LEU A 1 178 ? -7.071  -7.682  22.726  1.00 17.31 ? 166 LEU A CD2 1 
ATOM   1118 N N   . PRO A 1 179 ? -8.256  -11.618 20.285  1.00 15.52 ? 167 PRO A N   1 
ATOM   1119 C CA  . PRO A 1 179 ? -8.610  -12.296 19.046  1.00 15.31 ? 167 PRO A CA  1 
ATOM   1120 C C   . PRO A 1 179 ? -7.639  -11.900 17.917  1.00 15.59 ? 167 PRO A C   1 
ATOM   1121 O O   . PRO A 1 179 ? -7.437  -10.686 17.711  1.00 14.33 ? 167 PRO A O   1 
ATOM   1122 C CB  . PRO A 1 179 ? -10.009 -11.791 18.738  1.00 15.29 ? 167 PRO A CB  1 
ATOM   1123 C CG  . PRO A 1 179 ? -10.592 -11.525 20.112  1.00 15.05 ? 167 PRO A CG  1 
ATOM   1124 C CD  . PRO A 1 179 ? -9.427  -10.975 20.912  1.00 15.29 ? 167 PRO A CD  1 
ATOM   1125 N N   . ALA A 1 180 ? -7.065  -12.872 17.211  1.00 14.99 ? 168 ALA A N   1 
ATOM   1126 C CA  . ALA A 1 180 ? -5.969  -12.587 16.250  1.00 15.39 ? 168 ALA A CA  1 
ATOM   1127 C C   . ALA A 1 180 ? -6.463  -11.653 15.151  1.00 14.38 ? 168 ALA A C   1 
ATOM   1128 O O   . ALA A 1 180 ? -5.646  -10.763 14.686  1.00 13.84 ? 168 ALA A O   1 
ATOM   1129 C CB  . ALA A 1 180 ? -5.431  -13.885 15.701  1.00 16.57 ? 168 ALA A CB  1 
ATOM   1130 N N   . HIS A 1 181 ? -7.691  -11.778 14.665  1.00 14.24 ? 169 HIS A N   1 
ATOM   1131 C CA  . HIS A 1 181 ? -8.167  -10.962 13.525  1.00 14.65 ? 169 HIS A CA  1 
ATOM   1132 C C   . HIS A 1 181 ? -8.328  -9.499  13.963  1.00 13.32 ? 169 HIS A C   1 
ATOM   1133 O O   . HIS A 1 181 ? -8.111  -8.592  13.153  1.00 13.38 ? 169 HIS A O   1 
ATOM   1134 C CB  . HIS A 1 181 ? -9.455  -11.577 12.935  1.00 15.71 ? 169 HIS A CB  1 
ATOM   1135 C CG  . HIS A 1 181 ? -9.832  -11.022 11.607  1.00 14.17 ? 169 HIS A CG  1 
ATOM   1136 N ND1 . HIS A 1 181 ? -10.624 -9.939  11.463  1.00 15.17 ? 169 HIS A ND1 1 
ATOM   1137 C CD2 . HIS A 1 181 ? -9.444  -11.393 10.363  1.00 14.56 ? 169 HIS A CD2 1 
ATOM   1138 C CE1 . HIS A 1 181 ? -10.773 -9.680  10.160  1.00 14.72 ? 169 HIS A CE1 1 
ATOM   1139 N NE2 . HIS A 1 181 ? -10.069 -10.585 9.481   1.00 15.18 ? 169 HIS A NE2 1 
ATOM   1140 N N   . GLU A 1 182 ? -8.718  -9.255  15.219  1.00 12.76 ? 170 GLU A N   1 
ATOM   1141 C CA  . GLU A 1 182 ? -8.917  -7.883  15.749  1.00 12.87 ? 170 GLU A CA  1 
ATOM   1142 C C   . GLU A 1 182 ? -7.526  -7.250  15.922  1.00 10.86 ? 170 GLU A C   1 
ATOM   1143 O O   . GLU A 1 182 ? -7.335  -6.113  15.488  1.00 10.70 ? 170 GLU A O   1 
ATOM   1144 C CB  . GLU A 1 182 ? -9.716  -7.904  17.060  1.00 14.08 ? 170 GLU A CB  1 
ATOM   1145 C CG  . GLU A 1 182 ? -11.129 -8.410  16.799  1.00 16.82 ? 170 GLU A CG  1 
ATOM   1146 C CD  . GLU A 1 182 ? -12.026 -8.590  18.008  1.00 19.94 ? 170 GLU A CD  1 
ATOM   1147 O OE1 . GLU A 1 182 ? -11.543 -8.341  19.125  1.00 17.26 ? 170 GLU A OE1 1 
ATOM   1148 O OE2 . GLU A 1 182 ? -13.195 -9.096  17.787  1.00 21.98 ? 170 GLU A OE2 1 
ATOM   1149 N N   . LEU A 1 183 ? -6.580  -7.985  16.500  1.00 10.93 ? 171 LEU A N   1 
ATOM   1150 C CA  . LEU A 1 183 ? -5.189  -7.503  16.636  1.00 10.20 ? 171 LEU A CA  1 
ATOM   1151 C C   . LEU A 1 183 ? -4.630  -7.193  15.244  1.00 10.13 ? 171 LEU A C   1 
ATOM   1152 O O   . LEU A 1 183 ? -4.079  -6.073  14.997  1.00 10.20 ? 171 LEU A O   1 
ATOM   1153 C CB  . LEU A 1 183 ? -4.357  -8.591  17.310  1.00 10.78 ? 171 LEU A CB  1 
ATOM   1154 C CG  . LEU A 1 183 ? -2.861  -8.321  17.420  1.00 11.22 ? 171 LEU A CG  1 
ATOM   1155 C CD1 . LEU A 1 183 ? -2.562  -6.961  18.064  1.00 12.26 ? 171 LEU A CD1 1 
ATOM   1156 C CD2 . LEU A 1 183 ? -2.167  -9.446  18.183  1.00 12.60 ? 171 LEU A CD2 1 
ATOM   1157 N N   . ALA A 1 184 ? -4.785  -8.112  14.305  1.00 10.31 ? 172 ALA A N   1 
ATOM   1158 C CA  . ALA A 1 184 ? -4.315  -7.912  12.919  1.00 10.34 ? 172 ALA A CA  1 
ATOM   1159 C C   . ALA A 1 184 ? -4.925  -6.659  12.305  1.00 10.48 ? 172 ALA A C   1 
ATOM   1160 O O   . ALA A 1 184 ? -4.230  -5.928  11.582  1.00 10.78 ? 172 ALA A O   1 
ATOM   1161 C CB  . ALA A 1 184 ? -4.592  -9.135  12.096  1.00 10.41 ? 172 ALA A CB  1 
ATOM   1162 N N   . THR A 1 185 ? -6.217  -6.424  12.501  1.00 9.28  ? 173 THR A N   1 
ATOM   1163 C CA  . THR A 1 185 ? -6.908  -5.279  11.897  1.00 9.64  ? 173 THR A CA  1 
ATOM   1164 C C   . THR A 1 185 ? -6.236  -3.974  12.383  1.00 8.95  ? 173 THR A C   1 
ATOM   1165 O O   . THR A 1 185 ? -5.922  -3.072  11.598  1.00 9.92  ? 173 THR A O   1 
ATOM   1166 C CB  . THR A 1 185 ? -8.403  -5.308  12.242  1.00 11.16 ? 173 THR A CB  1 
ATOM   1167 O OG1 . THR A 1 185 ? -8.995  -6.501  11.686  1.00 11.22 ? 173 THR A OG1 1 
ATOM   1168 C CG2 . THR A 1 185 ? -9.086  -4.108  11.658  1.00 11.66 ? 173 THR A CG2 1 
ATOM   1169 N N   . ALA A 1 186 ? -6.050  -3.851  13.683  1.00 9.58  ? 174 ALA A N   1 
ATOM   1170 C CA  . ALA A 1 186 ? -5.521  -2.603  14.267  1.00 9.08  ? 174 ALA A CA  1 
ATOM   1171 C C   . ALA A 1 186 ? -4.069  -2.406  13.814  1.00 8.93  ? 174 ALA A C   1 
ATOM   1172 O O   . ALA A 1 186 ? -3.693  -1.266  13.571  1.00 8.85  ? 174 ALA A O   1 
ATOM   1173 C CB  . ALA A 1 186 ? -5.591  -2.632  15.776  1.00 9.14  ? 174 ALA A CB  1 
ATOM   1174 N N   . LEU A 1 187 ? -3.308  -3.472  13.750  1.00 9.04  ? 175 LEU A N   1 
ATOM   1175 C CA  . LEU A 1 187 ? -1.878  -3.337  13.356  1.00 8.67  ? 175 LEU A CA  1 
ATOM   1176 C C   . LEU A 1 187 ? -1.771  -2.924  11.881  1.00 8.91  ? 175 LEU A C   1 
ATOM   1177 O O   . LEU A 1 187 ? -0.920  -2.091  11.528  1.00 9.00  ? 175 LEU A O   1 
ATOM   1178 C CB  . LEU A 1 187 ? -1.091  -4.634  13.578  1.00 9.26  ? 175 LEU A CB  1 
ATOM   1179 C CG  . LEU A 1 187 ? -0.885  -5.011  15.044  1.00 9.43  ? 175 LEU A CG  1 
ATOM   1180 C CD1 . LEU A 1 187 ? -0.213  -6.379  15.137  1.00 10.48 ? 175 LEU A CD1 1 
ATOM   1181 C CD2 . LEU A 1 187 ? -0.113  -3.980  15.834  1.00 10.02 ? 175 LEU A CD2 1 
ATOM   1182 N N   . ASN A 1 188 ? -2.607  -3.468  11.013  1.00 9.00  ? 176 ASN A N   1 
ATOM   1183 C CA  . ASN A 1 188 ? -2.648  -3.124  9.585   1.00 8.80  ? 176 ASN A CA  1 
ATOM   1184 C C   . ASN A 1 188 ? -3.099  -1.674  9.437   1.00 8.86  ? 176 ASN A C   1 
ATOM   1185 O O   . ASN A 1 188 ? -2.543  -0.927  8.606   1.00 9.64  ? 176 ASN A O   1 
ATOM   1186 C CB  . ASN A 1 188 ? -3.525  -4.086  8.773   1.00 9.34  ? 176 ASN A CB  1 
ATOM   1187 C CG  . ASN A 1 188 ? -2.781  -5.307  8.279   1.00 9.77  ? 176 ASN A CG  1 
ATOM   1188 O OD1 . ASN A 1 188 ? -2.436  -5.325  7.076   1.00 11.45 ? 176 ASN A OD1 1 
ATOM   1189 N ND2 . ASN A 1 188 ? -2.551  -6.261  9.134   1.00 10.77 ? 176 ASN A ND2 1 
ATOM   1190 N N   . LEU A 1 189 ? -4.120  -1.265  10.211  1.00 8.95  ? 177 LEU A N   1 
ATOM   1191 C CA  . LEU A 1 189 ? -4.584  0.149   10.122  1.00 8.87  ? 177 LEU A CA  1 
ATOM   1192 C C   . LEU A 1 189 ? -3.538  1.128   10.678  1.00 8.80  ? 177 LEU A C   1 
ATOM   1193 O O   . LEU A 1 189 ? -3.349  2.206   10.100  1.00 9.10  ? 177 LEU A O   1 
ATOM   1194 C CB  . LEU A 1 189 ? -5.904  0.310   10.860  1.00 9.23  ? 177 LEU A CB  1 
ATOM   1195 C CG  . LEU A 1 189 ? -7.113  -0.321  10.180  1.00 9.99  ? 177 LEU A CG  1 
ATOM   1196 C CD1 . LEU A 1 189 ? -8.325  -0.228  11.076  1.00 10.87 ? 177 LEU A CD1 1 
ATOM   1197 C CD2 . LEU A 1 189 ? -7.386  0.302   8.869   1.00 11.26 ? 177 LEU A CD2 1 
ATOM   1198 N N   . MET A 1 190 ? -2.819  0.728   11.719  1.00 8.47  ? 178 MET A N   1 
ATOM   1199 C CA  . MET A 1 190 ? -1.694  1.533   12.226  1.00 8.87  ? 178 MET A CA  1 
ATOM   1200 C C   . MET A 1 190 ? -0.698  1.718   11.081  1.00 8.59  ? 178 MET A C   1 
ATOM   1201 O O   . MET A 1 190 ? -0.240  2.843   10.845  1.00 9.20  ? 178 MET A O   1 
ATOM   1202 C CB  . MET A 1 190 ? -0.989  0.857   13.396  1.00 9.45  ? 178 MET A CB  1 
ATOM   1203 C CG  . MET A 1 190 ? 0.257   1.655   13.811  1.00 9.56  ? 178 MET A CG  1 
ATOM   1204 S SD  . MET A 1 190 ? 1.139   0.911   15.189  1.00 10.93 ? 178 MET A SD  1 
ATOM   1205 C CE  . MET A 1 190 ? 1.630   -0.687  14.535  1.00 11.04 ? 178 MET A CE  1 
ATOM   1206 N N   . ASN A 1 191 ? -0.351  0.635   10.409  1.00 8.32  ? 179 ASN A N   1 
ATOM   1207 C CA  . ASN A 1 191 ? 0.685   0.745   9.365   1.00 8.73  ? 179 ASN A CA  1 
ATOM   1208 C C   . ASN A 1 191 ? 0.207   1.624   8.226   1.00 9.37  ? 179 ASN A C   1 
ATOM   1209 O O   . ASN A 1 191 ? 1.001   2.458   7.687   1.00 8.65  ? 179 ASN A O   1 
ATOM   1210 C CB  . ASN A 1 191 ? 1.062   -0.619  8.830   1.00 8.45  ? 179 ASN A CB  1 
ATOM   1211 C CG  . ASN A 1 191 ? 1.957   -1.364  9.805   1.00 9.32  ? 179 ASN A CG  1 
ATOM   1212 O OD1 . ASN A 1 191 ? 2.063   -1.036  11.011  1.00 9.16  ? 179 ASN A OD1 1 
ATOM   1213 N ND2 . ASN A 1 191 ? 2.659   -2.367  9.300   1.00 9.40  ? 179 ASN A ND2 1 
ATOM   1214 N N   . GLU A 1 192 ? -1.050  1.472   7.818   1.00 8.97  ? 180 GLU A N   1 
ATOM   1215 C CA  . GLU A 1 192 ? -1.595  2.316   6.733   1.00 9.87  ? 180 GLU A CA  1 
ATOM   1216 C C   . GLU A 1 192 ? -1.437  3.799   7.109   1.00 10.70 ? 180 GLU A C   1 
ATOM   1217 O O   . GLU A 1 192 ? -0.812  4.601   6.352   1.00 11.08 ? 180 GLU A O   1 
ATOM   1218 C CB  . GLU A 1 192 ? -3.098  2.001   6.574   1.00 10.29 ? 180 GLU A CB  1 
ATOM   1219 C CG  . GLU A 1 192 ? -3.782  2.884   5.546   1.00 12.14 ? 180 GLU A CG  1 
ATOM   1220 C CD  . GLU A 1 192 ? -5.300  2.776   5.543   1.00 13.49 ? 180 GLU A CD  1 
ATOM   1221 O OE1 . GLU A 1 192 ? -5.807  1.691   5.393   1.00 13.47 ? 180 GLU A OE1 1 
ATOM   1222 O OE2 . GLU A 1 192 ? -5.960  3.824   5.763   1.00 17.45 ? 180 GLU A OE2 1 
ATOM   1223 N N   . ARG A 1 193 ? -1.929  4.186   8.292   1.00 9.48  ? 181 ARG A N   1 
ATOM   1224 C CA  . ARG A 1 193 ? -1.894  5.610   8.658   1.00 9.67  ? 181 ARG A CA  1 
ATOM   1225 C C   . ARG A 1 193 ? -0.451  6.092   8.879   1.00 9.98  ? 181 ARG A C   1 
ATOM   1226 O O   . ARG A 1 193 ? -0.123  7.241   8.477   1.00 10.53 ? 181 ARG A O   1 
ATOM   1227 C CB  . ARG A 1 193 ? -2.692  5.800   9.931   1.00 10.58 ? 181 ARG A CB  1 
ATOM   1228 C CG  . ARG A 1 193 ? -2.880  7.265   10.300  1.00 12.20 ? 181 ARG A CG  1 
ATOM   1229 C CD  . ARG A 1 193 ? -3.896  8.080   9.539   1.00 16.91 ? 181 ARG A CD  1 
ATOM   1230 N NE  . ARG A 1 193 ? -3.414  8.435   8.241   1.00 25.08 ? 181 ARG A NE  1 
ATOM   1231 C CZ  . ARG A 1 193 ? -2.701  9.541   7.958   1.00 24.47 ? 181 ARG A CZ  1 
ATOM   1232 N NH1 . ARG A 1 193 ? -2.586  10.522  8.823   1.00 26.15 ? 181 ARG A NH1 1 
ATOM   1233 N NH2 . ARG A 1 193 ? -2.242  9.685   6.730   1.00 32.26 ? 181 ARG A NH2 1 
ATOM   1234 N N   . THR A 1 194 ? 0.366   5.291   9.533   1.00 8.97  ? 182 THR A N   1 
ATOM   1235 C CA  . THR A 1 194 ? 1.710   5.719   9.958   1.00 9.12  ? 182 THR A CA  1 
ATOM   1236 C C   . THR A 1 194 ? 2.636   5.753   8.736   1.00 10.34 ? 182 THR A C   1 
ATOM   1237 O O   . THR A 1 194 ? 3.385   6.753   8.565   1.00 9.69  ? 182 THR A O   1 
ATOM   1238 C CB  . THR A 1 194 ? 2.213   4.828   11.087  1.00 10.63 ? 182 THR A CB  1 
ATOM   1239 O OG1 . THR A 1 194 ? 1.258   4.821   12.170  1.00 11.14 ? 182 THR A OG1 1 
ATOM   1240 C CG2 . THR A 1 194 ? 3.533   5.324   11.644  1.00 10.32 ? 182 THR A CG2 1 
ATOM   1241 N N   . LEU A 1 195 ? 2.668   4.686   7.936   1.00 9.39  ? 183 LEU A N   1 
ATOM   1242 C CA  . LEU A 1 195 ? 3.507   4.708   6.706   1.00 10.08 ? 183 LEU A CA  1 
ATOM   1243 C C   . LEU A 1 195 ? 3.123   5.895   5.843   1.00 10.75 ? 183 LEU A C   1 
ATOM   1244 O O   . LEU A 1 195 ? 4.018   6.636   5.365   1.00 10.75 ? 183 LEU A O   1 
ATOM   1245 C CB  . LEU A 1 195 ? 3.331   3.404   5.928   1.00 10.36 ? 183 LEU A CB  1 
ATOM   1246 C CG  . LEU A 1 195 ? 4.004   2.165   6.517   1.00 11.07 ? 183 LEU A CG  1 
ATOM   1247 C CD1 . LEU A 1 195 ? 3.640   0.969   5.671   1.00 11.95 ? 183 LEU A CD1 1 
ATOM   1248 C CD2 . LEU A 1 195 ? 5.518   2.343   6.610   1.00 11.90 ? 183 LEU A CD2 1 
ATOM   1249 N N   . PHE A 1 196 ? 1.843   6.114   5.584   1.00 10.41 ? 184 PHE A N   1 
ATOM   1250 C CA  . PHE A 1 196 ? 1.407   7.135   4.612   1.00 11.01 ? 184 PHE A CA  1 
ATOM   1251 C C   . PHE A 1 196 ? 1.624   8.524   5.203   1.00 11.61 ? 184 PHE A C   1 
ATOM   1252 O O   . PHE A 1 196 ? 2.008   9.409   4.426   1.00 12.20 ? 184 PHE A O   1 
ATOM   1253 C CB  . PHE A 1 196 ? -0.022  6.841   4.119   1.00 13.06 ? 184 PHE A CB  1 
ATOM   1254 C CG  . PHE A 1 196 ? -0.148  5.496   3.434   1.00 13.00 ? 184 PHE A CG  1 
ATOM   1255 C CD1 . PHE A 1 196 ? 0.946   4.709   3.078   1.00 13.98 ? 184 PHE A CD1 1 
ATOM   1256 C CD2 . PHE A 1 196 ? -1.394  4.987   3.119   1.00 14.86 ? 184 PHE A CD2 1 
ATOM   1257 C CE1 . PHE A 1 196 ? 0.818   3.468   2.445   1.00 14.61 ? 184 PHE A CE1 1 
ATOM   1258 C CE2 . PHE A 1 196 ? -1.528  3.743   2.492   1.00 13.63 ? 184 PHE A CE2 1 
ATOM   1259 C CZ  . PHE A 1 196 ? -0.443  2.979   2.174   1.00 13.25 ? 184 PHE A CZ  1 
ATOM   1260 N N   . ALA A 1 197 ? 1.475   8.730   6.510   1.00 10.63 ? 185 ALA A N   1 
ATOM   1261 C CA  . ALA A 1 197 ? 1.794   10.042  7.103   1.00 11.76 ? 185 ALA A CA  1 
ATOM   1262 C C   . ALA A 1 197 ? 3.284   10.304  6.946   1.00 11.61 ? 185 ALA A C   1 
ATOM   1263 O O   . ALA A 1 197 ? 3.664   11.462  6.654   1.00 13.33 ? 185 ALA A O   1 
ATOM   1264 C CB  . ALA A 1 197 ? 1.422   10.021  8.562   1.00 11.17 ? 185 ALA A CB  1 
ATOM   1265 N N   . SER A 1 198 ? 4.099   9.283   7.142   1.00 9.83  ? 186 SER A N   1 
ATOM   1266 C CA  . SER A 1 198 ? 5.574   9.424   7.035   1.00 10.82 ? 186 SER A CA  1 
ATOM   1267 C C   . SER A 1 198 ? 5.911   9.807   5.599   1.00 12.20 ? 186 SER A C   1 
ATOM   1268 O O   . SER A 1 198 ? 6.751   10.749  5.385   1.00 13.60 ? 186 SER A O   1 
ATOM   1269 C CB  . SER A 1 198 ? 6.324   8.224   7.453   1.00 13.16 ? 186 SER A CB  1 
ATOM   1270 O OG  . SER A 1 198 ? 6.212   7.996   8.868   1.00 19.78 ? 186 SER A OG  1 
ATOM   1271 N N   . PHE A 1 199 ? 5.357   9.109   4.612   1.00 12.64 ? 187 PHE A N   1 
ATOM   1272 C CA  . PHE A 1 199 ? 5.729   9.363   3.213   1.00 13.26 ? 187 PHE A CA  1 
ATOM   1273 C C   . PHE A 1 199 ? 5.340   10.776  2.831   1.00 15.92 ? 187 PHE A C   1 
ATOM   1274 O O   . PHE A 1 199 ? 6.038   11.400  2.014   1.00 18.46 ? 187 PHE A O   1 
ATOM   1275 C CB  . PHE A 1 199 ? 5.012   8.363   2.293   1.00 13.19 ? 187 PHE A CB  1 
ATOM   1276 C CG  . PHE A 1 199 ? 5.449   6.933   2.447   1.00 12.68 ? 187 PHE A CG  1 
ATOM   1277 C CD1 . PHE A 1 199 ? 6.670   6.566   2.975   1.00 14.03 ? 187 PHE A CD1 1 
ATOM   1278 C CD2 . PHE A 1 199 ? 4.565   5.932   2.106   1.00 14.63 ? 187 PHE A CD2 1 
ATOM   1279 C CE1 . PHE A 1 199 ? 6.998   5.239   3.117   1.00 15.17 ? 187 PHE A CE1 1 
ATOM   1280 C CE2 . PHE A 1 199 ? 4.910   4.603   2.221   1.00 15.03 ? 187 PHE A CE2 1 
ATOM   1281 C CZ  . PHE A 1 199 ? 6.105   4.267   2.773   1.00 15.31 ? 187 PHE A CZ  1 
ATOM   1282 N N   . ALA A 1 200 ? 4.174   11.215  3.275   1.00 15.38 ? 188 ALA A N   1 
ATOM   1283 C CA  . ALA A 1 200 ? 3.645   12.561  2.972   1.00 16.82 ? 188 ALA A CA  1 
ATOM   1284 C C   . ALA A 1 200 ? 4.353   13.636  3.799   1.00 17.40 ? 188 ALA A C   1 
ATOM   1285 O O   . ALA A 1 200 ? 4.038   14.852  3.518   1.00 22.63 ? 188 ALA A O   1 
ATOM   1286 C CB  . ALA A 1 200 ? 2.179   12.560  3.174   1.00 16.45 ? 188 ALA A CB  1 
ATOM   1287 N N   . GLY A 1 201 ? 5.212   13.311  4.737   1.00 16.62 ? 189 GLY A N   1 
ATOM   1288 C CA  . GLY A 1 201 ? 5.793   14.330  5.655   1.00 19.82 ? 189 GLY A CA  1 
ATOM   1289 C C   . GLY A 1 201 ? 4.717   15.097  6.422   1.00 22.39 ? 189 GLY A C   1 
ATOM   1290 O O   . GLY A 1 201 ? 4.895   16.338  6.715   1.00 23.42 ? 189 GLY A O   1 
ATOM   1291 N N   . GLU A 1 202 ? 3.640   14.427  6.833   1.00 16.74 ? 190 GLU A N   1 
ATOM   1292 C CA  . GLU A 1 202 ? 2.584   15.112  7.614   1.00 16.99 ? 190 GLU A CA  1 
ATOM   1293 C C   . GLU A 1 202 ? 3.144   15.568  8.966   1.00 16.93 ? 190 GLU A C   1 
ATOM   1294 O O   . GLU A 1 202 ? 4.089   15.003  9.506   1.00 16.69 ? 190 GLU A O   1 
ATOM   1295 C CB  . GLU A 1 202 ? 1.403   14.188  7.864   1.00 17.69 ? 190 GLU A CB  1 
ATOM   1296 C CG  . GLU A 1 202 ? 0.637   13.768  6.649   1.00 19.27 ? 190 GLU A CG  1 
ATOM   1297 C CD  . GLU A 1 202 ? -0.556  12.877  6.960   1.00 21.19 ? 190 GLU A CD  1 
ATOM   1298 O OE1 . GLU A 1 202 ? -0.926  12.803  8.114   1.00 21.78 ? 190 GLU A OE1 1 
ATOM   1299 O OE2 . GLU A 1 202 ? -1.089  12.235  6.041   1.00 27.18 ? 190 GLU A OE2 1 
ATOM   1300 N N   . GLN A 1 203 ? 2.508   16.563  9.571   1.00 17.18 ? 191 GLN A N   1 
ATOM   1301 C CA  . GLN A 1 203 ? 2.758   16.919  10.988  1.00 19.01 ? 191 GLN A CA  1 
ATOM   1302 C C   . GLN A 1 203 ? 1.503   16.547  11.760  1.00 18.49 ? 191 GLN A C   1 
ATOM   1303 O O   . GLN A 1 203 ? 0.419   17.116  11.541  1.00 21.05 ? 191 GLN A O   1 
ATOM   1304 C CB  . GLN A 1 203 ? 3.080   18.409  11.088  1.00 27.02 ? 191 GLN A CB  1 
ATOM   1305 C CG  . GLN A 1 203 ? 4.296   18.784  10.260  1.00 35.68 ? 191 GLN A CG  1 
ATOM   1306 C CD  . GLN A 1 203 ? 4.568   20.271  10.275  1.00 47.75 ? 191 GLN A CD  1 
ATOM   1307 O OE1 . GLN A 1 203 ? 4.933   20.868  9.255   1.00 48.40 ? 191 GLN A OE1 1 
ATOM   1308 N NE2 . GLN A 1 203 ? 4.382   20.878  11.442  1.00 49.41 ? 191 GLN A NE2 1 
ATOM   1309 N N   . PRO A 1 204 ? 1.526   15.529  12.633  1.00 16.65 ? 192 PRO A N   1 
ATOM   1310 C CA  . PRO A 1 204 ? 2.706   14.759  13.023  1.00 15.03 ? 192 PRO A CA  1 
ATOM   1311 C C   . PRO A 1 204 ? 2.959   13.524  12.159  1.00 14.31 ? 192 PRO A C   1 
ATOM   1312 O O   . PRO A 1 204 ? 2.036   12.994  11.539  1.00 14.38 ? 192 PRO A O   1 
ATOM   1313 C CB  . PRO A 1 204 ? 2.293   14.232  14.411  1.00 17.94 ? 192 PRO A CB  1 
ATOM   1314 C CG  . PRO A 1 204 ? 0.827   13.984  14.255  1.00 18.51 ? 192 PRO A CG  1 
ATOM   1315 C CD  . PRO A 1 204 ? 0.314   15.090  13.355  1.00 17.88 ? 192 PRO A CD  1 
ATOM   1316 N N   . SER A 1 205 ? 4.216   13.085  12.169  1.00 13.44 ? 193 SER A N   1 
ATOM   1317 C CA  . SER A 1 205 ? 4.586   11.801  11.532  1.00 12.38 ? 193 SER A CA  1 
ATOM   1318 C C   . SER A 1 205 ? 5.891   11.302  12.139  1.00 13.68 ? 193 SER A C   1 
ATOM   1319 O O   . SER A 1 205 ? 6.712   12.089  12.614  1.00 15.02 ? 193 SER A O   1 
ATOM   1320 C CB  . SER A 1 205 ? 4.633   11.867  10.028  1.00 12.72 ? 193 SER A CB  1 
ATOM   1321 O OG  . SER A 1 205 ? 5.579   12.815  9.543   1.00 14.18 ? 193 SER A OG  1 
ATOM   1322 N N   . VAL A 1 206 ? 6.101   10.017  12.050  1.00 13.50 ? 194 VAL A N   1 
ATOM   1323 C CA  . VAL A 1 206 ? 7.411   9.412   12.346  1.00 13.64 ? 194 VAL A CA  1 
ATOM   1324 C C   . VAL A 1 206 ? 8.294   9.718   11.145  1.00 14.22 ? 194 VAL A C   1 
ATOM   1325 O O   . VAL A 1 206 ? 7.877   9.550   10.010  1.00 12.85 ? 194 VAL A O   1 
ATOM   1326 C CB  . VAL A 1 206 ? 7.255   7.900   12.586  1.00 14.16 ? 194 VAL A CB  1 
ATOM   1327 C CG1 . VAL A 1 206 ? 8.555   7.186   12.881  1.00 14.62 ? 194 VAL A CG1 1 
ATOM   1328 C CG2 . VAL A 1 206 ? 6.252   7.618   13.709  1.00 16.07 ? 194 VAL A CG2 1 
ATOM   1329 N N   . PRO A 1 207 ? 9.574   10.116  11.341  1.00 14.35 ? 195 PRO A N   1 
ATOM   1330 C CA  . PRO A 1 207 ? 10.474  10.274  10.223  1.00 14.83 ? 195 PRO A CA  1 
ATOM   1331 C C   . PRO A 1 207 ? 10.554  8.983   9.418   1.00 12.47 ? 195 PRO A C   1 
ATOM   1332 O O   . PRO A 1 207 ? 10.579  7.894   9.955   1.00 12.43 ? 195 PRO A O   1 
ATOM   1333 C CB  . PRO A 1 207 ? 11.798  10.634  10.914  1.00 16.53 ? 195 PRO A CB  1 
ATOM   1334 C CG  . PRO A 1 207 ? 11.384  11.194  12.218  1.00 17.56 ? 195 PRO A CG  1 
ATOM   1335 C CD  . PRO A 1 207 ? 10.175  10.418  12.632  1.00 16.28 ? 195 PRO A CD  1 
ATOM   1336 N N   . GLU A 1 208 ? 10.635  9.134   8.105   1.00 13.67 ? 196 GLU A N   1 
ATOM   1337 C CA  . GLU A 1 208 ? 10.653  7.961   7.206   1.00 14.00 ? 196 GLU A CA  1 
ATOM   1338 C C   . GLU A 1 208 ? 11.789  7.015   7.576   1.00 12.73 ? 196 GLU A C   1 
ATOM   1339 O O   . GLU A 1 208 ? 11.636  5.810   7.522   1.00 12.96 ? 196 GLU A O   1 
ATOM   1340 C CB  . GLU A 1 208 ? 10.718  8.456   5.762   1.00 17.43 ? 196 GLU A CB  1 
ATOM   1341 C CG  . GLU A 1 208 ? 10.609  7.374   4.763   1.00 22.19 ? 196 GLU A CG  1 
ATOM   1342 C CD  . GLU A 1 208 ? 10.425  7.871   3.326   1.00 27.80 ? 196 GLU A CD  1 
ATOM   1343 O OE1 . GLU A 1 208 ? 10.181  9.062   3.131   1.00 33.51 ? 196 GLU A OE1 1 
ATOM   1344 O OE2 . GLU A 1 208 ? 10.486  7.042   2.425   1.00 35.53 ? 196 GLU A OE2 1 
ATOM   1345 N N   . ALA A 1 209 ? 12.952  7.549   7.961   1.00 12.27 ? 197 ALA A N   1 
ATOM   1346 C CA  . ALA A 1 209 ? 14.106  6.730   8.331   1.00 13.01 ? 197 ALA A CA  1 
ATOM   1347 C C   . ALA A 1 209 ? 13.899  5.996   9.656   1.00 13.48 ? 197 ALA A C   1 
ATOM   1348 O O   . ALA A 1 209 ? 14.744  5.153   9.981   1.00 14.68 ? 197 ALA A O   1 
ATOM   1349 C CB  . ALA A 1 209 ? 15.344  7.627   8.415   1.00 13.92 ? 197 ALA A CB  1 
ATOM   1350 N N   . ARG A 1 210 ? 12.827  6.276   10.398  1.00 11.85 ? 198 ARG A N   1 
ATOM   1351 C CA  . ARG A 1 210 ? 12.559  5.612   11.696  1.00 11.51 ? 198 ARG A CA  1 
ATOM   1352 C C   . ARG A 1 210 ? 11.267  4.784   11.667  1.00 11.14 ? 198 ARG A C   1 
ATOM   1353 O O   . ARG A 1 210 ? 10.993  4.084   12.639  1.00 11.77 ? 198 ARG A O   1 
ATOM   1354 C CB  . ARG A 1 210 ? 12.392  6.686   12.771  1.00 12.76 ? 198 ARG A CB  1 
ATOM   1355 C CG  . ARG A 1 210 ? 13.676  7.404   13.171  1.00 14.75 ? 198 ARG A CG  1 
ATOM   1356 C CD  . ARG A 1 210 ? 14.688  6.496   13.807  1.00 15.49 ? 198 ARG A CD  1 
ATOM   1357 N NE  . ARG A 1 210 ? 14.151  5.727   14.919  1.00 17.84 ? 198 ARG A NE  1 
ATOM   1358 C CZ  . ARG A 1 210 ? 14.451  4.464   15.203  1.00 19.67 ? 198 ARG A CZ  1 
ATOM   1359 N NH1 . ARG A 1 210 ? 15.411  3.849   14.529  1.00 21.71 ? 198 ARG A NH1 1 
ATOM   1360 N NH2 . ARG A 1 210 ? 13.809  3.815   16.166  1.00 18.95 ? 198 ARG A NH2 1 
ATOM   1361 N N   . VAL A 1 211 ? 10.492  4.897   10.605  1.00 10.76 ? 199 VAL A N   1 
ATOM   1362 C CA  . VAL A 1 211 ? 9.116   4.332   10.679  1.00 11.29 ? 199 VAL A CA  1 
ATOM   1363 C C   . VAL A 1 211 ? 9.145   2.807   10.642  1.00 11.07 ? 199 VAL A C   1 
ATOM   1364 O O   . VAL A 1 211 ? 8.340   2.174   11.345  1.00 10.14 ? 199 VAL A O   1 
ATOM   1365 C CB  . VAL A 1 211 ? 8.196   4.984   9.635   1.00 11.95 ? 199 VAL A CB  1 
ATOM   1366 C CG1 . VAL A 1 211 ? 8.517   4.574   8.231   1.00 13.03 ? 199 VAL A CG1 1 
ATOM   1367 C CG2 . VAL A 1 211 ? 6.754   4.655   10.007  1.00 13.49 ? 199 VAL A CG2 1 
ATOM   1368 N N   . LEU A 1 212 ? 10.021  2.150   9.880   1.00 11.49 ? 200 LEU A N   1 
ATOM   1369 C CA  . LEU A 1 212 ? 10.015  0.676   9.871   1.00 12.32 ? 200 LEU A CA  1 
ATOM   1370 C C   . LEU A 1 212 ? 10.334  0.120   11.261  1.00 12.75 ? 200 LEU A C   1 
ATOM   1371 O O   . LEU A 1 212 ? 9.581   -0.739  11.762  1.00 13.54 ? 200 LEU A O   1 
ATOM   1372 C CB  . LEU A 1 212 ? 11.014  0.233   8.782   1.00 13.43 ? 200 LEU A CB  1 
ATOM   1373 C CG  . LEU A 1 212 ? 11.077  -1.256  8.542   1.00 15.32 ? 200 LEU A CG  1 
ATOM   1374 C CD1 . LEU A 1 212 ? 9.731   -1.802  8.127   1.00 15.92 ? 200 LEU A CD1 1 
ATOM   1375 C CD2 . LEU A 1 212 ? 12.182  -1.558  7.512   1.00 16.26 ? 200 LEU A CD2 1 
ATOM   1376 N N   . ASP A 1 213 ? 11.347  0.624   11.968  1.00 13.51 ? 201 ASP A N   1 
ATOM   1377 C CA  . ASP A 1 213 ? 11.765  0.152   13.301  1.00 14.18 ? 201 ASP A CA  1 
ATOM   1378 C C   . ASP A 1 213 ? 10.616  0.405   14.296  1.00 12.28 ? 201 ASP A C   1 
ATOM   1379 O O   . ASP A 1 213 ? 10.404  -0.397  15.197  1.00 11.99 ? 201 ASP A O   1 
ATOM   1380 C CB  . ASP A 1 213 ? 13.008  0.887   13.827  1.00 18.79 ? 201 ASP A CB  1 
ATOM   1381 C CG  . ASP A 1 213 ? 14.390  0.379   13.419  1.00 25.19 ? 201 ASP A CG  1 
ATOM   1382 O OD1 . ASP A 1 213 ? 14.480  -0.680  12.803  1.00 23.28 ? 201 ASP A OD1 1 
ATOM   1383 O OD2 . ASP A 1 213 ? 15.403  1.089   13.780  1.00 28.38 ? 201 ASP A OD2 1 
ATOM   1384 N N   . THR A 1 214 ? 9.928   1.518   14.098  1.00 10.92 ? 202 THR A N   1 
ATOM   1385 C CA  . THR A 1 214 ? 8.846   1.927   15.020  1.00 10.73 ? 202 THR A CA  1 
ATOM   1386 C C   . THR A 1 214 ? 7.719   0.902   14.903  1.00 9.81  ? 202 THR A C   1 
ATOM   1387 O O   . THR A 1 214 ? 7.251   0.330   15.934  1.00 10.31 ? 202 THR A O   1 
ATOM   1388 C CB  . THR A 1 214 ? 8.326   3.325   14.713  1.00 11.28 ? 202 THR A CB  1 
ATOM   1389 O OG1 . THR A 1 214 ? 9.398   4.289   14.863  1.00 11.82 ? 202 THR A OG1 1 
ATOM   1390 C CG2 . THR A 1 214 ? 7.191   3.675   15.655  1.00 12.05 ? 202 THR A CG2 1 
ATOM   1391 N N   . LEU A 1 215 ? 7.296   0.641   13.693  1.00 9.21  ? 203 LEU A N   1 
ATOM   1392 C CA  . LEU A 1 215 ? 6.195   -0.349  13.480  1.00 9.36  ? 203 LEU A CA  1 
ATOM   1393 C C   . LEU A 1 215 ? 6.601   -1.752  13.879  1.00 9.63  ? 203 LEU A C   1 
ATOM   1394 O O   . LEU A 1 215 ? 5.798   -2.456  14.510  1.00 10.24 ? 203 LEU A O   1 
ATOM   1395 C CB  . LEU A 1 215 ? 5.739   -0.272  12.011  1.00 9.10  ? 203 LEU A CB  1 
ATOM   1396 C CG  . LEU A 1 215 ? 5.193   1.090   11.603  1.00 9.67  ? 203 LEU A CG  1 
ATOM   1397 C CD1 . LEU A 1 215 ? 4.919   1.102   10.104  1.00 9.55  ? 203 LEU A CD1 1 
ATOM   1398 C CD2 . LEU A 1 215 ? 3.963   1.495   12.364  1.00 10.35 ? 203 LEU A CD2 1 
ATOM   1399 N N   . VAL A 1 216 ? 7.823   -2.176  13.567  1.00 10.21 ? 204 VAL A N   1 
ATOM   1400 C CA  . VAL A 1 216 ? 8.230   -3.543  13.944  1.00 10.38 ? 204 VAL A CA  1 
ATOM   1401 C C   . VAL A 1 216 ? 8.136   -3.700  15.476  1.00 11.10 ? 204 VAL A C   1 
ATOM   1402 O O   . VAL A 1 216 ? 7.664   -4.728  15.963  1.00 11.40 ? 204 VAL A O   1 
ATOM   1403 C CB  . VAL A 1 216 ? 9.643   -3.811  13.415  1.00 11.20 ? 204 VAL A CB  1 
ATOM   1404 C CG1 . VAL A 1 216 ? 10.181  -5.082  14.033  1.00 12.54 ? 204 VAL A CG1 1 
ATOM   1405 C CG2 . VAL A 1 216 ? 9.667   -3.906  11.902  1.00 10.81 ? 204 VAL A CG2 1 
ATOM   1406 N N   . HIS A 1 217 ? 8.607   -2.721  16.229  1.00 10.29 ? 205 HIS A N   1 
ATOM   1407 C CA  . HIS A 1 217 ? 8.557   -2.777  17.708  1.00 10.56 ? 205 HIS A CA  1 
ATOM   1408 C C   . HIS A 1 217 ? 7.132   -3.066  18.160  1.00 11.34 ? 205 HIS A C   1 
ATOM   1409 O O   . HIS A 1 217 ? 6.872   -3.936  18.998  1.00 11.41 ? 205 HIS A O   1 
ATOM   1410 C CB  . HIS A 1 217 ? 9.068   -1.509  18.339  1.00 11.03 ? 205 HIS A CB  1 
ATOM   1411 C CG  . HIS A 1 217 ? 8.792   -1.456  19.794  1.00 11.90 ? 205 HIS A CG  1 
ATOM   1412 N ND1 . HIS A 1 217 ? 9.638   -2.070  20.723  1.00 14.24 ? 205 HIS A ND1 1 
ATOM   1413 C CD2 . HIS A 1 217 ? 7.773   -0.917  20.502  1.00 12.49 ? 205 HIS A CD2 1 
ATOM   1414 C CE1 . HIS A 1 217 ? 9.148   -1.876  21.926  1.00 13.65 ? 205 HIS A CE1 1 
ATOM   1415 N NE2 . HIS A 1 217 ? 7.982   -1.181  21.826  1.00 12.59 ? 205 HIS A NE2 1 
ATOM   1416 N N   . ILE A 1 218 ? 6.203   -2.295  17.624  1.00 9.95  ? 206 ILE A N   1 
ATOM   1417 C CA  . ILE A 1 218 ? 4.790   -2.377  18.094  1.00 10.11 ? 206 ILE A CA  1 
ATOM   1418 C C   . ILE A 1 218 ? 4.205   -3.716  17.643  1.00 10.49 ? 206 ILE A C   1 
ATOM   1419 O O   . ILE A 1 218 ? 3.469   -4.336  18.412  1.00 10.65 ? 206 ILE A O   1 
ATOM   1420 C CB  . ILE A 1 218 ? 4.002   -1.155  17.610  1.00 9.96  ? 206 ILE A CB  1 
ATOM   1421 C CG1 . ILE A 1 218 ? 4.591   0.142   18.157  1.00 10.06 ? 206 ILE A CG1 1 
ATOM   1422 C CG2 . ILE A 1 218 ? 2.521   -1.268  17.986  1.00 9.79  ? 206 ILE A CG2 1 
ATOM   1423 C CD1 . ILE A 1 218 ? 4.081   1.415   17.525  1.00 10.71 ? 206 ILE A CD1 1 
ATOM   1424 N N   . TRP A 1 219 ? 4.473   -4.166  16.411  1.00 10.07 ? 207 TRP A N   1 
ATOM   1425 C CA  . TRP A 1 219 ? 3.975   -5.508  15.980  1.00 9.77  ? 207 TRP A CA  1 
ATOM   1426 C C   . TRP A 1 219 ? 4.542   -6.596  16.897  1.00 11.05 ? 207 TRP A C   1 
ATOM   1427 O O   . TRP A 1 219 ? 3.767   -7.435  17.434  1.00 11.50 ? 207 TRP A O   1 
ATOM   1428 C CB  . TRP A 1 219 ? 4.334   -5.772  14.520  1.00 9.90  ? 207 TRP A CB  1 
ATOM   1429 C CG  . TRP A 1 219 ? 3.401   -5.107  13.567  1.00 9.19  ? 207 TRP A CG  1 
ATOM   1430 C CD1 . TRP A 1 219 ? 3.149   -3.763  13.435  1.00 8.82  ? 207 TRP A CD1 1 
ATOM   1431 C CD2 . TRP A 1 219 ? 2.733   -5.739  12.463  1.00 8.93  ? 207 TRP A CD2 1 
ATOM   1432 N NE1 . TRP A 1 219 ? 2.304   -3.551  12.383  1.00 9.46  ? 207 TRP A NE1 1 
ATOM   1433 C CE2 . TRP A 1 219 ? 2.013   -4.747  11.781  1.00 8.87  ? 207 TRP A CE2 1 
ATOM   1434 C CE3 . TRP A 1 219 ? 2.617   -7.069  12.034  1.00 8.55  ? 207 TRP A CE3 1 
ATOM   1435 C CZ2 . TRP A 1 219 ? 1.197   -5.036  10.673  1.00 9.88  ? 207 TRP A CZ2 1 
ATOM   1436 C CZ3 . TRP A 1 219 ? 1.823   -7.339  10.960  1.00 9.37  ? 207 TRP A CZ3 1 
ATOM   1437 C CH2 . TRP A 1 219 ? 1.084   -6.367  10.333  1.00 9.60  ? 207 TRP A CH2 1 
ATOM   1438 N N   . VAL A 1 220 ? 5.850   -6.605  17.119  1.00 11.47 ? 208 VAL A N   1 
ATOM   1439 C CA  . VAL A 1 220 ? 6.466   -7.733  17.876  1.00 13.61 ? 208 VAL A CA  1 
ATOM   1440 C C   . VAL A 1 220 ? 5.988   -7.721  19.321  1.00 12.23 ? 208 VAL A C   1 
ATOM   1441 O O   . VAL A 1 220 ? 5.631   -8.799  19.854  1.00 13.23 ? 208 VAL A O   1 
ATOM   1442 C CB  . VAL A 1 220 ? 8.000   -7.662  17.744  1.00 15.11 ? 208 VAL A CB  1 
ATOM   1443 C CG1 . VAL A 1 220 ? 8.714   -8.626  18.693  1.00 20.66 ? 208 VAL A CG1 1 
ATOM   1444 C CG2 . VAL A 1 220 ? 8.385   -7.971  16.319  1.00 16.85 ? 208 VAL A CG2 1 
ATOM   1445 N N   . THR A 1 221 ? 5.957   -6.571  19.965  1.00 11.62 ? 209 THR A N   1 
ATOM   1446 C CA  . THR A 1 221 ? 5.554   -6.543  21.390  1.00 12.55 ? 209 THR A CA  1 
ATOM   1447 C C   . THR A 1 221 ? 4.075   -6.928  21.506  1.00 13.50 ? 209 THR A C   1 
ATOM   1448 O O   . THR A 1 221 ? 3.721   -7.628  22.466  1.00 14.13 ? 209 THR A O   1 
ATOM   1449 C CB  . THR A 1 221 ? 5.848   -5.199  22.038  1.00 13.22 ? 209 THR A CB  1 
ATOM   1450 O OG1 . THR A 1 221 ? 5.263   -4.129  21.287  1.00 12.23 ? 209 THR A OG1 1 
ATOM   1451 C CG2 . THR A 1 221 ? 7.318   -4.956  22.236  1.00 13.83 ? 209 THR A CG2 1 
ATOM   1452 N N   . SER A 1 222 ? 3.226   -6.468  20.588  1.00 11.85 ? 210 SER A N   1 
ATOM   1453 C CA  . SER A 1 222 ? 1.781   -6.735  20.737  1.00 11.76 ? 210 SER A CA  1 
ATOM   1454 C C   . SER A 1 222 ? 1.445   -8.162  20.330  1.00 12.89 ? 210 SER A C   1 
ATOM   1455 O O   . SER A 1 222 ? 0.468   -8.726  20.865  1.00 12.34 ? 210 SER A O   1 
ATOM   1456 C CB  . SER A 1 222 ? 0.951   -5.695  20.009  1.00 12.46 ? 210 SER A CB  1 
ATOM   1457 O OG  . SER A 1 222 ? 1.055   -5.853  18.620  1.00 12.26 ? 210 SER A OG  1 
ATOM   1458 N N   . ILE A 1 223 ? 2.210   -8.787  19.428  1.00 12.66 ? 211 ILE A N   1 
ATOM   1459 C CA  . ILE A 1 223 ? 1.921   -10.170 19.000  1.00 13.31 ? 211 ILE A CA  1 
ATOM   1460 C C   . ILE A 1 223 ? 2.510   -11.139 20.027  1.00 14.21 ? 211 ILE A C   1 
ATOM   1461 O O   . ILE A 1 223 ? 1.856   -12.162 20.294  1.00 14.19 ? 211 ILE A O   1 
ATOM   1462 C CB  . ILE A 1 223 ? 2.474   -10.456 17.582  1.00 12.95 ? 211 ILE A CB  1 
ATOM   1463 C CG1 . ILE A 1 223 ? 1.682   -9.650  16.547  1.00 12.15 ? 211 ILE A CG1 1 
ATOM   1464 C CG2 . ILE A 1 223 ? 2.479   -11.950 17.288  1.00 13.37 ? 211 ILE A CG2 1 
ATOM   1465 C CD1 . ILE A 1 223 ? 2.247   -9.632  15.133  1.00 12.33 ? 211 ILE A CD1 1 
ATOM   1466 N N   . TYR A 1 224 ? 3.658   -10.862 20.612  1.00 13.37 ? 212 TYR A N   1 
ATOM   1467 C CA  . TYR A 1 224 ? 4.346   -11.850 21.512  1.00 14.73 ? 212 TYR A CA  1 
ATOM   1468 C C   . TYR A 1 224 ? 4.194   -11.494 22.980  1.00 16.88 ? 212 TYR A C   1 
ATOM   1469 O O   . TYR A 1 224 ? 4.530   -12.359 23.832  1.00 18.51 ? 212 TYR A O   1 
ATOM   1470 C CB  . TYR A 1 224 ? 5.807   -11.989 21.070  1.00 14.42 ? 212 TYR A CB  1 
ATOM   1471 C CG  . TYR A 1 224 ? 5.914   -12.549 19.674  1.00 15.00 ? 212 TYR A CG  1 
ATOM   1472 C CD1 . TYR A 1 224 ? 5.745   -13.906 19.391  1.00 15.46 ? 212 TYR A CD1 1 
ATOM   1473 C CD2 . TYR A 1 224 ? 6.113   -11.698 18.591  1.00 14.00 ? 212 TYR A CD2 1 
ATOM   1474 C CE1 . TYR A 1 224 ? 5.769   -14.405 18.099  1.00 15.48 ? 212 TYR A CE1 1 
ATOM   1475 C CE2 . TYR A 1 224 ? 6.163   -12.191 17.304  1.00 15.50 ? 212 TYR A CE2 1 
ATOM   1476 C CZ  . TYR A 1 224 ? 6.055   -13.547 17.053  1.00 14.93 ? 212 TYR A CZ  1 
ATOM   1477 O OH  . TYR A 1 224 ? 6.079   -13.977 15.760  1.00 16.77 ? 212 TYR A OH  1 
ATOM   1478 N N   . GLY A 1 225 ? 3.721   -10.286 23.303  1.00 16.91 ? 213 GLY A N   1 
ATOM   1479 C CA  . GLY A 1 225 ? 3.618   -9.775  24.670  1.00 17.92 ? 213 GLY A CA  1 
ATOM   1480 C C   . GLY A 1 225 ? 2.391   -10.277 25.413  1.00 20.28 ? 213 GLY A C   1 
ATOM   1481 O O   . GLY A 1 225 ? 1.322   -10.377 24.834  1.00 20.88 ? 213 GLY A O   1 
ATOM   1482 N N   . GLU A 1 226 ? 2.599   -10.639 26.682  1.00 30.25 ? 214 GLU A N   1 
ATOM   1483 C CA  . GLU A 1 226 ? 1.535   -11.148 27.583  1.00 38.58 ? 214 GLU A CA  1 
ATOM   1484 C C   . GLU A 1 226 ? 0.748   -9.944  28.087  1.00 36.85 ? 214 GLU A C   1 
ATOM   1485 O O   . GLU A 1 226 ? 1.450   -9.232  28.801  1.00 37.36 ? 214 GLU A O   1 
ATOM   1486 C CB  . GLU A 1 226 ? 2.199   -11.893 28.738  1.00 43.36 ? 214 GLU A CB  1 
ATOM   1487 C CG  . GLU A 1 226 ? 1.216   -12.676 29.561  1.00 51.38 ? 214 GLU A CG  1 
ATOM   1488 C CD  . GLU A 1 226 ? 0.586   -13.778 28.739  1.00 48.97 ? 214 GLU A CD  1 
ATOM   1489 O OE1 . GLU A 1 226 ? 1.325   -14.733 28.403  1.00 44.01 ? 214 GLU A OE1 1 
ATOM   1490 O OE2 . GLU A 1 226 ? -0.613  -13.640 28.391  1.00 43.11 ? 214 GLU A OE2 1 
HETATM 1491 C C4  . GGN B 2 .   ? 6.114   -14.225 6.168   1.00 21.80 ? 301 GGN A C4  1 
HETATM 1492 C C14 . GGN B 2 .   ? 2.686   -5.924  7.200   1.00 11.13 ? 301 GGN A C14 1 
HETATM 1493 C C5  . GGN B 2 .   ? 4.918   -13.532 6.385   1.00 22.01 ? 301 GGN A C5  1 
HETATM 1494 C C6  . GGN B 2 .   ? 4.960   -12.238 6.906   1.00 18.56 ? 301 GGN A C6  1 
HETATM 1495 C C11 . GGN B 2 .   ? 1.409   -10.609 7.167   1.00 16.17 ? 301 GGN A C11 1 
HETATM 1496 C C7  . GGN B 2 .   ? 6.148   -11.658 7.154   1.00 17.60 ? 301 GGN A C7  1 
HETATM 1497 C C8  . GGN B 2 .   ? 7.327   -12.410 6.929   1.00 21.22 ? 301 GGN A C8  1 
HETATM 1498 C C9  . GGN B 2 .   ? 3.736   -11.452 7.111   1.00 16.33 ? 301 GGN A C9  1 
HETATM 1499 C C10 . GGN B 2 .   ? 2.395   -9.638  7.095   1.00 14.18 ? 301 GGN A C10 1 
HETATM 1500 C C12 . GGN B 2 .   ? 2.059   -8.231  6.956   1.00 11.04 ? 301 GGN A C12 1 
HETATM 1501 C C13 . GGN B 2 .   ? 3.007   -7.238  7.322   1.00 10.15 ? 301 GGN A C13 1 
HETATM 1502 N N1  . GGN B 2 .   ? 7.296   -13.629 6.433   1.00 20.16 ? 301 GGN A N1  1 
HETATM 1503 N N2  . GGN B 2 .   ? 3.659   -10.095 7.120   1.00 14.39 ? 301 GGN A N2  1 
HETATM 1504 C C3  . GGN B 2 .   ? 6.147   -15.634 5.629   1.00 23.61 ? 301 GGN A C3  1 
HETATM 1505 N N3  . GGN B 2 .   ? -0.171  -3.714  6.371   1.00 11.16 ? 301 GGN A N3  1 
HETATM 1506 C C1  . GGN B 2 .   ? 5.270   -16.722 7.728   1.00 27.57 ? 301 GGN A C1  1 
HETATM 1507 C C2  . GGN B 2 .   ? 6.445   -16.587 6.782   1.00 26.94 ? 301 GGN A C2  1 
HETATM 1508 S S1  . GGN B 2 .   ? 2.170   -12.164 7.263   1.00 19.56 ? 301 GGN A S1  1 
HETATM 1509 C C15 . GGN B 2 .   ? 1.443   -5.497  6.754   1.00 10.55 ? 301 GGN A C15 1 
HETATM 1510 C C16 . GGN B 2 .   ? 0.479   -6.467  6.371   1.00 11.19 ? 301 GGN A C16 1 
HETATM 1511 C C17 . GGN B 2 .   ? 0.824   -7.830  6.484   1.00 11.84 ? 301 GGN A C17 1 
HETATM 1512 C C18 . GGN B 2 .   ? 1.078   -4.051  6.580   1.00 11.26 ? 301 GGN A C18 1 
HETATM 1513 O O1  . GGN B 2 .   ? 2.006   -3.166  6.606   1.00 12.74 ? 301 GGN A O1  1 
HETATM 1514 C C19 . GGN B 2 .   ? -0.529  -2.338  6.031   1.00 11.94 ? 301 GGN A C19 1 
HETATM 1515 C C20 . GGN B 2 .   ? -0.577  -2.176  4.529   1.00 12.51 ? 301 GGN A C20 1 
HETATM 1516 C C21 . GGN B 2 .   ? -0.659  -0.768  4.057   1.00 16.98 ? 301 GGN A C21 1 
HETATM 1517 F F1  . GGN B 2 .   ? 0.373   -0.127  4.481   1.00 19.75 ? 301 GGN A F1  1 
HETATM 1518 F F2  . GGN B 2 .   ? -1.667  -0.072  4.504   1.00 14.60 ? 301 GGN A F2  1 
HETATM 1519 F F3  . GGN B 2 .   ? -0.795  -0.688  2.730   1.00 22.53 ? 301 GGN A F3  1 
HETATM 1520 C C1  . GOL C 3 .   ? -8.357  -15.677 18.044  1.00 27.08 ? 302 GOL A C1  1 
HETATM 1521 O O1  . GOL C 3 .   ? -7.094  -15.695 17.417  1.00 30.49 ? 302 GOL A O1  1 
HETATM 1522 C C2  . GOL C 3 .   ? -8.207  -16.287 19.403  1.00 33.18 ? 302 GOL A C2  1 
HETATM 1523 O O2  . GOL C 3 .   ? -8.456  -17.682 19.259  1.00 43.54 ? 302 GOL A O2  1 
HETATM 1524 C C3  . GOL C 3 .   ? -9.049  -15.653 20.486  1.00 35.17 ? 302 GOL A C3  1 
HETATM 1525 O O3  . GOL C 3 .   ? -8.247  -15.070 21.531  1.00 40.78 ? 302 GOL A O3  1 
HETATM 1526 O O   . HOH D 4 .   ? -9.549  -7.540  20.359  1.00 19.35 ? 401 HOH A O   1 
HETATM 1527 O O   . HOH D 4 .   ? -3.410  11.301  0.405   1.00 24.30 ? 402 HOH A O   1 
HETATM 1528 O O   . HOH D 4 .   ? -9.678  7.107   -9.375  1.00 29.51 ? 403 HOH A O   1 
HETATM 1529 O O   . HOH D 4 .   ? -0.052  -20.016 22.257  1.00 32.88 ? 404 HOH A O   1 
HETATM 1530 O O   . HOH D 4 .   ? -7.055  -15.408 8.739   1.00 24.90 ? 405 HOH A O   1 
HETATM 1531 O O   . HOH D 4 .   ? 8.038   13.211  14.619  1.00 28.41 ? 406 HOH A O   1 
HETATM 1532 O O   . HOH D 4 .   ? -12.496 -1.551  -7.358  1.00 30.20 ? 407 HOH A O   1 
HETATM 1533 O O   . HOH D 4 .   ? 13.993  -1.206  3.310   1.00 16.97 ? 408 HOH A O   1 
HETATM 1534 O O   . HOH D 4 .   ? -10.314 -9.464  0.173   1.00 23.52 ? 409 HOH A O   1 
HETATM 1535 O O   . HOH D 4 .   ? -13.288 12.457  -19.108 1.00 33.18 ? 410 HOH A O   1 
HETATM 1536 O O   . HOH D 4 .   ? -0.565  -13.300 20.204  1.00 14.51 ? 411 HOH A O   1 
HETATM 1537 O O   . HOH D 4 .   ? -0.126  -10.838 22.614  1.00 15.31 ? 412 HOH A O   1 
HETATM 1538 O O   . HOH D 4 .   ? -12.795 10.398  -7.797  1.00 34.72 ? 413 HOH A O   1 
HETATM 1539 O O   . HOH D 4 .   ? -3.049  -20.164 10.860  1.00 31.24 ? 414 HOH A O   1 
HETATM 1540 O O   . HOH D 4 .   ? -6.693  -6.141  -8.510  1.00 28.66 ? 415 HOH A O   1 
HETATM 1541 O O   . HOH D 4 .   ? -0.589  13.152  10.773  1.00 18.13 ? 416 HOH A O   1 
HETATM 1542 O O   . HOH D 4 .   ? 5.091   -10.459 27.717  1.00 37.19 ? 417 HOH A O   1 
HETATM 1543 O O   . HOH D 4 .   ? -6.500  11.709  -5.915  1.00 26.32 ? 418 HOH A O   1 
HETATM 1544 O O   . HOH D 4 .   ? -11.459 1.897   1.342   1.00 23.44 ? 419 HOH A O   1 
HETATM 1545 O O   . HOH D 4 .   ? -13.948 -9.871  15.281  0.50 20.18 ? 420 HOH A O   1 
HETATM 1546 O O   . HOH D 4 .   ? 12.306  -2.264  15.798  1.00 21.18 ? 421 HOH A O   1 
HETATM 1547 O O   . HOH D 4 .   ? 4.183   7.467   -7.350  1.00 20.52 ? 422 HOH A O   1 
HETATM 1548 O O   . HOH D 4 .   ? -7.019  16.078  -6.625  1.00 36.40 ? 423 HOH A O   1 
HETATM 1549 O O   . HOH D 4 .   ? -11.114 -6.496  9.911   1.00 21.73 ? 424 HOH A O   1 
HETATM 1550 O O   . HOH D 4 .   ? 12.328  3.255   8.322   1.00 13.51 ? 425 HOH A O   1 
HETATM 1551 O O   . HOH D 4 .   ? -17.535 6.603   -7.056  1.00 37.47 ? 426 HOH A O   1 
HETATM 1552 O O   . HOH D 4 .   ? -1.858  -10.101 -6.342  1.00 34.59 ? 427 HOH A O   1 
HETATM 1553 O O   . HOH D 4 .   ? -12.550 4.278   -22.544 1.00 29.52 ? 428 HOH A O   1 
HETATM 1554 O O   . HOH D 4 .   ? 14.900  1.500   17.306  1.00 30.60 ? 429 HOH A O   1 
HETATM 1555 O O   . HOH D 4 .   ? -5.185  -13.454 2.868   1.00 25.86 ? 430 HOH A O   1 
HETATM 1556 O O   . HOH D 4 .   ? -9.923  -9.969  6.740   1.00 15.88 ? 431 HOH A O   1 
HETATM 1557 O O   . HOH D 4 .   ? 1.176   9.233   1.729   1.00 18.83 ? 432 HOH A O   1 
HETATM 1558 O O   . HOH D 4 .   ? -1.641  -18.378 25.674  1.00 30.76 ? 433 HOH A O   1 
HETATM 1559 O O   . HOH D 4 .   ? 4.083   8.551   10.716  1.00 14.14 ? 434 HOH A O   1 
HETATM 1560 O O   . HOH D 4 .   ? -4.811  6.362   6.387   1.00 20.98 ? 435 HOH A O   1 
HETATM 1561 O O   . HOH D 4 .   ? -12.268 -8.554  13.345  1.00 29.88 ? 436 HOH A O   1 
HETATM 1562 O O   . HOH D 4 .   ? -11.459 12.605  -16.794 1.00 32.24 ? 437 HOH A O   1 
HETATM 1563 O O   . HOH D 4 .   ? -3.211  10.096  -31.133 1.00 22.08 ? 438 HOH A O   1 
HETATM 1564 O O   . HOH D 4 .   ? 14.711  -7.968  8.457   1.00 21.62 ? 439 HOH A O   1 
HETATM 1565 O O   . HOH D 4 .   ? -6.235  16.277  -28.828 1.00 27.81 ? 440 HOH A O   1 
HETATM 1566 O O   . HOH D 4 .   ? 2.979   9.756   -0.228  1.00 19.81 ? 441 HOH A O   1 
HETATM 1567 O O   . HOH D 4 .   ? -10.479 7.477   -30.359 1.00 17.51 ? 442 HOH A O   1 
HETATM 1568 O O   . HOH D 4 .   ? 0.493   17.846  7.928   1.00 33.25 ? 443 HOH A O   1 
HETATM 1569 O O   . HOH D 4 .   ? 8.014   7.758   -4.658  1.00 25.79 ? 444 HOH A O   1 
HETATM 1570 O O   . HOH D 4 .   ? 13.404  2.303   10.763  1.00 13.11 ? 445 HOH A O   1 
HETATM 1571 O O   . HOH D 4 .   ? 11.744  -4.255  17.409  1.00 27.86 ? 446 HOH A O   1 
HETATM 1572 O O   . HOH D 4 .   ? 5.972   15.239  13.172  1.00 34.16 ? 447 HOH A O   1 
HETATM 1573 O O   . HOH D 4 .   ? 13.747  10.334  7.334   1.00 16.60 ? 448 HOH A O   1 
HETATM 1574 O O   . HOH D 4 .   ? 6.295   9.152   -6.467  1.00 29.49 ? 449 HOH A O   1 
HETATM 1575 O O   . HOH D 4 .   ? 13.277  -11.740 17.510  1.00 28.45 ? 450 HOH A O   1 
HETATM 1576 O O   . HOH D 4 .   ? 17.069  6.829   11.529  1.00 35.47 ? 451 HOH A O   1 
HETATM 1577 O O   . HOH D 4 .   ? 7.012   -10.235 -6.036  1.00 32.16 ? 452 HOH A O   1 
HETATM 1578 O O   . HOH D 4 .   ? -11.262 1.975   -21.877 1.00 38.79 ? 453 HOH A O   1 
HETATM 1579 O O   . HOH D 4 .   ? -5.742  10.999  1.750   1.00 36.19 ? 454 HOH A O   1 
HETATM 1580 O O   . HOH D 4 .   ? -6.625  8.146   7.309   0.50 27.71 ? 455 HOH A O   1 
HETATM 1581 O O   . HOH D 4 .   ? -11.171 -7.564  7.407   1.00 22.50 ? 456 HOH A O   1 
HETATM 1582 O O   . HOH D 4 .   ? -6.037  14.482  -33.296 1.00 23.75 ? 457 HOH A O   1 
HETATM 1583 O O   . HOH D 4 .   ? -9.031  11.660  -6.991  1.00 31.88 ? 458 HOH A O   1 
HETATM 1584 O O   . HOH D 4 .   ? -10.162 9.813   -8.474  1.00 35.07 ? 459 HOH A O   1 
HETATM 1585 O O   . HOH D 4 .   ? -1.415  9.677   1.835   1.00 31.97 ? 460 HOH A O   1 
HETATM 1586 O O   . HOH D 4 .   ? 14.249  2.320   6.783   1.00 21.56 ? 461 HOH A O   1 
# 
